data_1SRO
#
_entry.id   1SRO
#
_cell.length_a   1.000
_cell.length_b   1.000
_cell.length_c   1.000
_cell.angle_alpha   90.00
_cell.angle_beta   90.00
_cell.angle_gamma   90.00
#
_symmetry.space_group_name_H-M   'P 1'
#
_entity_poly.entity_id   1
_entity_poly.type   'polypeptide(L)'
_entity_poly.pdbx_seq_one_letter_code
;AEIEVGRVYTGKVTRIVDFGAFVAIGGGKEGLVHISQIADKRVEKVTDYLQMGQEVPVKVLEVDRQGRIRLSIKEA
;
_entity_poly.pdbx_strand_id   A
#
# COMPACT_ATOMS: atom_id res chain seq x y z
N ALA A 1 3.26 -18.24 8.38
CA ALA A 1 4.73 -18.11 8.50
C ALA A 1 5.24 -17.10 7.47
N GLU A 2 5.20 -15.83 7.81
CA GLU A 2 5.67 -14.77 6.86
C GLU A 2 5.20 -15.10 5.44
N ILE A 3 5.73 -14.44 4.46
CA ILE A 3 5.30 -14.71 3.06
C ILE A 3 6.50 -14.66 2.12
N GLU A 4 6.27 -14.62 0.84
CA GLU A 4 7.39 -14.54 -0.13
C GLU A 4 7.24 -13.29 -0.99
N VAL A 5 8.32 -12.64 -1.31
CA VAL A 5 8.22 -11.40 -2.14
C VAL A 5 8.07 -11.78 -3.61
N GLY A 6 7.62 -10.85 -4.42
CA GLY A 6 7.44 -11.15 -5.87
C GLY A 6 5.99 -11.56 -6.14
N ARG A 7 5.21 -11.72 -5.09
CA ARG A 7 3.80 -12.11 -5.29
C ARG A 7 2.90 -10.88 -5.22
N VAL A 8 1.66 -11.01 -5.60
CA VAL A 8 0.73 -9.86 -5.56
C VAL A 8 0.04 -9.83 -4.20
N TYR A 9 -0.33 -8.67 -3.71
CA TYR A 9 -1.00 -8.61 -2.39
C TYR A 9 -2.20 -7.66 -2.44
N THR A 10 -3.33 -8.11 -1.98
CA THR A 10 -4.53 -7.23 -1.96
C THR A 10 -4.38 -6.27 -0.79
N GLY A 11 -3.99 -5.06 -1.06
CA GLY A 11 -3.79 -4.08 0.06
C GLY A 11 -5.12 -3.45 0.47
N LYS A 12 -5.57 -3.73 1.66
CA LYS A 12 -6.83 -3.13 2.15
C LYS A 12 -6.50 -1.80 2.83
N VAL A 13 -7.41 -0.89 2.87
CA VAL A 13 -7.10 0.42 3.51
C VAL A 13 -7.40 0.32 5.01
N THR A 14 -6.40 0.45 5.82
CA THR A 14 -6.62 0.35 7.29
C THR A 14 -6.04 1.59 7.99
N ARG A 15 -5.60 2.55 7.22
CA ARG A 15 -5.02 3.79 7.83
C ARG A 15 -4.63 4.78 6.72
N ILE A 16 -4.70 6.05 7.00
CA ILE A 16 -4.32 7.07 5.98
C ILE A 16 -3.57 8.20 6.69
N VAL A 17 -2.77 8.96 5.98
CA VAL A 17 -2.02 10.05 6.65
C VAL A 17 -2.08 11.33 5.80
N ASP A 18 -1.98 12.48 6.42
CA ASP A 18 -2.01 13.74 5.63
C ASP A 18 -0.87 13.72 4.60
N PHE A 19 0.28 13.27 5.00
CA PHE A 19 1.44 13.22 4.07
C PHE A 19 1.48 11.86 3.33
N GLY A 20 0.35 11.24 3.12
CA GLY A 20 0.38 9.92 2.42
C GLY A 20 -0.78 9.04 2.85
N ALA A 21 -0.61 7.74 2.79
CA ALA A 21 -1.71 6.82 3.19
C ALA A 21 -1.08 5.52 3.68
N PHE A 22 -1.71 4.88 4.63
CA PHE A 22 -1.17 3.59 5.16
C PHE A 22 -2.05 2.45 4.65
N VAL A 23 -1.54 1.25 4.64
CA VAL A 23 -2.36 0.11 4.13
C VAL A 23 -1.99 -1.17 4.88
N ALA A 24 -2.84 -2.17 4.84
CA ALA A 24 -2.52 -3.44 5.55
C ALA A 24 -2.95 -4.63 4.68
N ILE A 25 -2.27 -5.75 4.79
CA ILE A 25 -2.67 -6.93 3.96
C ILE A 25 -3.23 -8.03 4.86
N GLY A 26 -3.27 -7.81 6.14
CA GLY A 26 -3.81 -8.84 7.05
C GLY A 26 -2.86 -10.04 7.10
N GLY A 27 -2.77 -10.70 8.22
CA GLY A 27 -1.86 -11.87 8.34
C GLY A 27 -0.63 -11.49 9.16
N GLY A 28 -0.52 -10.26 9.56
CA GLY A 28 0.65 -9.83 10.37
C GLY A 28 1.54 -8.90 9.53
N LYS A 29 1.14 -8.60 8.33
CA LYS A 29 1.95 -7.70 7.46
C LYS A 29 1.06 -6.59 6.90
N GLU A 30 1.59 -5.40 6.79
CA GLU A 30 0.76 -4.29 6.25
C GLU A 30 1.51 -3.57 5.13
N GLY A 31 0.78 -2.88 4.29
CA GLY A 31 1.43 -2.12 3.18
C GLY A 31 1.33 -0.63 3.48
N LEU A 32 1.73 0.21 2.57
CA LEU A 32 1.65 1.67 2.83
C LEU A 32 1.42 2.45 1.54
N VAL A 33 0.38 3.22 1.47
CA VAL A 33 0.14 4.04 0.26
C VAL A 33 0.67 5.44 0.53
N HIS A 34 1.94 5.58 0.78
CA HIS A 34 2.47 6.94 1.06
C HIS A 34 1.95 7.89 -0.02
N ILE A 35 1.94 9.16 0.24
CA ILE A 35 1.43 10.14 -0.76
C ILE A 35 2.04 9.86 -2.14
N SER A 36 3.34 9.73 -2.20
CA SER A 36 4.00 9.46 -3.51
C SER A 36 3.93 7.97 -3.85
N GLN A 37 2.82 7.33 -3.61
CA GLN A 37 2.72 5.88 -3.92
C GLN A 37 1.28 5.51 -4.26
N ILE A 38 0.66 6.20 -5.17
CA ILE A 38 -0.75 5.86 -5.53
C ILE A 38 -0.84 5.45 -7.00
N ALA A 39 -1.24 6.35 -7.85
CA ALA A 39 -1.37 6.03 -9.30
C ALA A 39 -0.57 7.04 -10.13
N ASP A 40 -0.27 6.72 -11.35
CA ASP A 40 0.48 7.68 -12.20
C ASP A 40 -0.14 9.07 -12.08
N LYS A 41 -1.44 9.12 -11.90
CA LYS A 41 -2.12 10.45 -11.78
C LYS A 41 -1.67 11.12 -10.48
N ARG A 42 -1.49 12.41 -10.51
CA ARG A 42 -1.06 13.13 -9.27
C ARG A 42 -2.11 12.95 -8.18
N VAL A 43 -1.77 12.27 -7.11
CA VAL A 43 -2.74 12.07 -6.01
C VAL A 43 -2.42 13.05 -4.89
N GLU A 44 -2.35 14.31 -5.19
CA GLU A 44 -2.05 15.32 -4.12
C GLU A 44 -2.85 14.97 -2.87
N LYS A 45 -3.97 14.33 -3.05
CA LYS A 45 -4.80 13.96 -1.87
C LYS A 45 -4.74 12.44 -1.68
N VAL A 46 -4.17 11.98 -0.60
CA VAL A 46 -4.10 10.51 -0.38
C VAL A 46 -5.45 10.01 0.12
N THR A 47 -6.22 10.88 0.70
CA THR A 47 -7.56 10.48 1.18
C THR A 47 -8.53 10.36 -0.01
N ASP A 48 -8.04 10.59 -1.20
CA ASP A 48 -8.93 10.49 -2.39
C ASP A 48 -8.78 9.10 -3.02
N TYR A 49 -7.57 8.60 -3.05
CA TYR A 49 -7.34 7.25 -3.64
C TYR A 49 -7.46 6.21 -2.53
N LEU A 50 -7.16 6.59 -1.32
CA LEU A 50 -7.24 5.63 -0.18
C LEU A 50 -8.52 5.91 0.62
N GLN A 51 -9.23 4.88 0.96
CA GLN A 51 -10.48 5.07 1.75
C GLN A 51 -10.59 3.95 2.79
N MET A 52 -11.09 4.26 3.96
CA MET A 52 -11.22 3.21 5.01
C MET A 52 -12.27 2.19 4.58
N GLY A 53 -11.86 1.12 3.96
CA GLY A 53 -12.83 0.09 3.52
C GLY A 53 -12.56 -0.27 2.05
N GLN A 54 -11.86 0.57 1.35
CA GLN A 54 -11.55 0.27 -0.09
C GLN A 54 -10.39 -0.73 -0.17
N GLU A 55 -10.59 -1.82 -0.85
CA GLU A 55 -9.49 -2.83 -0.97
C GLU A 55 -8.91 -2.77 -2.38
N VAL A 56 -7.66 -2.44 -2.52
CA VAL A 56 -7.05 -2.37 -3.87
C VAL A 56 -5.90 -3.37 -3.98
N PRO A 57 -5.67 -3.83 -5.19
CA PRO A 57 -4.59 -4.80 -5.48
C PRO A 57 -3.24 -4.10 -5.54
N VAL A 58 -2.20 -4.74 -5.06
CA VAL A 58 -0.86 -4.11 -5.10
C VAL A 58 0.19 -5.18 -5.41
N LYS A 59 1.44 -4.81 -5.43
CA LYS A 59 2.51 -5.80 -5.72
C LYS A 59 3.65 -5.64 -4.72
N VAL A 60 4.07 -6.71 -4.09
CA VAL A 60 5.18 -6.61 -3.10
C VAL A 60 6.39 -5.98 -3.79
N LEU A 61 6.49 -4.68 -3.74
CA LEU A 61 7.63 -4.00 -4.39
C LEU A 61 8.93 -4.55 -3.79
N GLU A 62 8.91 -4.88 -2.52
CA GLU A 62 10.12 -5.43 -1.84
C GLU A 62 10.09 -5.07 -0.36
N VAL A 63 11.07 -5.52 0.39
CA VAL A 63 11.11 -5.20 1.85
C VAL A 63 12.57 -4.99 2.27
N ASP A 64 12.96 -3.76 2.51
CA ASP A 64 14.36 -3.48 2.92
C ASP A 64 14.65 -4.15 4.26
N ARG A 65 15.78 -3.86 4.84
CA ARG A 65 16.12 -4.48 6.15
C ARG A 65 15.33 -3.80 7.27
N GLN A 66 14.53 -2.81 6.93
CA GLN A 66 13.72 -2.12 7.97
C GLN A 66 12.36 -2.80 8.11
N GLY A 67 12.19 -3.92 7.49
CA GLY A 67 10.89 -4.65 7.59
C GLY A 67 9.75 -3.72 7.15
N ARG A 68 10.03 -2.79 6.28
CA ARG A 68 8.97 -1.86 5.81
C ARG A 68 8.31 -2.44 4.56
N ILE A 69 7.35 -3.31 4.74
CA ILE A 69 6.66 -3.91 3.57
C ILE A 69 6.38 -2.84 2.51
N ARG A 70 7.13 -2.84 1.45
CA ARG A 70 6.90 -1.81 0.39
C ARG A 70 5.91 -2.37 -0.64
N LEU A 71 4.64 -2.07 -0.49
CA LEU A 71 3.63 -2.57 -1.46
C LEU A 71 3.48 -1.56 -2.60
N SER A 72 3.12 -2.02 -3.76
CA SER A 72 2.96 -1.10 -4.91
C SER A 72 1.51 -1.12 -5.40
N ILE A 73 0.77 -0.09 -5.13
CA ILE A 73 -0.65 -0.06 -5.59
C ILE A 73 -0.69 -0.19 -7.12
N LYS A 74 -1.61 -0.95 -7.63
CA LYS A 74 -1.70 -1.10 -9.11
C LYS A 74 -2.28 0.17 -9.73
N GLU A 75 -3.56 0.21 -9.94
CA GLU A 75 -4.19 1.42 -10.53
C GLU A 75 -5.68 1.45 -10.17
N ALA A 76 -6.01 1.18 -8.93
CA ALA A 76 -7.44 1.20 -8.52
C ALA A 76 -7.96 2.64 -8.53
N ALA A 1 0.57 -23.21 2.34
CA ALA A 1 0.80 -22.60 0.99
C ALA A 1 2.17 -21.93 0.97
N GLU A 2 2.39 -21.04 0.02
CA GLU A 2 3.70 -20.35 -0.06
C GLU A 2 3.48 -18.89 -0.45
N ILE A 3 4.52 -18.11 -0.43
CA ILE A 3 4.39 -16.67 -0.79
C ILE A 3 5.68 -15.93 -0.45
N GLU A 4 6.22 -15.20 -1.38
CA GLU A 4 7.48 -14.45 -1.12
C GLU A 4 7.41 -13.08 -1.81
N VAL A 5 8.54 -12.46 -2.03
CA VAL A 5 8.54 -11.13 -2.70
C VAL A 5 8.19 -11.33 -4.18
N GLY A 6 7.90 -10.26 -4.87
CA GLY A 6 7.55 -10.39 -6.32
C GLY A 6 6.12 -10.88 -6.45
N ARG A 7 5.44 -11.07 -5.34
CA ARG A 7 4.04 -11.56 -5.40
C ARG A 7 3.09 -10.37 -5.17
N VAL A 8 1.82 -10.58 -5.39
CA VAL A 8 0.84 -9.47 -5.19
C VAL A 8 0.13 -9.66 -3.85
N TYR A 9 0.01 -8.62 -3.08
CA TYR A 9 -0.69 -8.75 -1.77
C TYR A 9 -2.02 -8.01 -1.82
N THR A 10 -2.75 -8.04 -0.74
CA THR A 10 -4.06 -7.33 -0.70
C THR A 10 -4.15 -6.60 0.64
N GLY A 11 -4.03 -5.30 0.64
CA GLY A 11 -4.09 -4.57 1.94
C GLY A 11 -5.39 -3.77 2.03
N LYS A 12 -5.97 -3.73 3.20
CA LYS A 12 -7.21 -2.96 3.38
C LYS A 12 -6.83 -1.53 3.76
N VAL A 13 -7.73 -0.60 3.65
CA VAL A 13 -7.38 0.79 4.02
C VAL A 13 -7.64 0.96 5.52
N THR A 14 -6.61 0.93 6.31
CA THR A 14 -6.79 1.05 7.77
C THR A 14 -6.34 2.44 8.24
N ARG A 15 -5.68 3.19 7.40
CA ARG A 15 -5.23 4.55 7.84
C ARG A 15 -4.91 5.41 6.61
N ILE A 16 -4.96 6.71 6.78
CA ILE A 16 -4.65 7.64 5.65
C ILE A 16 -4.01 8.90 6.24
N VAL A 17 -3.05 9.47 5.58
CA VAL A 17 -2.39 10.69 6.15
C VAL A 17 -2.54 11.88 5.18
N ASP A 18 -2.44 13.08 5.67
CA ASP A 18 -2.56 14.26 4.77
C ASP A 18 -1.45 14.20 3.70
N PHE A 19 -0.28 13.80 4.07
CA PHE A 19 0.84 13.72 3.08
C PHE A 19 0.94 12.29 2.51
N GLY A 20 -0.13 11.56 2.48
CA GLY A 20 -0.04 10.18 1.93
C GLY A 20 -1.18 9.30 2.46
N ALA A 21 -1.00 8.01 2.44
CA ALA A 21 -2.07 7.10 2.94
C ALA A 21 -1.43 5.86 3.53
N PHE A 22 -2.01 5.31 4.55
CA PHE A 22 -1.45 4.09 5.17
C PHE A 22 -2.33 2.90 4.80
N VAL A 23 -1.81 1.71 4.87
CA VAL A 23 -2.63 0.51 4.50
C VAL A 23 -2.17 -0.69 5.33
N ALA A 24 -2.96 -1.73 5.37
CA ALA A 24 -2.57 -2.93 6.18
C ALA A 24 -2.78 -4.22 5.36
N ILE A 25 -2.03 -5.26 5.63
CA ILE A 25 -2.23 -6.52 4.87
C ILE A 25 -2.66 -7.64 5.82
N GLY A 26 -1.76 -8.50 6.22
CA GLY A 26 -2.15 -9.59 7.15
C GLY A 26 -2.61 -9.01 8.48
N GLY A 27 -2.05 -9.46 9.57
CA GLY A 27 -2.46 -8.92 10.90
C GLY A 27 -1.26 -8.25 11.56
N GLY A 28 -0.10 -8.82 11.41
CA GLY A 28 1.11 -8.20 12.04
C GLY A 28 1.89 -7.40 10.98
N LYS A 29 1.39 -7.34 9.78
CA LYS A 29 2.10 -6.58 8.73
C LYS A 29 1.15 -5.58 8.07
N GLU A 30 1.63 -4.42 7.73
CA GLU A 30 0.74 -3.42 7.09
C GLU A 30 1.43 -2.80 5.88
N GLY A 31 0.66 -2.32 4.95
CA GLY A 31 1.26 -1.67 3.74
C GLY A 31 1.16 -0.16 3.90
N LEU A 32 1.55 0.59 2.91
CA LEU A 32 1.45 2.07 3.05
C LEU A 32 1.23 2.72 1.69
N VAL A 33 0.14 3.42 1.53
CA VAL A 33 -0.10 4.11 0.25
C VAL A 33 0.35 5.57 0.41
N HIS A 34 1.62 5.78 0.66
CA HIS A 34 2.09 7.17 0.82
C HIS A 34 1.57 8.00 -0.36
N ILE A 35 1.53 9.30 -0.21
CA ILE A 35 1.02 10.17 -1.30
C ILE A 35 1.74 9.85 -2.61
N SER A 36 3.05 9.80 -2.59
CA SER A 36 3.81 9.50 -3.85
C SER A 36 3.83 8.00 -4.11
N GLN A 37 2.73 7.31 -3.91
CA GLN A 37 2.73 5.84 -4.18
C GLN A 37 1.34 5.37 -4.59
N ILE A 38 0.58 6.19 -5.28
CA ILE A 38 -0.78 5.75 -5.70
C ILE A 38 -0.81 5.50 -7.21
N ALA A 39 -1.24 6.46 -7.96
CA ALA A 39 -1.33 6.28 -9.44
C ALA A 39 -0.04 6.77 -10.11
N ASP A 40 1.09 6.38 -9.59
CA ASP A 40 2.40 6.80 -10.20
C ASP A 40 2.80 8.20 -9.72
N LYS A 41 1.88 9.13 -9.71
CA LYS A 41 2.23 10.51 -9.24
C LYS A 41 0.96 11.32 -9.00
N ARG A 42 -0.07 11.09 -9.77
CA ARG A 42 -1.33 11.86 -9.58
C ARG A 42 -1.82 11.69 -8.15
N VAL A 43 -3.08 11.93 -7.92
CA VAL A 43 -3.65 11.79 -6.54
C VAL A 43 -3.32 13.02 -5.70
N GLU A 44 -3.67 14.19 -6.17
CA GLU A 44 -3.38 15.41 -5.37
C GLU A 44 -3.84 15.16 -3.93
N LYS A 45 -4.80 14.27 -3.77
CA LYS A 45 -5.29 13.96 -2.41
C LYS A 45 -5.26 12.43 -2.22
N VAL A 46 -4.61 11.97 -1.20
CA VAL A 46 -4.52 10.49 -0.96
C VAL A 46 -5.89 9.98 -0.52
N THR A 47 -6.69 10.83 0.05
CA THR A 47 -8.05 10.41 0.49
C THR A 47 -8.98 10.28 -0.72
N ASP A 48 -8.46 10.44 -1.91
CA ASP A 48 -9.31 10.31 -3.13
C ASP A 48 -9.08 8.94 -3.74
N TYR A 49 -7.88 8.46 -3.67
CA TYR A 49 -7.59 7.12 -4.24
C TYR A 49 -7.83 6.06 -3.18
N LEU A 50 -7.56 6.38 -1.93
CA LEU A 50 -7.79 5.36 -0.86
C LEU A 50 -9.08 5.68 -0.10
N GLN A 51 -9.68 4.67 0.48
CA GLN A 51 -10.94 4.90 1.24
C GLN A 51 -10.95 3.98 2.48
N MET A 52 -11.30 4.51 3.61
CA MET A 52 -11.32 3.68 4.85
C MET A 52 -12.37 2.58 4.71
N GLY A 53 -11.95 1.38 4.40
CA GLY A 53 -12.93 0.26 4.26
C GLY A 53 -12.70 -0.47 2.93
N GLN A 54 -12.14 0.20 1.96
CA GLN A 54 -11.90 -0.46 0.65
C GLN A 54 -10.66 -1.35 0.74
N GLU A 55 -10.55 -2.31 -0.14
CA GLU A 55 -9.36 -3.22 -0.11
C GLU A 55 -8.49 -2.93 -1.34
N VAL A 56 -7.32 -2.38 -1.14
CA VAL A 56 -6.44 -2.06 -2.30
C VAL A 56 -5.32 -3.11 -2.40
N PRO A 57 -5.24 -3.76 -3.54
CA PRO A 57 -4.21 -4.77 -3.80
C PRO A 57 -2.90 -4.10 -4.21
N VAL A 58 -1.79 -4.68 -3.85
CA VAL A 58 -0.48 -4.06 -4.23
C VAL A 58 0.50 -5.16 -4.63
N LYS A 59 1.75 -4.81 -4.77
CA LYS A 59 2.78 -5.82 -5.16
C LYS A 59 3.97 -5.73 -4.23
N VAL A 60 4.28 -6.79 -3.52
CA VAL A 60 5.44 -6.76 -2.59
C VAL A 60 6.68 -6.34 -3.38
N LEU A 61 6.94 -5.06 -3.46
CA LEU A 61 8.11 -4.57 -4.21
C LEU A 61 9.40 -4.98 -3.50
N GLU A 62 9.35 -5.20 -2.21
CA GLU A 62 10.60 -5.60 -1.50
C GLU A 62 10.42 -5.48 0.03
N VAL A 63 10.84 -6.49 0.75
CA VAL A 63 10.72 -6.45 2.23
C VAL A 63 11.85 -7.30 2.84
N ASP A 64 11.58 -8.54 3.17
CA ASP A 64 12.64 -9.42 3.75
C ASP A 64 13.49 -8.63 4.75
N ARG A 65 14.65 -9.14 5.08
CA ARG A 65 15.53 -8.41 6.04
C ARG A 65 15.68 -6.97 5.58
N GLN A 66 16.26 -6.75 4.43
CA GLN A 66 16.42 -5.36 3.92
C GLN A 66 15.19 -4.98 3.10
N GLY A 67 14.20 -4.41 3.74
CA GLY A 67 12.97 -4.03 3.02
C GLY A 67 11.88 -3.68 4.04
N ARG A 68 11.67 -2.42 4.28
CA ARG A 68 10.64 -2.00 5.28
C ARG A 68 9.28 -1.87 4.60
N ILE A 69 8.62 -2.97 4.36
CA ILE A 69 7.28 -2.93 3.72
C ILE A 69 7.34 -2.07 2.45
N ARG A 70 7.98 -2.56 1.42
CA ARG A 70 8.04 -1.79 0.14
C ARG A 70 6.93 -2.31 -0.79
N LEU A 71 5.71 -1.94 -0.53
CA LEU A 71 4.59 -2.44 -1.39
C LEU A 71 4.37 -1.49 -2.57
N SER A 72 3.85 -2.01 -3.64
CA SER A 72 3.61 -1.15 -4.84
C SER A 72 2.10 -1.10 -5.14
N ILE A 73 1.50 0.05 -4.98
CA ILE A 73 0.05 0.18 -5.25
C ILE A 73 -0.27 -0.49 -6.60
N LYS A 74 -1.16 -1.44 -6.61
CA LYS A 74 -1.52 -2.11 -7.89
C LYS A 74 -2.50 -1.23 -8.65
N GLU A 75 -3.09 -0.28 -7.98
CA GLU A 75 -4.06 0.62 -8.65
C GLU A 75 -5.29 -0.18 -9.04
N ALA A 76 -5.74 -1.04 -8.17
CA ALA A 76 -6.94 -1.88 -8.47
C ALA A 76 -8.03 -1.59 -7.44
N ALA A 1 0.96 -17.19 5.98
CA ALA A 1 2.40 -17.47 6.26
C ALA A 1 3.17 -17.55 4.95
N GLU A 2 4.41 -17.98 4.99
CA GLU A 2 5.22 -18.09 3.75
C GLU A 2 5.10 -16.77 2.96
N ILE A 3 4.71 -16.83 1.71
CA ILE A 3 4.59 -15.58 0.92
C ILE A 3 6.00 -15.10 0.54
N GLU A 4 6.14 -14.49 -0.61
CA GLU A 4 7.50 -14.02 -1.02
C GLU A 4 7.37 -12.68 -1.75
N VAL A 5 8.48 -12.09 -2.12
CA VAL A 5 8.44 -10.78 -2.83
C VAL A 5 8.12 -11.04 -4.32
N GLY A 6 7.84 -9.99 -5.06
CA GLY A 6 7.50 -10.18 -6.50
C GLY A 6 6.10 -10.76 -6.60
N ARG A 7 5.34 -10.68 -5.54
CA ARG A 7 3.96 -11.23 -5.56
C ARG A 7 2.96 -10.08 -5.38
N VAL A 8 1.77 -10.23 -5.88
CA VAL A 8 0.74 -9.15 -5.72
C VAL A 8 -0.01 -9.39 -4.42
N TYR A 9 -0.13 -8.39 -3.60
CA TYR A 9 -0.83 -8.58 -2.30
C TYR A 9 -2.19 -7.92 -2.34
N THR A 10 -2.91 -8.00 -1.26
CA THR A 10 -4.25 -7.36 -1.18
C THR A 10 -4.26 -6.53 0.10
N GLY A 11 -4.16 -5.23 -0.01
CA GLY A 11 -4.11 -4.40 1.21
C GLY A 11 -5.41 -3.62 1.40
N LYS A 12 -5.94 -3.67 2.59
CA LYS A 12 -7.19 -2.91 2.88
C LYS A 12 -6.79 -1.54 3.40
N VAL A 13 -7.65 -0.58 3.33
CA VAL A 13 -7.27 0.77 3.83
C VAL A 13 -7.58 0.86 5.32
N THR A 14 -6.60 0.63 6.15
CA THR A 14 -6.82 0.68 7.61
C THR A 14 -6.32 2.01 8.18
N ARG A 15 -5.69 2.82 7.36
CA ARG A 15 -5.17 4.13 7.87
C ARG A 15 -4.81 5.05 6.69
N ILE A 16 -4.87 6.34 6.90
CA ILE A 16 -4.51 7.29 5.82
C ILE A 16 -3.74 8.46 6.44
N VAL A 17 -2.89 9.11 5.70
CA VAL A 17 -2.12 10.23 6.29
C VAL A 17 -2.17 11.45 5.36
N ASP A 18 -2.07 12.64 5.90
CA ASP A 18 -2.10 13.85 5.04
C ASP A 18 -0.96 13.76 4.02
N PHE A 19 0.18 13.28 4.45
CA PHE A 19 1.34 13.15 3.53
C PHE A 19 1.36 11.77 2.89
N GLY A 20 0.23 11.15 2.68
CA GLY A 20 0.24 9.79 2.06
C GLY A 20 -0.95 8.95 2.56
N ALA A 21 -0.78 7.66 2.60
CA ALA A 21 -1.88 6.77 3.07
C ALA A 21 -1.28 5.49 3.65
N PHE A 22 -1.88 4.96 4.67
CA PHE A 22 -1.36 3.71 5.28
C PHE A 22 -2.28 2.55 4.89
N VAL A 23 -1.71 1.40 4.64
CA VAL A 23 -2.55 0.24 4.25
C VAL A 23 -2.16 -0.99 5.07
N ALA A 24 -2.99 -2.00 5.10
CA ALA A 24 -2.65 -3.22 5.88
C ALA A 24 -2.86 -4.46 5.02
N ILE A 25 -2.16 -5.52 5.29
CA ILE A 25 -2.32 -6.76 4.47
C ILE A 25 -2.78 -7.91 5.38
N GLY A 26 -1.91 -8.84 5.69
CA GLY A 26 -2.31 -9.97 6.56
C GLY A 26 -2.21 -9.55 8.03
N GLY A 27 -2.86 -10.25 8.91
CA GLY A 27 -2.80 -9.89 10.35
C GLY A 27 -1.34 -9.76 10.79
N GLY A 28 -0.88 -8.56 11.01
CA GLY A 28 0.54 -8.38 11.43
C GLY A 28 1.30 -7.60 10.36
N LYS A 29 1.20 -8.02 9.13
CA LYS A 29 1.91 -7.28 8.04
C LYS A 29 1.02 -6.15 7.53
N GLU A 30 1.60 -5.03 7.20
CA GLU A 30 0.77 -3.91 6.69
C GLU A 30 1.45 -3.26 5.49
N GLY A 31 0.67 -2.70 4.61
CA GLY A 31 1.25 -2.02 3.42
C GLY A 31 1.20 -0.52 3.66
N LEU A 32 1.61 0.28 2.71
CA LEU A 32 1.54 1.75 2.92
C LEU A 32 1.32 2.48 1.60
N VAL A 33 0.21 3.15 1.48
CA VAL A 33 -0.05 3.91 0.24
C VAL A 33 0.50 5.32 0.44
N HIS A 34 1.77 5.45 0.68
CA HIS A 34 2.33 6.80 0.88
C HIS A 34 1.84 7.69 -0.26
N ILE A 35 1.82 8.97 -0.06
CA ILE A 35 1.33 9.89 -1.14
C ILE A 35 1.96 9.51 -2.49
N SER A 36 3.25 9.31 -2.51
CA SER A 36 3.92 8.96 -3.80
C SER A 36 3.78 7.46 -4.09
N GLN A 37 2.65 6.87 -3.82
CA GLN A 37 2.49 5.42 -4.10
C GLN A 37 1.04 5.08 -4.42
N ILE A 38 0.44 5.75 -5.37
CA ILE A 38 -0.98 5.44 -5.72
C ILE A 38 -1.08 5.18 -7.22
N ALA A 39 -1.45 6.17 -7.97
CA ALA A 39 -1.58 5.99 -9.45
C ALA A 39 -0.31 6.49 -10.12
N ASP A 40 0.82 5.98 -9.72
CA ASP A 40 2.11 6.42 -10.33
C ASP A 40 2.59 7.71 -9.65
N LYS A 41 1.70 8.63 -9.41
CA LYS A 41 2.11 9.91 -8.76
C LYS A 41 0.98 10.95 -8.89
N ARG A 42 0.10 10.78 -9.85
CA ARG A 42 -1.00 11.77 -10.03
C ARG A 42 -2.09 11.56 -8.97
N VAL A 43 -1.85 11.99 -7.76
CA VAL A 43 -2.89 11.84 -6.70
C VAL A 43 -2.87 13.08 -5.81
N GLU A 44 -3.40 14.17 -6.30
CA GLU A 44 -3.41 15.43 -5.50
C GLU A 44 -3.75 15.13 -4.04
N LYS A 45 -4.48 14.08 -3.77
CA LYS A 45 -4.83 13.76 -2.36
C LYS A 45 -4.81 12.24 -2.14
N VAL A 46 -4.28 11.81 -1.02
CA VAL A 46 -4.25 10.34 -0.75
C VAL A 46 -5.62 9.91 -0.21
N THR A 47 -6.33 10.81 0.40
CA THR A 47 -7.67 10.47 0.92
C THR A 47 -8.68 10.46 -0.24
N ASP A 48 -8.20 10.64 -1.45
CA ASP A 48 -9.11 10.62 -2.63
C ASP A 48 -8.94 9.28 -3.35
N TYR A 49 -7.76 8.74 -3.28
CA TYR A 49 -7.49 7.44 -3.96
C TYR A 49 -7.79 6.31 -2.97
N LEU A 50 -7.53 6.52 -1.71
CA LEU A 50 -7.81 5.46 -0.71
C LEU A 50 -9.02 5.84 0.14
N GLN A 51 -9.73 4.85 0.64
CA GLN A 51 -10.92 5.13 1.49
C GLN A 51 -10.89 4.17 2.68
N MET A 52 -11.21 4.65 3.85
CA MET A 52 -11.19 3.75 5.04
C MET A 52 -12.22 2.63 4.87
N GLY A 53 -11.82 1.51 4.31
CA GLY A 53 -12.79 0.40 4.12
C GLY A 53 -12.61 -0.24 2.74
N GLN A 54 -12.05 0.47 1.80
CA GLN A 54 -11.87 -0.10 0.44
C GLN A 54 -10.68 -1.06 0.43
N GLU A 55 -10.76 -2.10 -0.35
CA GLU A 55 -9.63 -3.08 -0.43
C GLU A 55 -9.02 -3.01 -1.83
N VAL A 56 -7.73 -2.83 -1.92
CA VAL A 56 -7.10 -2.75 -3.26
C VAL A 56 -5.86 -3.65 -3.31
N PRO A 57 -5.65 -4.28 -4.44
CA PRO A 57 -4.51 -5.18 -4.67
C PRO A 57 -3.25 -4.37 -4.99
N VAL A 58 -2.17 -4.64 -4.30
CA VAL A 58 -0.92 -3.88 -4.58
C VAL A 58 0.18 -4.87 -5.00
N LYS A 59 1.39 -4.40 -5.10
CA LYS A 59 2.51 -5.30 -5.49
C LYS A 59 3.69 -5.10 -4.53
N VAL A 60 4.36 -6.16 -4.18
CA VAL A 60 5.52 -6.05 -3.25
C VAL A 60 6.66 -5.31 -3.96
N LEU A 61 6.66 -4.01 -3.88
CA LEU A 61 7.73 -3.23 -4.54
C LEU A 61 9.09 -3.70 -4.03
N GLU A 62 9.15 -4.16 -2.80
CA GLU A 62 10.45 -4.66 -2.25
C GLU A 62 10.38 -4.70 -0.72
N VAL A 63 11.31 -5.39 -0.11
CA VAL A 63 11.33 -5.48 1.37
C VAL A 63 12.78 -5.64 1.86
N ASP A 64 13.51 -6.56 1.28
CA ASP A 64 14.92 -6.76 1.70
C ASP A 64 15.61 -5.40 1.87
N ARG A 65 15.70 -4.64 0.82
CA ARG A 65 16.35 -3.30 0.93
C ARG A 65 15.58 -2.47 1.96
N GLN A 66 14.29 -2.36 1.80
CA GLN A 66 13.48 -1.58 2.77
C GLN A 66 12.63 -2.55 3.59
N GLY A 67 12.98 -2.75 4.83
CA GLY A 67 12.21 -3.70 5.69
C GLY A 67 10.87 -3.08 6.10
N ARG A 68 10.56 -1.90 5.61
CA ARG A 68 9.27 -1.28 5.98
C ARG A 68 8.20 -1.70 4.98
N ILE A 69 8.20 -2.95 4.61
CA ILE A 69 7.19 -3.46 3.63
C ILE A 69 6.93 -2.41 2.55
N ARG A 70 7.60 -2.53 1.43
CA ARG A 70 7.39 -1.52 0.35
C ARG A 70 6.26 -2.01 -0.58
N LEU A 71 5.04 -1.82 -0.19
CA LEU A 71 3.91 -2.26 -1.06
C LEU A 71 3.50 -1.09 -1.95
N SER A 72 3.06 -1.37 -3.15
CA SER A 72 2.66 -0.26 -4.06
C SER A 72 1.31 -0.57 -4.72
N ILE A 73 0.32 0.24 -4.46
CA ILE A 73 -1.03 0.00 -5.08
C ILE A 73 -0.84 -0.36 -6.56
N LYS A 74 -1.47 -1.40 -7.02
CA LYS A 74 -1.31 -1.80 -8.44
C LYS A 74 -2.04 -0.81 -9.35
N GLU A 75 -1.94 -1.00 -10.64
CA GLU A 75 -2.61 -0.08 -11.60
C GLU A 75 -4.08 0.11 -11.18
N ALA A 76 -4.74 -0.96 -10.83
CA ALA A 76 -6.17 -0.84 -10.42
C ALA A 76 -6.95 -0.10 -11.51
N ALA A 1 2.66 -20.12 5.63
CA ALA A 1 3.86 -19.99 6.51
C ALA A 1 4.38 -18.55 6.46
N GLU A 2 4.92 -18.15 5.34
CA GLU A 2 5.45 -16.76 5.21
C GLU A 2 5.13 -16.24 3.81
N ILE A 3 5.73 -15.15 3.42
CA ILE A 3 5.46 -14.61 2.06
C ILE A 3 6.78 -14.49 1.29
N GLU A 4 6.75 -13.84 0.16
CA GLU A 4 7.99 -13.69 -0.65
C GLU A 4 7.93 -12.37 -1.42
N VAL A 5 8.99 -11.61 -1.41
CA VAL A 5 8.99 -10.31 -2.14
C VAL A 5 8.74 -10.57 -3.63
N GLY A 6 8.37 -9.55 -4.36
CA GLY A 6 8.12 -9.73 -5.82
C GLY A 6 6.72 -10.31 -6.02
N ARG A 7 5.99 -10.51 -4.94
CA ARG A 7 4.62 -11.07 -5.07
C ARG A 7 3.59 -9.95 -4.94
N VAL A 8 2.38 -10.19 -5.41
CA VAL A 8 1.32 -9.14 -5.31
C VAL A 8 0.46 -9.40 -4.08
N TYR A 9 0.03 -8.38 -3.40
CA TYR A 9 -0.82 -8.57 -2.20
C TYR A 9 -2.18 -7.92 -2.40
N THR A 10 -2.95 -7.80 -1.35
CA THR A 10 -4.29 -7.17 -1.45
C THR A 10 -4.77 -6.88 -0.03
N GLY A 11 -5.17 -5.67 0.25
CA GLY A 11 -5.60 -5.38 1.64
C GLY A 11 -6.68 -4.29 1.67
N LYS A 12 -7.11 -3.92 2.85
CA LYS A 12 -8.15 -2.88 2.98
C LYS A 12 -7.48 -1.58 3.45
N VAL A 13 -8.20 -0.49 3.39
CA VAL A 13 -7.60 0.80 3.84
C VAL A 13 -7.83 0.95 5.34
N THR A 14 -6.84 0.67 6.14
CA THR A 14 -7.02 0.78 7.61
C THR A 14 -6.22 1.95 8.17
N ARG A 15 -5.69 2.80 7.32
CA ARG A 15 -4.90 3.97 7.82
C ARG A 15 -4.51 4.88 6.65
N ILE A 16 -4.42 6.16 6.90
CA ILE A 16 -4.02 7.13 5.83
C ILE A 16 -3.08 8.17 6.45
N VAL A 17 -2.19 8.73 5.69
CA VAL A 17 -1.26 9.73 6.27
C VAL A 17 -1.24 11.02 5.42
N ASP A 18 -0.93 12.13 6.02
CA ASP A 18 -0.89 13.40 5.23
C ASP A 18 0.13 13.25 4.09
N PHE A 19 1.26 12.66 4.36
CA PHE A 19 2.30 12.48 3.30
C PHE A 19 2.11 11.15 2.60
N GLY A 20 0.92 10.62 2.54
CA GLY A 20 0.73 9.30 1.86
C GLY A 20 -0.50 8.57 2.40
N ALA A 21 -0.50 7.26 2.32
CA ALA A 21 -1.66 6.48 2.83
C ALA A 21 -1.17 5.12 3.29
N PHE A 22 -1.76 4.59 4.32
CA PHE A 22 -1.34 3.26 4.85
C PHE A 22 -2.42 2.23 4.52
N VAL A 23 -2.08 0.96 4.57
CA VAL A 23 -3.09 -0.09 4.27
C VAL A 23 -2.76 -1.36 5.05
N ALA A 24 -3.68 -2.29 5.11
CA ALA A 24 -3.41 -3.55 5.85
C ALA A 24 -3.84 -4.74 4.98
N ILE A 25 -3.15 -5.86 5.05
CA ILE A 25 -3.56 -7.02 4.19
C ILE A 25 -4.38 -8.01 5.01
N GLY A 26 -4.27 -7.95 6.31
CA GLY A 26 -5.05 -8.88 7.17
C GLY A 26 -4.35 -10.24 7.22
N GLY A 27 -3.33 -10.44 6.44
CA GLY A 27 -2.61 -11.74 6.45
C GLY A 27 -1.48 -11.68 7.48
N GLY A 28 -1.69 -10.98 8.56
CA GLY A 28 -0.63 -10.89 9.60
C GLY A 28 0.31 -9.73 9.28
N LYS A 29 0.08 -9.04 8.19
CA LYS A 29 0.96 -7.90 7.83
C LYS A 29 0.11 -6.76 7.26
N GLU A 30 0.73 -5.63 6.99
CA GLU A 30 -0.06 -4.50 6.44
C GLU A 30 0.61 -3.96 5.17
N GLY A 31 -0.16 -3.31 4.34
CA GLY A 31 0.40 -2.73 3.10
C GLY A 31 0.52 -1.22 3.27
N LEU A 32 0.91 -0.50 2.26
CA LEU A 32 1.03 0.97 2.42
C LEU A 32 0.79 1.72 1.11
N VAL A 33 -0.19 2.58 1.09
CA VAL A 33 -0.43 3.38 -0.14
C VAL A 33 0.29 4.72 0.04
N HIS A 34 1.59 4.69 0.15
CA HIS A 34 2.33 5.96 0.34
C HIS A 34 1.84 6.98 -0.70
N ILE A 35 1.99 8.24 -0.41
CA ILE A 35 1.52 9.29 -1.37
C ILE A 35 1.98 8.96 -2.79
N SER A 36 3.25 8.70 -2.96
CA SER A 36 3.76 8.39 -4.33
C SER A 36 3.50 6.91 -4.67
N GLN A 37 2.35 6.39 -4.37
CA GLN A 37 2.07 4.97 -4.70
C GLN A 37 0.57 4.76 -4.95
N ILE A 38 -0.01 5.53 -5.82
CA ILE A 38 -1.48 5.36 -6.09
C ILE A 38 -1.71 5.11 -7.58
N ALA A 39 -2.04 6.15 -8.30
CA ALA A 39 -2.32 6.00 -9.76
C ALA A 39 -1.05 6.29 -10.56
N ASP A 40 -0.31 7.27 -10.15
CA ASP A 40 0.94 7.62 -10.90
C ASP A 40 1.55 8.88 -10.31
N LYS A 41 0.74 9.86 -9.97
CA LYS A 41 1.30 11.11 -9.40
C LYS A 41 0.19 12.18 -9.26
N ARG A 42 -0.90 12.03 -9.94
CA ARG A 42 -1.99 13.05 -9.85
C ARG A 42 -2.75 12.90 -8.52
N VAL A 43 -2.29 12.05 -7.64
CA VAL A 43 -2.99 11.89 -6.34
C VAL A 43 -2.47 12.92 -5.36
N GLU A 44 -2.47 14.17 -5.73
CA GLU A 44 -1.98 15.24 -4.80
C GLU A 44 -2.58 14.97 -3.41
N LYS A 45 -3.70 14.31 -3.35
CA LYS A 45 -4.32 14.01 -2.04
C LYS A 45 -4.43 12.49 -1.86
N VAL A 46 -3.85 11.96 -0.81
CA VAL A 46 -3.93 10.49 -0.59
C VAL A 46 -5.29 10.14 -0.01
N THR A 47 -5.92 11.08 0.63
CA THR A 47 -7.26 10.82 1.22
C THR A 47 -8.31 10.82 0.11
N ASP A 48 -7.90 10.94 -1.13
CA ASP A 48 -8.89 10.94 -2.24
C ASP A 48 -8.86 9.57 -2.93
N TYR A 49 -7.70 8.99 -3.06
CA TYR A 49 -7.61 7.65 -3.72
C TYR A 49 -7.76 6.57 -2.65
N LEU A 50 -7.29 6.82 -1.47
CA LEU A 50 -7.40 5.81 -0.39
C LEU A 50 -8.60 6.15 0.51
N GLN A 51 -9.38 5.16 0.84
CA GLN A 51 -10.56 5.41 1.71
C GLN A 51 -10.70 4.28 2.73
N MET A 52 -10.69 4.61 3.99
CA MET A 52 -10.81 3.55 5.05
C MET A 52 -11.98 2.63 4.71
N GLY A 53 -11.69 1.43 4.27
CA GLY A 53 -12.78 0.47 3.95
C GLY A 53 -12.54 -0.20 2.59
N GLN A 54 -12.12 0.56 1.61
CA GLN A 54 -11.87 -0.05 0.26
C GLN A 54 -10.63 -0.95 0.31
N GLU A 55 -10.64 -2.01 -0.44
CA GLU A 55 -9.47 -2.94 -0.45
C GLU A 55 -8.93 -3.06 -1.88
N VAL A 56 -7.64 -3.09 -2.03
CA VAL A 56 -7.06 -3.19 -3.40
C VAL A 56 -5.76 -3.99 -3.36
N PRO A 57 -5.43 -4.57 -4.50
CA PRO A 57 -4.21 -5.37 -4.67
C PRO A 57 -3.00 -4.47 -4.96
N VAL A 58 -1.84 -4.85 -4.51
CA VAL A 58 -0.63 -4.02 -4.76
C VAL A 58 0.56 -4.94 -5.05
N LYS A 59 1.75 -4.39 -5.08
CA LYS A 59 2.95 -5.23 -5.36
C LYS A 59 4.06 -4.89 -4.35
N VAL A 60 4.68 -5.89 -3.79
CA VAL A 60 5.79 -5.63 -2.82
C VAL A 60 6.94 -4.92 -3.52
N LEU A 61 6.87 -3.63 -3.58
CA LEU A 61 7.96 -2.87 -4.24
C LEU A 61 9.30 -3.29 -3.63
N GLU A 62 9.32 -3.52 -2.35
CA GLU A 62 10.59 -3.95 -1.66
C GLU A 62 10.56 -3.53 -0.18
N VAL A 63 11.47 -4.04 0.58
CA VAL A 63 11.55 -3.68 2.02
C VAL A 63 12.99 -3.80 2.52
N ASP A 64 13.50 -2.79 3.16
CA ASP A 64 14.90 -2.85 3.67
C ASP A 64 15.04 -1.93 4.88
N ARG A 65 16.23 -1.82 5.42
CA ARG A 65 16.43 -0.94 6.60
C ARG A 65 15.69 0.38 6.36
N GLN A 66 15.81 0.94 5.19
CA GLN A 66 15.11 2.21 4.87
C GLN A 66 13.92 1.91 3.97
N GLY A 67 13.04 1.05 4.42
CA GLY A 67 11.85 0.70 3.59
C GLY A 67 10.94 -0.22 4.40
N ARG A 68 9.98 0.33 5.09
CA ARG A 68 9.07 -0.50 5.90
C ARG A 68 7.89 -0.93 5.03
N ILE A 69 7.93 -2.14 4.53
CA ILE A 69 6.82 -2.62 3.67
C ILE A 69 6.57 -1.61 2.55
N ARG A 70 7.38 -1.61 1.52
CA ARG A 70 7.15 -0.65 0.41
C ARG A 70 6.22 -1.30 -0.63
N LEU A 71 4.94 -1.17 -0.44
CA LEU A 71 3.99 -1.80 -1.39
C LEU A 71 3.69 -0.82 -2.53
N SER A 72 3.15 -1.32 -3.61
CA SER A 72 2.84 -0.43 -4.77
C SER A 72 1.42 -0.72 -5.27
N ILE A 73 0.50 0.16 -5.02
CA ILE A 73 -0.89 -0.05 -5.49
C ILE A 73 -0.85 -0.56 -6.95
N LYS A 74 -1.69 -1.49 -7.29
CA LYS A 74 -1.69 -2.00 -8.69
C LYS A 74 -1.76 -0.84 -9.66
N GLU A 75 -1.57 -1.09 -10.94
CA GLU A 75 -1.64 0.02 -11.93
C GLU A 75 -0.79 1.19 -11.41
N ALA A 76 0.48 0.98 -11.22
CA ALA A 76 1.36 2.08 -10.72
C ALA A 76 2.82 1.72 -10.96
N ALA A 1 0.28 -18.24 4.60
CA ALA A 1 1.31 -18.13 3.53
C ALA A 1 2.44 -17.21 4.00
N GLU A 2 3.58 -17.28 3.37
CA GLU A 2 4.71 -16.41 3.78
C GLU A 2 4.74 -15.16 2.90
N ILE A 3 5.79 -14.40 2.97
CA ILE A 3 5.87 -13.17 2.16
C ILE A 3 7.13 -13.17 1.29
N GLU A 4 6.95 -13.22 0.00
CA GLU A 4 8.11 -13.23 -0.93
C GLU A 4 8.05 -11.97 -1.79
N VAL A 5 9.18 -11.44 -2.17
CA VAL A 5 9.17 -10.21 -3.02
C VAL A 5 8.64 -10.56 -4.41
N GLY A 6 8.18 -9.57 -5.14
CA GLY A 6 7.64 -9.83 -6.49
C GLY A 6 6.31 -10.56 -6.36
N ARG A 7 5.80 -10.69 -5.17
CA ARG A 7 4.51 -11.41 -4.98
C ARG A 7 3.36 -10.39 -5.02
N VAL A 8 2.15 -10.86 -4.90
CA VAL A 8 0.98 -9.93 -4.94
C VAL A 8 0.28 -9.94 -3.58
N TYR A 9 -0.24 -8.82 -3.15
CA TYR A 9 -0.94 -8.79 -1.83
C TYR A 9 -2.13 -7.85 -1.88
N THR A 10 -3.27 -8.32 -1.48
CA THR A 10 -4.48 -7.46 -1.45
C THR A 10 -4.55 -6.81 -0.08
N GLY A 11 -4.43 -5.50 0.00
CA GLY A 11 -4.46 -4.85 1.33
C GLY A 11 -5.70 -3.98 1.47
N LYS A 12 -6.28 -3.97 2.64
CA LYS A 12 -7.48 -3.13 2.87
C LYS A 12 -7.01 -1.76 3.36
N VAL A 13 -7.83 -0.77 3.29
CA VAL A 13 -7.41 0.57 3.76
C VAL A 13 -7.72 0.66 5.26
N THR A 14 -6.71 0.58 6.09
CA THR A 14 -6.95 0.65 7.55
C THR A 14 -6.39 1.94 8.13
N ARG A 15 -5.78 2.77 7.32
CA ARG A 15 -5.21 4.04 7.85
C ARG A 15 -4.81 4.97 6.70
N ILE A 16 -4.84 6.25 6.95
CA ILE A 16 -4.46 7.24 5.89
C ILE A 16 -3.75 8.42 6.57
N VAL A 17 -2.84 9.07 5.89
CA VAL A 17 -2.13 10.20 6.53
C VAL A 17 -2.22 11.45 5.64
N ASP A 18 -2.09 12.62 6.21
CA ASP A 18 -2.17 13.85 5.37
C ASP A 18 -1.06 13.83 4.31
N PHE A 19 0.11 13.34 4.67
CA PHE A 19 1.23 13.28 3.69
C PHE A 19 1.28 11.92 3.00
N GLY A 20 0.17 11.23 2.91
CA GLY A 20 0.20 9.90 2.25
C GLY A 20 -0.95 9.02 2.75
N ALA A 21 -0.81 7.73 2.70
CA ALA A 21 -1.90 6.82 3.16
C ALA A 21 -1.31 5.51 3.65
N PHE A 22 -1.90 4.91 4.64
CA PHE A 22 -1.39 3.62 5.16
C PHE A 22 -2.34 2.50 4.76
N VAL A 23 -1.87 1.28 4.74
CA VAL A 23 -2.76 0.14 4.35
C VAL A 23 -2.37 -1.10 5.16
N ALA A 24 -3.22 -2.09 5.20
CA ALA A 24 -2.88 -3.31 5.99
C ALA A 24 -3.27 -4.58 5.19
N ILE A 25 -2.52 -5.65 5.33
CA ILE A 25 -2.89 -6.89 4.58
C ILE A 25 -3.47 -7.90 5.58
N GLY A 26 -3.95 -7.43 6.69
CA GLY A 26 -4.53 -8.35 7.72
C GLY A 26 -4.29 -7.78 9.12
N GLY A 27 -4.02 -8.64 10.07
CA GLY A 27 -3.77 -8.15 11.46
C GLY A 27 -2.31 -8.38 11.82
N GLY A 28 -1.50 -8.77 10.87
CA GLY A 28 -0.06 -9.02 11.16
C GLY A 28 0.81 -8.07 10.32
N LYS A 29 0.81 -8.25 9.03
CA LYS A 29 1.64 -7.35 8.17
C LYS A 29 0.75 -6.25 7.58
N GLU A 30 1.31 -5.11 7.30
CA GLU A 30 0.49 -4.02 6.74
C GLU A 30 1.21 -3.36 5.57
N GLY A 31 0.47 -2.79 4.66
CA GLY A 31 1.10 -2.11 3.48
C GLY A 31 1.06 -0.61 3.72
N LEU A 32 1.45 0.18 2.76
CA LEU A 32 1.41 1.65 2.96
C LEU A 32 1.17 2.37 1.63
N VAL A 33 0.10 3.10 1.53
CA VAL A 33 -0.15 3.86 0.29
C VAL A 33 0.35 5.29 0.52
N HIS A 34 1.62 5.47 0.73
CA HIS A 34 2.14 6.84 0.97
C HIS A 34 1.56 7.76 -0.12
N ILE A 35 1.66 9.04 0.06
CA ILE A 35 1.10 9.98 -0.95
C ILE A 35 1.69 9.67 -2.34
N SER A 36 2.99 9.67 -2.47
CA SER A 36 3.60 9.38 -3.81
C SER A 36 3.67 7.86 -4.05
N GLN A 37 2.63 7.14 -3.72
CA GLN A 37 2.66 5.67 -3.94
C GLN A 37 1.26 5.18 -4.32
N ILE A 38 0.59 5.88 -5.20
CA ILE A 38 -0.77 5.46 -5.62
C ILE A 38 -0.76 5.19 -7.13
N ALA A 39 -1.06 6.19 -7.91
CA ALA A 39 -1.08 6.01 -9.38
C ALA A 39 -0.06 6.95 -10.00
N ASP A 40 0.39 6.66 -11.19
CA ASP A 40 1.40 7.54 -11.83
C ASP A 40 1.01 9.00 -11.63
N LYS A 41 -0.21 9.35 -11.92
CA LYS A 41 -0.65 10.76 -11.73
C LYS A 41 -0.45 11.16 -10.27
N ARG A 42 0.34 12.16 -10.03
CA ARG A 42 0.58 12.60 -8.61
C ARG A 42 -0.75 12.63 -7.86
N VAL A 43 -0.84 11.92 -6.77
CA VAL A 43 -2.09 11.92 -5.98
C VAL A 43 -1.98 12.98 -4.88
N GLU A 44 -2.00 14.24 -5.26
CA GLU A 44 -1.89 15.32 -4.23
C GLU A 44 -2.83 15.00 -3.07
N LYS A 45 -3.83 14.21 -3.31
CA LYS A 45 -4.79 13.86 -2.22
C LYS A 45 -4.77 12.35 -2.00
N VAL A 46 -4.22 11.92 -0.90
CA VAL A 46 -4.19 10.44 -0.63
C VAL A 46 -5.56 9.99 -0.15
N THR A 47 -6.33 10.90 0.37
CA THR A 47 -7.69 10.53 0.84
C THR A 47 -8.62 10.40 -0.38
N ASP A 48 -8.10 10.56 -1.57
CA ASP A 48 -8.95 10.44 -2.78
C ASP A 48 -8.73 9.06 -3.42
N TYR A 49 -7.53 8.55 -3.33
CA TYR A 49 -7.24 7.22 -3.92
C TYR A 49 -7.38 6.16 -2.83
N LEU A 50 -7.10 6.53 -1.62
CA LEU A 50 -7.20 5.58 -0.48
C LEU A 50 -8.43 5.90 0.35
N GLN A 51 -9.11 4.89 0.80
CA GLN A 51 -10.34 5.12 1.62
C GLN A 51 -10.50 3.99 2.63
N MET A 52 -10.59 4.30 3.89
CA MET A 52 -10.75 3.24 4.92
C MET A 52 -11.85 2.27 4.50
N GLY A 53 -11.50 1.05 4.20
CA GLY A 53 -12.53 0.05 3.80
C GLY A 53 -12.35 -0.34 2.33
N GLN A 54 -12.13 0.63 1.47
CA GLN A 54 -11.95 0.30 0.02
C GLN A 54 -10.79 -0.68 -0.14
N GLU A 55 -11.09 -1.93 -0.36
CA GLU A 55 -10.01 -2.94 -0.53
C GLU A 55 -9.22 -2.62 -1.80
N VAL A 56 -7.93 -2.70 -1.75
CA VAL A 56 -7.11 -2.40 -2.96
C VAL A 56 -6.02 -3.46 -3.14
N PRO A 57 -5.90 -3.97 -4.34
CA PRO A 57 -4.89 -4.98 -4.67
C PRO A 57 -3.53 -4.32 -4.90
N VAL A 58 -2.48 -4.96 -4.48
CA VAL A 58 -1.12 -4.36 -4.67
C VAL A 58 -0.14 -5.48 -5.02
N LYS A 59 1.12 -5.15 -5.11
CA LYS A 59 2.13 -6.19 -5.46
C LYS A 59 3.41 -5.97 -4.66
N VAL A 60 3.71 -6.85 -3.76
CA VAL A 60 4.96 -6.72 -2.95
C VAL A 60 6.11 -6.39 -3.92
N LEU A 61 6.40 -5.12 -4.07
CA LEU A 61 7.48 -4.74 -5.00
C LEU A 61 8.84 -5.04 -4.37
N GLU A 62 8.92 -5.03 -3.07
CA GLU A 62 10.23 -5.31 -2.40
C GLU A 62 10.20 -4.83 -0.95
N VAL A 63 11.33 -4.87 -0.30
CA VAL A 63 11.41 -4.42 1.12
C VAL A 63 12.75 -3.71 1.35
N ASP A 64 13.81 -4.25 0.81
CA ASP A 64 15.15 -3.63 0.99
C ASP A 64 15.06 -2.12 0.74
N ARG A 65 14.38 -1.72 -0.31
CA ARG A 65 14.26 -0.26 -0.60
C ARG A 65 14.00 0.50 0.69
N GLN A 66 12.82 0.36 1.25
CA GLN A 66 12.51 1.08 2.51
C GLN A 66 12.73 0.13 3.69
N GLY A 67 12.14 -1.04 3.66
CA GLY A 67 12.32 -1.99 4.77
C GLY A 67 10.99 -2.14 5.52
N ARG A 68 10.10 -1.21 5.34
CA ARG A 68 8.79 -1.29 6.03
C ARG A 68 7.75 -1.86 5.06
N ILE A 69 8.06 -2.98 4.46
CA ILE A 69 7.11 -3.60 3.49
C ILE A 69 6.88 -2.65 2.32
N ARG A 70 7.39 -3.00 1.16
CA ARG A 70 7.20 -2.11 -0.03
C ARG A 70 6.19 -2.75 -0.97
N LEU A 71 4.94 -2.40 -0.83
CA LEU A 71 3.89 -2.97 -1.71
C LEU A 71 3.64 -2.04 -2.90
N SER A 72 3.18 -2.57 -4.00
CA SER A 72 2.95 -1.70 -5.19
C SER A 72 1.44 -1.54 -5.44
N ILE A 73 0.92 -0.37 -5.24
CA ILE A 73 -0.53 -0.14 -5.48
C ILE A 73 -0.85 -0.52 -6.93
N LYS A 74 -1.85 -1.35 -7.12
CA LYS A 74 -2.20 -1.78 -8.51
C LYS A 74 -2.08 -0.60 -9.48
N GLU A 75 -2.82 0.43 -9.24
CA GLU A 75 -2.77 1.63 -10.13
C GLU A 75 -1.30 2.00 -10.38
N ALA A 76 -0.51 2.05 -9.36
CA ALA A 76 0.92 2.41 -9.53
C ALA A 76 1.52 1.63 -10.71
N ALA A 1 6.11 -20.62 4.54
CA ALA A 1 5.95 -19.68 3.39
C ALA A 1 4.78 -18.74 3.65
N GLU A 2 3.58 -19.25 3.55
CA GLU A 2 2.39 -18.38 3.79
C GLU A 2 2.47 -17.14 2.90
N ILE A 3 2.87 -17.32 1.66
CA ILE A 3 2.96 -16.15 0.75
C ILE A 3 4.00 -15.17 1.31
N GLU A 4 4.95 -14.77 0.51
CA GLU A 4 5.99 -13.81 1.01
C GLU A 4 6.13 -12.65 0.03
N VAL A 5 7.30 -12.07 -0.05
CA VAL A 5 7.50 -10.92 -0.97
C VAL A 5 7.73 -11.43 -2.39
N GLY A 6 7.60 -10.57 -3.37
CA GLY A 6 7.80 -11.00 -4.78
C GLY A 6 6.48 -11.48 -5.38
N ARG A 7 5.39 -11.19 -4.73
CA ARG A 7 4.08 -11.66 -5.27
C ARG A 7 3.07 -10.51 -5.22
N VAL A 8 1.83 -10.78 -5.54
CA VAL A 8 0.80 -9.72 -5.50
C VAL A 8 0.17 -9.71 -4.10
N TYR A 9 0.01 -8.55 -3.52
CA TYR A 9 -0.59 -8.48 -2.16
C TYR A 9 -1.85 -7.62 -2.18
N THR A 10 -2.91 -8.08 -1.58
CA THR A 10 -4.15 -7.26 -1.53
C THR A 10 -4.03 -6.30 -0.36
N GLY A 11 -3.74 -5.06 -0.61
CA GLY A 11 -3.58 -4.07 0.50
C GLY A 11 -4.95 -3.61 1.01
N LYS A 12 -5.22 -3.85 2.26
CA LYS A 12 -6.51 -3.41 2.84
C LYS A 12 -6.32 -2.00 3.38
N VAL A 13 -7.33 -1.18 3.36
CA VAL A 13 -7.14 0.20 3.89
C VAL A 13 -7.39 0.18 5.39
N THR A 14 -6.38 0.51 6.16
CA THR A 14 -6.54 0.49 7.63
C THR A 14 -6.09 1.83 8.22
N ARG A 15 -5.58 2.72 7.40
CA ARG A 15 -5.13 4.05 7.92
C ARG A 15 -4.73 4.95 6.75
N ILE A 16 -4.89 6.24 6.91
CA ILE A 16 -4.51 7.21 5.84
C ILE A 16 -3.76 8.38 6.46
N VAL A 17 -3.02 9.15 5.70
CA VAL A 17 -2.27 10.29 6.31
C VAL A 17 -2.32 11.53 5.40
N ASP A 18 -2.21 12.70 5.97
CA ASP A 18 -2.24 13.93 5.13
C ASP A 18 -1.10 13.88 4.11
N PHE A 19 0.06 13.43 4.53
CA PHE A 19 1.22 13.35 3.60
C PHE A 19 1.25 11.98 2.91
N GLY A 20 0.13 11.33 2.73
CA GLY A 20 0.16 10.00 2.09
C GLY A 20 -0.98 9.12 2.60
N ALA A 21 -0.77 7.84 2.63
CA ALA A 21 -1.83 6.91 3.13
C ALA A 21 -1.17 5.65 3.68
N PHE A 22 -1.77 5.06 4.67
CA PHE A 22 -1.21 3.82 5.25
C PHE A 22 -2.08 2.63 4.82
N VAL A 23 -1.53 1.44 4.86
CA VAL A 23 -2.33 0.26 4.45
C VAL A 23 -1.84 -0.97 5.23
N ALA A 24 -2.62 -2.01 5.27
CA ALA A 24 -2.20 -3.23 6.02
C ALA A 24 -2.46 -4.48 5.17
N ILE A 25 -1.54 -5.40 5.12
CA ILE A 25 -1.76 -6.62 4.29
C ILE A 25 -1.94 -7.83 5.21
N GLY A 26 -2.82 -7.74 6.16
CA GLY A 26 -3.05 -8.90 7.09
C GLY A 26 -2.77 -8.44 8.52
N GLY A 27 -2.66 -9.38 9.43
CA GLY A 27 -2.39 -9.00 10.85
C GLY A 27 -0.93 -9.30 11.18
N GLY A 28 -0.09 -9.39 10.18
CA GLY A 28 1.35 -9.67 10.44
C GLY A 28 2.21 -8.61 9.76
N LYS A 29 1.82 -8.16 8.60
CA LYS A 29 2.62 -7.13 7.88
C LYS A 29 1.69 -6.04 7.34
N GLU A 30 2.15 -4.81 7.32
CA GLU A 30 1.27 -3.72 6.82
C GLU A 30 1.90 -3.03 5.61
N GLY A 31 1.09 -2.52 4.73
CA GLY A 31 1.62 -1.82 3.53
C GLY A 31 1.48 -0.32 3.75
N LEU A 32 1.86 0.49 2.79
CA LEU A 32 1.72 1.95 2.97
C LEU A 32 1.45 2.65 1.64
N VAL A 33 0.34 3.31 1.53
CA VAL A 33 0.05 4.05 0.28
C VAL A 33 0.51 5.49 0.45
N HIS A 34 1.78 5.69 0.66
CA HIS A 34 2.28 7.07 0.84
C HIS A 34 1.73 7.95 -0.30
N ILE A 35 1.70 9.24 -0.11
CA ILE A 35 1.17 10.15 -1.17
C ILE A 35 1.81 9.82 -2.52
N SER A 36 3.11 9.76 -2.59
CA SER A 36 3.78 9.45 -3.89
C SER A 36 3.80 7.93 -4.13
N GLN A 37 2.71 7.26 -3.91
CA GLN A 37 2.69 5.78 -4.13
C GLN A 37 1.28 5.33 -4.53
N ILE A 38 0.57 6.12 -5.29
CA ILE A 38 -0.81 5.72 -5.68
C ILE A 38 -0.89 5.49 -7.19
N ALA A 39 -1.33 6.48 -7.91
CA ALA A 39 -1.45 6.33 -9.38
C ALA A 39 -0.23 6.94 -10.06
N ASP A 40 0.94 6.54 -9.64
CA ASP A 40 2.20 7.08 -10.25
C ASP A 40 2.55 8.43 -9.62
N LYS A 41 1.59 9.28 -9.41
CA LYS A 41 1.90 10.61 -8.81
C LYS A 41 0.67 11.53 -8.86
N ARG A 42 -0.25 11.29 -9.74
CA ARG A 42 -1.44 12.18 -9.82
C ARG A 42 -2.46 11.84 -8.74
N VAL A 43 -2.22 12.27 -7.52
CA VAL A 43 -3.19 12.01 -6.41
C VAL A 43 -3.21 13.21 -5.47
N GLU A 44 -3.63 14.34 -5.97
CA GLU A 44 -3.67 15.58 -5.13
C GLU A 44 -4.11 15.25 -3.70
N LYS A 45 -4.91 14.22 -3.53
CA LYS A 45 -5.35 13.88 -2.16
C LYS A 45 -5.20 12.38 -1.92
N VAL A 46 -4.64 12.00 -0.81
CA VAL A 46 -4.46 10.54 -0.52
C VAL A 46 -5.80 10.00 0.00
N THR A 47 -6.60 10.86 0.57
CA THR A 47 -7.92 10.43 1.08
C THR A 47 -8.90 10.27 -0.09
N ASP A 48 -8.43 10.43 -1.30
CA ASP A 48 -9.33 10.29 -2.47
C ASP A 48 -9.00 8.97 -3.17
N TYR A 49 -7.76 8.56 -3.10
CA TYR A 49 -7.37 7.29 -3.75
C TYR A 49 -7.50 6.14 -2.75
N LEU A 50 -7.31 6.42 -1.49
CA LEU A 50 -7.43 5.32 -0.48
C LEU A 50 -8.73 5.49 0.31
N GLN A 51 -9.38 4.41 0.64
CA GLN A 51 -10.65 4.51 1.43
C GLN A 51 -10.58 3.56 2.62
N MET A 52 -10.87 4.05 3.79
CA MET A 52 -10.81 3.17 5.00
C MET A 52 -11.86 2.05 4.87
N GLY A 53 -11.41 0.82 4.84
CA GLY A 53 -12.37 -0.31 4.72
C GLY A 53 -12.32 -0.88 3.31
N GLN A 54 -11.88 -0.10 2.36
CA GLN A 54 -11.81 -0.60 0.96
C GLN A 54 -10.65 -1.59 0.82
N GLU A 55 -10.34 -2.01 -0.38
CA GLU A 55 -9.22 -2.98 -0.59
C GLU A 55 -8.71 -2.86 -2.02
N VAL A 56 -7.42 -2.71 -2.19
CA VAL A 56 -6.85 -2.59 -3.56
C VAL A 56 -5.69 -3.58 -3.73
N PRO A 57 -5.57 -4.11 -4.92
CA PRO A 57 -4.51 -5.06 -5.27
C PRO A 57 -3.19 -4.34 -5.52
N VAL A 58 -2.09 -4.88 -5.06
CA VAL A 58 -0.79 -4.20 -5.28
C VAL A 58 0.30 -5.25 -5.55
N LYS A 59 1.51 -4.81 -5.73
CA LYS A 59 2.62 -5.77 -5.99
C LYS A 59 3.75 -5.52 -4.99
N VAL A 60 4.05 -6.48 -4.15
CA VAL A 60 5.15 -6.29 -3.17
C VAL A 60 6.40 -5.82 -3.90
N LEU A 61 6.67 -4.54 -3.87
CA LEU A 61 7.88 -4.01 -4.56
C LEU A 61 9.12 -4.34 -3.74
N GLU A 62 8.93 -4.70 -2.50
CA GLU A 62 10.08 -5.05 -1.59
C GLU A 62 10.51 -3.79 -0.82
N VAL A 63 11.55 -3.89 -0.05
CA VAL A 63 12.01 -2.70 0.73
C VAL A 63 13.45 -2.36 0.37
N ASP A 64 14.08 -1.50 1.15
CA ASP A 64 15.49 -1.13 0.85
C ASP A 64 16.31 -1.15 2.15
N ARG A 65 17.19 -0.20 2.33
CA ARG A 65 18.02 -0.17 3.56
C ARG A 65 17.13 0.12 4.78
N GLN A 66 16.06 0.85 4.58
CA GLN A 66 15.17 1.17 5.74
C GLN A 66 14.11 0.07 5.88
N GLY A 67 13.16 0.25 6.76
CA GLY A 67 12.11 -0.79 6.94
C GLY A 67 10.77 -0.26 6.41
N ARG A 68 10.77 0.33 5.26
CA ARG A 68 9.50 0.87 4.69
C ARG A 68 9.02 -0.05 3.57
N ILE A 69 8.21 -1.02 3.88
CA ILE A 69 7.70 -1.95 2.82
C ILE A 69 7.22 -1.13 1.62
N ARG A 70 7.80 -1.33 0.48
CA ARG A 70 7.36 -0.56 -0.72
C ARG A 70 6.33 -1.37 -1.51
N LEU A 71 5.07 -1.05 -1.34
CA LEU A 71 4.03 -1.79 -2.08
C LEU A 71 3.76 -1.08 -3.41
N SER A 72 3.44 -1.81 -4.43
CA SER A 72 3.18 -1.17 -5.75
C SER A 72 1.68 -1.20 -6.07
N ILE A 73 0.97 -0.18 -5.67
CA ILE A 73 -0.50 -0.13 -5.94
C ILE A 73 -0.73 -0.41 -7.44
N LYS A 74 -1.66 -1.27 -7.74
CA LYS A 74 -1.94 -1.59 -9.18
C LYS A 74 -2.67 -0.41 -9.82
N GLU A 75 -2.77 -0.40 -11.13
CA GLU A 75 -3.47 0.72 -11.81
C GLU A 75 -4.78 1.02 -11.08
N ALA A 76 -5.47 0.00 -10.65
CA ALA A 76 -6.76 0.23 -9.93
C ALA A 76 -7.65 1.16 -10.75
N ALA A 1 5.85 -20.21 6.86
CA ALA A 1 5.63 -20.21 5.38
C ALA A 1 6.12 -18.89 4.79
N GLU A 2 5.89 -17.79 5.47
CA GLU A 2 6.34 -16.48 4.94
C GLU A 2 5.84 -16.31 3.51
N ILE A 3 6.28 -15.29 2.84
CA ILE A 3 5.82 -15.05 1.44
C ILE A 3 7.05 -14.81 0.54
N GLU A 4 6.83 -14.24 -0.61
CA GLU A 4 7.98 -13.95 -1.53
C GLU A 4 7.84 -12.54 -2.08
N VAL A 5 8.90 -11.79 -2.11
CA VAL A 5 8.81 -10.39 -2.64
C VAL A 5 8.52 -10.44 -4.14
N GLY A 6 7.97 -9.38 -4.67
CA GLY A 6 7.64 -9.36 -6.12
C GLY A 6 6.28 -9.99 -6.33
N ARG A 7 5.69 -10.53 -5.29
CA ARG A 7 4.34 -11.16 -5.43
C ARG A 7 3.26 -10.09 -5.29
N VAL A 8 2.08 -10.36 -5.79
CA VAL A 8 0.98 -9.36 -5.68
C VAL A 8 0.18 -9.60 -4.41
N TYR A 9 -0.20 -8.56 -3.71
CA TYR A 9 -0.98 -8.75 -2.46
C TYR A 9 -2.34 -8.06 -2.58
N THR A 10 -3.11 -8.10 -1.54
CA THR A 10 -4.44 -7.43 -1.54
C THR A 10 -4.65 -6.85 -0.15
N GLY A 11 -4.67 -5.56 -0.01
CA GLY A 11 -4.85 -4.97 1.35
C GLY A 11 -6.03 -4.00 1.37
N LYS A 12 -6.62 -3.83 2.51
CA LYS A 12 -7.76 -2.89 2.63
C LYS A 12 -7.23 -1.56 3.14
N VAL A 13 -8.02 -0.53 3.05
CA VAL A 13 -7.55 0.79 3.54
C VAL A 13 -7.89 0.89 5.03
N THR A 14 -6.93 0.76 5.88
CA THR A 14 -7.22 0.84 7.34
C THR A 14 -6.48 2.02 7.96
N ARG A 15 -5.84 2.84 7.16
CA ARG A 15 -5.10 4.01 7.72
C ARG A 15 -4.66 4.94 6.59
N ILE A 16 -4.58 6.22 6.86
CA ILE A 16 -4.14 7.19 5.82
C ILE A 16 -3.27 8.25 6.47
N VAL A 17 -2.52 9.01 5.72
CA VAL A 17 -1.65 10.04 6.34
C VAL A 17 -1.60 11.31 5.45
N ASP A 18 -1.36 12.44 6.04
CA ASP A 18 -1.28 13.69 5.22
C ASP A 18 -0.19 13.53 4.16
N PHE A 19 0.94 12.99 4.54
CA PHE A 19 2.05 12.81 3.56
C PHE A 19 1.94 11.44 2.87
N GLY A 20 0.76 10.91 2.72
CA GLY A 20 0.64 9.58 2.04
C GLY A 20 -0.59 8.80 2.56
N ALA A 21 -0.53 7.50 2.52
CA ALA A 21 -1.67 6.68 3.01
C ALA A 21 -1.14 5.33 3.49
N PHE A 22 -1.78 4.75 4.47
CA PHE A 22 -1.33 3.44 4.97
C PHE A 22 -2.33 2.37 4.53
N VAL A 23 -1.96 1.12 4.59
CA VAL A 23 -2.88 0.03 4.16
C VAL A 23 -2.60 -1.22 4.98
N ALA A 24 -3.51 -2.19 4.95
CA ALA A 24 -3.28 -3.42 5.76
C ALA A 24 -3.54 -4.66 4.90
N ILE A 25 -2.76 -5.70 5.07
CA ILE A 25 -2.98 -6.95 4.28
C ILE A 25 -3.46 -8.05 5.23
N GLY A 26 -2.55 -8.84 5.74
CA GLY A 26 -2.96 -9.92 6.69
C GLY A 26 -3.41 -9.30 8.00
N GLY A 27 -3.49 -10.09 9.04
CA GLY A 27 -3.93 -9.53 10.37
C GLY A 27 -2.74 -8.91 11.09
N GLY A 28 -1.54 -9.33 10.78
CA GLY A 28 -0.35 -8.77 11.46
C GLY A 28 0.52 -8.00 10.45
N LYS A 29 0.28 -8.19 9.18
CA LYS A 29 1.09 -7.46 8.16
C LYS A 29 0.27 -6.32 7.56
N GLU A 30 0.89 -5.21 7.27
CA GLU A 30 0.12 -4.09 6.68
C GLU A 30 0.87 -3.51 5.49
N GLY A 31 0.14 -2.99 4.54
CA GLY A 31 0.78 -2.38 3.33
C GLY A 31 0.83 -0.87 3.54
N LEU A 32 1.23 -0.13 2.54
CA LEU A 32 1.29 1.34 2.73
C LEU A 32 1.05 2.07 1.40
N VAL A 33 0.03 2.87 1.34
CA VAL A 33 -0.22 3.65 0.10
C VAL A 33 0.40 5.03 0.29
N HIS A 34 1.70 5.08 0.49
CA HIS A 34 2.34 6.41 0.70
C HIS A 34 1.86 7.34 -0.41
N ILE A 35 1.99 8.63 -0.21
CA ILE A 35 1.54 9.59 -1.25
C ILE A 35 2.17 9.24 -2.61
N SER A 36 3.43 8.88 -2.61
CA SER A 36 4.10 8.54 -3.89
C SER A 36 3.79 7.09 -4.31
N GLN A 37 2.63 6.57 -3.97
CA GLN A 37 2.31 5.17 -4.37
C GLN A 37 0.79 5.02 -4.58
N ILE A 38 0.24 5.69 -5.55
CA ILE A 38 -1.23 5.54 -5.78
C ILE A 38 -1.49 5.07 -7.21
N ALA A 39 -1.83 5.98 -8.09
CA ALA A 39 -2.11 5.59 -9.50
C ALA A 39 -1.01 6.16 -10.41
N ASP A 40 -1.37 6.60 -11.58
CA ASP A 40 -0.34 7.16 -12.50
C ASP A 40 0.60 8.09 -11.73
N LYS A 41 0.06 9.03 -10.99
CA LYS A 41 0.94 9.95 -10.23
C LYS A 41 0.12 11.16 -9.75
N ARG A 42 -0.97 11.45 -10.39
CA ARG A 42 -1.80 12.62 -9.98
C ARG A 42 -2.62 12.30 -8.73
N VAL A 43 -2.00 12.30 -7.58
CA VAL A 43 -2.77 12.01 -6.32
C VAL A 43 -2.31 12.99 -5.23
N GLU A 44 -2.28 14.26 -5.54
CA GLU A 44 -1.83 15.26 -4.54
C GLU A 44 -2.50 14.97 -3.20
N LYS A 45 -3.69 14.42 -3.22
CA LYS A 45 -4.38 14.10 -1.95
C LYS A 45 -4.47 12.59 -1.78
N VAL A 46 -3.82 12.05 -0.79
CA VAL A 46 -3.88 10.57 -0.57
C VAL A 46 -5.25 10.22 -0.01
N THR A 47 -5.91 11.18 0.59
CA THR A 47 -7.26 10.91 1.15
C THR A 47 -8.29 10.90 0.02
N ASP A 48 -7.85 11.02 -1.20
CA ASP A 48 -8.81 11.00 -2.35
C ASP A 48 -8.74 9.64 -3.03
N TYR A 49 -7.59 9.02 -2.98
CA TYR A 49 -7.43 7.69 -3.62
C TYR A 49 -7.62 6.60 -2.58
N LEU A 50 -7.28 6.88 -1.35
CA LEU A 50 -7.43 5.86 -0.28
C LEU A 50 -8.64 6.18 0.57
N GLN A 51 -9.44 5.19 0.85
CA GLN A 51 -10.66 5.40 1.67
C GLN A 51 -10.78 4.27 2.69
N MET A 52 -10.84 4.58 3.96
CA MET A 52 -10.95 3.51 4.99
C MET A 52 -12.10 2.55 4.68
N GLY A 53 -11.79 1.34 4.30
CA GLY A 53 -12.87 0.35 4.00
C GLY A 53 -12.74 -0.19 2.57
N GLN A 54 -11.89 0.41 1.78
CA GLN A 54 -11.72 -0.07 0.38
C GLN A 54 -10.81 -1.29 0.33
N GLU A 55 -10.64 -1.88 -0.83
CA GLU A 55 -9.76 -3.07 -0.96
C GLU A 55 -9.03 -2.99 -2.30
N VAL A 56 -7.72 -2.91 -2.27
CA VAL A 56 -6.97 -2.80 -3.55
C VAL A 56 -5.74 -3.74 -3.53
N PRO A 57 -5.44 -4.28 -4.69
CA PRO A 57 -4.28 -5.18 -4.87
C PRO A 57 -3.01 -4.34 -5.07
N VAL A 58 -1.86 -4.88 -4.77
CA VAL A 58 -0.62 -4.09 -4.96
C VAL A 58 0.56 -5.02 -5.26
N LYS A 59 1.75 -4.48 -5.32
CA LYS A 59 2.95 -5.32 -5.61
C LYS A 59 3.95 -5.15 -4.48
N VAL A 60 4.43 -6.23 -3.92
CA VAL A 60 5.40 -6.12 -2.80
C VAL A 60 6.65 -5.36 -3.25
N LEU A 61 6.65 -4.06 -3.07
CA LEU A 61 7.83 -3.27 -3.48
C LEU A 61 9.07 -3.75 -2.72
N GLU A 62 8.84 -4.46 -1.63
CA GLU A 62 9.96 -5.00 -0.79
C GLU A 62 10.21 -4.07 0.40
N VAL A 63 11.35 -4.19 1.02
CA VAL A 63 11.68 -3.34 2.18
C VAL A 63 13.16 -2.92 2.11
N ASP A 64 13.42 -1.65 2.03
CA ASP A 64 14.84 -1.19 1.95
C ASP A 64 15.32 -0.79 3.35
N ARG A 65 16.34 0.02 3.42
CA ARG A 65 16.84 0.45 4.76
C ARG A 65 15.65 0.81 5.65
N GLN A 66 15.05 1.95 5.43
CA GLN A 66 13.87 2.33 6.24
C GLN A 66 12.60 2.11 5.42
N GLY A 67 11.68 1.34 5.93
CA GLY A 67 10.43 1.07 5.16
C GLY A 67 9.88 -0.30 5.54
N ARG A 68 8.86 -0.34 6.33
CA ARG A 68 8.28 -1.64 6.75
C ARG A 68 7.23 -2.09 5.71
N ILE A 69 7.38 -3.27 5.18
CA ILE A 69 6.40 -3.75 4.17
C ILE A 69 6.12 -2.63 3.16
N ARG A 70 6.93 -2.52 2.13
CA ARG A 70 6.70 -1.44 1.14
C ARG A 70 5.77 -1.95 0.04
N LEU A 71 4.49 -1.82 0.22
CA LEU A 71 3.54 -2.30 -0.82
C LEU A 71 3.26 -1.15 -1.80
N SER A 72 3.17 -1.46 -3.07
CA SER A 72 2.90 -0.39 -4.07
C SER A 72 1.56 -0.62 -4.74
N ILE A 73 0.59 0.21 -4.45
CA ILE A 73 -0.76 0.04 -5.07
C ILE A 73 -0.58 -0.31 -6.55
N LYS A 74 -1.18 -1.38 -7.00
CA LYS A 74 -1.04 -1.77 -8.43
C LYS A 74 -1.63 -0.67 -9.31
N GLU A 75 -1.98 -1.00 -10.52
CA GLU A 75 -2.55 0.03 -11.45
C GLU A 75 -4.07 -0.13 -11.50
N ALA A 76 -4.71 -0.25 -10.37
CA ALA A 76 -6.19 -0.40 -10.37
C ALA A 76 -6.83 0.85 -9.76
N ALA A 1 5.16 -18.44 7.64
CA ALA A 1 6.48 -17.88 8.05
C ALA A 1 6.92 -16.83 7.04
N GLU A 2 6.40 -15.63 7.14
CA GLU A 2 6.80 -14.57 6.17
C GLU A 2 6.31 -14.93 4.77
N ILE A 3 6.64 -14.14 3.79
CA ILE A 3 6.19 -14.44 2.41
C ILE A 3 7.38 -14.37 1.45
N GLU A 4 7.11 -14.23 0.18
CA GLU A 4 8.22 -14.16 -0.81
C GLU A 4 8.04 -12.91 -1.68
N VAL A 5 8.95 -11.99 -1.62
CA VAL A 5 8.82 -10.75 -2.43
C VAL A 5 8.56 -11.11 -3.89
N GLY A 6 8.12 -10.17 -4.68
CA GLY A 6 7.84 -10.46 -6.11
C GLY A 6 6.43 -11.03 -6.24
N ARG A 7 5.76 -11.25 -5.14
CA ARG A 7 4.39 -11.81 -5.19
C ARG A 7 3.37 -10.67 -5.13
N VAL A 8 2.17 -10.91 -5.60
CA VAL A 8 1.13 -9.84 -5.58
C VAL A 8 0.34 -9.94 -4.27
N TYR A 9 -0.23 -8.86 -3.81
CA TYR A 9 -1.00 -8.90 -2.54
C TYR A 9 -2.33 -8.18 -2.70
N THR A 10 -3.03 -8.00 -1.62
CA THR A 10 -4.34 -7.30 -1.64
C THR A 10 -4.62 -6.82 -0.22
N GLY A 11 -4.77 -5.54 -0.02
CA GLY A 11 -5.01 -5.05 1.37
C GLY A 11 -6.18 -4.08 1.43
N LYS A 12 -6.68 -3.84 2.61
CA LYS A 12 -7.81 -2.89 2.76
C LYS A 12 -7.27 -1.56 3.27
N VAL A 13 -8.05 -0.52 3.26
CA VAL A 13 -7.52 0.78 3.75
C VAL A 13 -7.76 0.85 5.26
N THR A 14 -6.74 0.58 6.03
CA THR A 14 -6.91 0.60 7.52
C THR A 14 -6.25 1.85 8.09
N ARG A 15 -5.61 2.65 7.28
CA ARG A 15 -4.95 3.87 7.82
C ARG A 15 -4.57 4.82 6.67
N ILE A 16 -4.45 6.09 6.96
CA ILE A 16 -4.09 7.09 5.91
C ILE A 16 -3.21 8.16 6.55
N VAL A 17 -2.42 8.87 5.77
CA VAL A 17 -1.53 9.90 6.38
C VAL A 17 -1.49 11.17 5.49
N ASP A 18 -1.19 12.30 6.05
CA ASP A 18 -1.12 13.54 5.22
C ASP A 18 -0.05 13.38 4.14
N PHE A 19 1.07 12.80 4.48
CA PHE A 19 2.16 12.62 3.48
C PHE A 19 1.99 11.28 2.77
N GLY A 20 0.80 10.75 2.71
CA GLY A 20 0.62 9.43 2.02
C GLY A 20 -0.61 8.69 2.56
N ALA A 21 -0.56 7.39 2.55
CA ALA A 21 -1.70 6.58 3.05
C ALA A 21 -1.19 5.23 3.50
N PHE A 22 -1.79 4.65 4.51
CA PHE A 22 -1.34 3.32 4.99
C PHE A 22 -2.37 2.27 4.59
N VAL A 23 -2.01 1.02 4.59
CA VAL A 23 -2.98 -0.04 4.21
C VAL A 23 -2.62 -1.35 4.93
N ALA A 24 -3.52 -2.30 4.96
CA ALA A 24 -3.22 -3.58 5.65
C ALA A 24 -3.47 -4.77 4.70
N ILE A 25 -2.76 -5.85 4.87
CA ILE A 25 -2.98 -7.03 3.97
C ILE A 25 -3.56 -8.19 4.79
N GLY A 26 -4.20 -7.88 5.89
CA GLY A 26 -4.79 -8.97 6.72
C GLY A 26 -4.34 -8.80 8.17
N GLY A 27 -4.53 -9.82 8.99
CA GLY A 27 -4.12 -9.70 10.41
C GLY A 27 -2.69 -10.23 10.57
N GLY A 28 -1.71 -9.38 10.42
CA GLY A 28 -0.30 -9.83 10.56
C GLY A 28 0.62 -8.84 9.84
N LYS A 29 0.42 -8.65 8.56
CA LYS A 29 1.28 -7.70 7.81
C LYS A 29 0.41 -6.59 7.21
N GLU A 30 0.98 -5.44 6.99
CA GLU A 30 0.16 -4.33 6.42
C GLU A 30 0.87 -3.71 5.21
N GLY A 31 0.11 -3.16 4.30
CA GLY A 31 0.70 -2.53 3.10
C GLY A 31 0.76 -1.02 3.33
N LEU A 32 1.15 -0.25 2.35
CA LEU A 32 1.20 1.22 2.55
C LEU A 32 0.95 1.98 1.26
N VAL A 33 -0.05 2.82 1.24
CA VAL A 33 -0.31 3.64 0.02
C VAL A 33 0.38 4.98 0.22
N HIS A 34 1.68 4.99 0.34
CA HIS A 34 2.38 6.28 0.54
C HIS A 34 1.91 7.27 -0.52
N ILE A 35 2.00 8.55 -0.25
CA ILE A 35 1.56 9.57 -1.23
C ILE A 35 2.10 9.25 -2.63
N SER A 36 3.37 8.99 -2.76
CA SER A 36 3.94 8.70 -4.11
C SER A 36 3.69 7.22 -4.48
N GLN A 37 2.52 6.71 -4.21
CA GLN A 37 2.24 5.28 -4.57
C GLN A 37 0.76 5.09 -4.86
N ILE A 38 0.18 5.89 -5.71
CA ILE A 38 -1.27 5.73 -6.02
C ILE A 38 -1.48 5.63 -7.53
N ALA A 39 -1.81 6.72 -8.16
CA ALA A 39 -2.06 6.71 -9.62
C ALA A 39 -0.83 7.22 -10.37
N ASP A 40 0.32 6.65 -10.10
CA ASP A 40 1.56 7.09 -10.79
C ASP A 40 2.14 8.33 -10.09
N LYS A 41 1.30 9.29 -9.76
CA LYS A 41 1.83 10.51 -9.09
C LYS A 41 0.74 11.57 -8.95
N ARG A 42 -0.24 11.54 -9.81
CA ARG A 42 -1.33 12.57 -9.73
C ARG A 42 -2.29 12.27 -8.58
N VAL A 43 -1.91 12.58 -7.37
CA VAL A 43 -2.81 12.35 -6.21
C VAL A 43 -2.61 13.47 -5.19
N GLU A 44 -2.99 14.67 -5.56
CA GLU A 44 -2.81 15.83 -4.63
C GLU A 44 -3.25 15.45 -3.22
N LYS A 45 -4.15 14.51 -3.09
CA LYS A 45 -4.62 14.10 -1.74
C LYS A 45 -4.58 12.59 -1.60
N VAL A 46 -4.02 12.09 -0.52
CA VAL A 46 -3.98 10.61 -0.33
C VAL A 46 -5.34 10.16 0.19
N THR A 47 -6.03 11.04 0.85
CA THR A 47 -7.39 10.70 1.39
C THR A 47 -8.41 10.80 0.25
N ASP A 48 -7.95 11.04 -0.96
CA ASP A 48 -8.89 11.13 -2.11
C ASP A 48 -8.77 9.85 -2.92
N TYR A 49 -7.64 9.20 -2.82
CA TYR A 49 -7.44 7.94 -3.57
C TYR A 49 -7.70 6.76 -2.64
N LEU A 50 -7.39 6.91 -1.38
CA LEU A 50 -7.66 5.78 -0.43
C LEU A 50 -8.89 6.11 0.42
N GLN A 51 -9.68 5.12 0.71
CA GLN A 51 -10.90 5.35 1.54
C GLN A 51 -10.97 4.27 2.61
N MET A 52 -11.25 4.64 3.83
CA MET A 52 -11.33 3.62 4.92
C MET A 52 -12.33 2.53 4.54
N GLY A 53 -11.85 1.39 4.11
CA GLY A 53 -12.78 0.28 3.74
C GLY A 53 -12.45 -0.22 2.33
N GLN A 54 -12.11 0.66 1.44
CA GLN A 54 -11.79 0.24 0.05
C GLN A 54 -10.62 -0.75 0.05
N GLU A 55 -10.78 -1.87 -0.60
CA GLU A 55 -9.68 -2.88 -0.64
C GLU A 55 -9.10 -2.90 -2.06
N VAL A 56 -7.80 -2.86 -2.18
CA VAL A 56 -7.19 -2.87 -3.54
C VAL A 56 -5.96 -3.80 -3.56
N PRO A 57 -5.69 -4.32 -4.72
CA PRO A 57 -4.54 -5.22 -4.95
C PRO A 57 -3.25 -4.42 -5.07
N VAL A 58 -2.12 -5.01 -4.78
CA VAL A 58 -0.84 -4.28 -4.89
C VAL A 58 0.27 -5.24 -5.30
N LYS A 59 1.49 -4.77 -5.35
CA LYS A 59 2.62 -5.65 -5.72
C LYS A 59 3.80 -5.41 -4.78
N VAL A 60 4.22 -6.42 -4.08
CA VAL A 60 5.38 -6.26 -3.14
C VAL A 60 6.52 -5.54 -3.86
N LEU A 61 6.59 -4.25 -3.71
CA LEU A 61 7.67 -3.49 -4.39
C LEU A 61 8.99 -3.73 -3.67
N GLU A 62 8.93 -4.04 -2.38
CA GLU A 62 10.16 -4.31 -1.56
C GLU A 62 10.02 -3.59 -0.21
N VAL A 63 10.74 -4.03 0.79
CA VAL A 63 10.63 -3.36 2.12
C VAL A 63 11.65 -2.21 2.18
N ASP A 64 11.20 -1.04 2.57
CA ASP A 64 12.14 0.12 2.64
C ASP A 64 13.13 -0.08 3.79
N ARG A 65 13.96 0.91 4.03
CA ARG A 65 14.96 0.78 5.13
C ARG A 65 14.25 0.93 6.48
N GLN A 66 12.98 1.20 6.48
CA GLN A 66 12.25 1.36 7.77
C GLN A 66 11.69 0.00 8.20
N GLY A 67 12.07 -1.05 7.52
CA GLY A 67 11.55 -2.40 7.88
C GLY A 67 10.06 -2.48 7.52
N ARG A 68 9.53 -1.49 6.87
CA ARG A 68 8.10 -1.53 6.48
C ARG A 68 7.95 -2.13 5.08
N ILE A 69 6.85 -2.75 4.81
CA ILE A 69 6.65 -3.37 3.47
C ILE A 69 6.19 -2.31 2.47
N ARG A 70 6.92 -2.11 1.41
CA ARG A 70 6.51 -1.10 0.40
C ARG A 70 5.63 -1.77 -0.64
N LEU A 71 4.34 -1.66 -0.50
CA LEU A 71 3.42 -2.30 -1.48
C LEU A 71 3.13 -1.32 -2.61
N SER A 72 3.00 -1.83 -3.82
CA SER A 72 2.73 -0.94 -4.98
C SER A 72 1.24 -0.99 -5.32
N ILE A 73 0.58 0.13 -5.33
CA ILE A 73 -0.88 0.15 -5.67
C ILE A 73 -1.07 -0.34 -7.12
N LYS A 74 -1.86 -1.36 -7.31
CA LYS A 74 -2.09 -1.86 -8.69
C LYS A 74 -2.85 -0.80 -9.50
N GLU A 75 -3.12 -1.08 -10.75
CA GLU A 75 -3.86 -0.09 -11.60
C GLU A 75 -5.36 -0.33 -11.45
N ALA A 76 -5.81 -0.56 -10.24
CA ALA A 76 -7.27 -0.79 -10.04
C ALA A 76 -8.05 0.48 -10.42
N ALA A 1 4.75 -19.61 4.86
CA ALA A 1 5.70 -20.08 3.83
C ALA A 1 6.64 -18.93 3.43
N GLU A 2 7.52 -19.16 2.49
CA GLU A 2 8.46 -18.09 2.07
C GLU A 2 7.86 -17.32 0.90
N ILE A 3 6.98 -16.41 1.18
CA ILE A 3 6.36 -15.59 0.11
C ILE A 3 7.46 -15.13 -0.85
N GLU A 4 7.08 -14.57 -1.97
CA GLU A 4 8.11 -14.10 -2.95
C GLU A 4 7.88 -12.62 -3.24
N VAL A 5 8.95 -11.86 -3.36
CA VAL A 5 8.79 -10.41 -3.65
C VAL A 5 8.23 -10.23 -5.06
N GLY A 6 7.76 -9.06 -5.39
CA GLY A 6 7.19 -8.83 -6.74
C GLY A 6 5.80 -9.48 -6.81
N ARG A 7 5.36 -10.06 -5.72
CA ARG A 7 4.02 -10.71 -5.71
C ARG A 7 2.93 -9.65 -5.49
N VAL A 8 1.69 -10.00 -5.66
CA VAL A 8 0.60 -9.02 -5.47
C VAL A 8 -0.17 -9.33 -4.18
N TYR A 9 -0.12 -8.45 -3.22
CA TYR A 9 -0.84 -8.69 -1.94
C TYR A 9 -2.24 -8.07 -2.04
N THR A 10 -2.93 -7.99 -0.94
CA THR A 10 -4.29 -7.38 -0.92
C THR A 10 -4.52 -6.79 0.46
N GLY A 11 -4.67 -5.50 0.56
CA GLY A 11 -4.87 -4.89 1.90
C GLY A 11 -6.08 -3.97 1.91
N LYS A 12 -6.69 -3.81 3.05
CA LYS A 12 -7.87 -2.90 3.14
C LYS A 12 -7.38 -1.53 3.58
N VAL A 13 -8.21 -0.54 3.49
CA VAL A 13 -7.77 0.81 3.91
C VAL A 13 -8.04 0.96 5.41
N THR A 14 -7.03 0.91 6.22
CA THR A 14 -7.24 1.03 7.69
C THR A 14 -6.69 2.36 8.20
N ARG A 15 -6.08 3.14 7.36
CA ARG A 15 -5.53 4.46 7.81
C ARG A 15 -5.01 5.26 6.61
N ILE A 16 -5.05 6.57 6.70
CA ILE A 16 -4.56 7.43 5.59
C ILE A 16 -3.73 8.57 6.18
N VAL A 17 -2.92 9.23 5.41
CA VAL A 17 -2.10 10.34 5.99
C VAL A 17 -2.05 11.53 5.01
N ASP A 18 -1.86 12.71 5.50
CA ASP A 18 -1.79 13.90 4.59
C ASP A 18 -0.64 13.69 3.58
N PHE A 19 0.48 13.23 4.05
CA PHE A 19 1.65 13.02 3.12
C PHE A 19 1.61 11.61 2.55
N GLY A 20 0.45 11.01 2.42
CA GLY A 20 0.41 9.62 1.85
C GLY A 20 -0.82 8.86 2.36
N ALA A 21 -0.74 7.56 2.40
CA ALA A 21 -1.88 6.75 2.87
C ALA A 21 -1.37 5.45 3.48
N PHE A 22 -2.04 4.94 4.47
CA PHE A 22 -1.61 3.68 5.11
C PHE A 22 -2.57 2.56 4.71
N VAL A 23 -2.16 1.33 4.84
CA VAL A 23 -3.06 0.21 4.46
C VAL A 23 -2.74 -1.03 5.31
N ALA A 24 -3.60 -2.01 5.29
CA ALA A 24 -3.35 -3.23 6.11
C ALA A 24 -3.56 -4.49 5.25
N ILE A 25 -2.78 -5.52 5.46
CA ILE A 25 -2.95 -6.76 4.64
C ILE A 25 -3.38 -7.92 5.55
N GLY A 26 -4.33 -7.68 6.41
CA GLY A 26 -4.79 -8.77 7.32
C GLY A 26 -4.70 -8.31 8.77
N GLY A 27 -4.71 -9.23 9.70
CA GLY A 27 -4.64 -8.84 11.14
C GLY A 27 -3.26 -9.21 11.69
N GLY A 28 -2.21 -8.85 11.00
CA GLY A 28 -0.84 -9.16 11.48
C GLY A 28 0.17 -8.24 10.79
N LYS A 29 0.07 -8.10 9.51
CA LYS A 29 1.00 -7.21 8.77
C LYS A 29 0.19 -6.12 8.06
N GLU A 30 0.75 -4.95 7.89
CA GLU A 30 -0.02 -3.87 7.21
C GLU A 30 0.74 -3.33 6.00
N GLY A 31 0.03 -2.83 5.04
CA GLY A 31 0.68 -2.26 3.82
C GLY A 31 0.70 -0.74 3.97
N LEU A 32 1.17 -0.03 2.97
CA LEU A 32 1.18 1.45 3.09
C LEU A 32 1.04 2.11 1.72
N VAL A 33 0.03 2.90 1.54
CA VAL A 33 -0.13 3.60 0.24
C VAL A 33 0.47 5.00 0.38
N HIS A 34 1.75 5.10 0.64
CA HIS A 34 2.35 6.44 0.79
C HIS A 34 1.94 7.31 -0.40
N ILE A 35 1.96 8.60 -0.24
CA ILE A 35 1.57 9.50 -1.36
C ILE A 35 2.26 9.03 -2.65
N SER A 36 3.53 8.81 -2.60
CA SER A 36 4.27 8.36 -3.82
C SER A 36 4.10 6.85 -4.03
N GLN A 37 2.92 6.32 -3.80
CA GLN A 37 2.73 4.86 -3.99
C GLN A 37 1.30 4.58 -4.42
N ILE A 38 0.68 5.48 -5.13
CA ILE A 38 -0.72 5.23 -5.57
C ILE A 38 -0.74 4.89 -7.06
N ALA A 39 -0.97 5.86 -7.90
CA ALA A 39 -1.02 5.61 -9.36
C ALA A 39 0.20 6.25 -10.01
N ASP A 40 0.08 6.65 -11.25
CA ASP A 40 1.24 7.27 -11.95
C ASP A 40 1.89 8.33 -11.04
N LYS A 41 1.14 9.29 -10.59
CA LYS A 41 1.71 10.35 -9.71
C LYS A 41 0.71 11.50 -9.49
N ARG A 42 -0.41 11.51 -10.18
CA ARG A 42 -1.39 12.61 -10.00
C ARG A 42 -2.25 12.37 -8.76
N VAL A 43 -1.67 11.92 -7.68
CA VAL A 43 -2.48 11.69 -6.44
C VAL A 43 -2.18 12.79 -5.42
N GLU A 44 -2.19 14.02 -5.85
CA GLU A 44 -1.91 15.13 -4.89
C GLU A 44 -2.72 14.88 -3.62
N LYS A 45 -3.81 14.20 -3.74
CA LYS A 45 -4.64 13.90 -2.55
C LYS A 45 -4.65 12.38 -2.33
N VAL A 46 -4.07 11.93 -1.25
CA VAL A 46 -4.04 10.46 -0.99
C VAL A 46 -5.44 10.02 -0.55
N THR A 47 -6.19 10.93 0.01
CA THR A 47 -7.58 10.59 0.44
C THR A 47 -8.50 10.54 -0.78
N ASP A 48 -7.96 10.67 -1.96
CA ASP A 48 -8.80 10.62 -3.18
C ASP A 48 -8.64 9.24 -3.80
N TYR A 49 -7.48 8.66 -3.67
CA TYR A 49 -7.24 7.31 -4.23
C TYR A 49 -7.59 6.27 -3.17
N LEU A 50 -7.32 6.56 -1.93
CA LEU A 50 -7.65 5.58 -0.85
C LEU A 50 -8.93 5.98 -0.13
N GLN A 51 -9.58 5.04 0.51
CA GLN A 51 -10.83 5.34 1.25
C GLN A 51 -10.93 4.39 2.44
N MET A 52 -11.13 4.90 3.62
CA MET A 52 -11.22 4.01 4.81
C MET A 52 -12.39 3.02 4.65
N GLY A 53 -12.11 1.76 4.50
CA GLY A 53 -13.20 0.76 4.35
C GLY A 53 -13.06 0.01 3.01
N GLN A 54 -12.45 0.62 2.04
CA GLN A 54 -12.29 -0.05 0.72
C GLN A 54 -11.22 -1.15 0.79
N GLU A 55 -11.03 -1.86 -0.28
CA GLU A 55 -10.01 -2.95 -0.30
C GLU A 55 -9.28 -2.90 -1.65
N VAL A 56 -7.97 -2.85 -1.63
CA VAL A 56 -7.23 -2.78 -2.92
C VAL A 56 -5.99 -3.68 -2.87
N PRO A 57 -5.69 -4.28 -4.00
CA PRO A 57 -4.52 -5.17 -4.14
C PRO A 57 -3.25 -4.34 -4.36
N VAL A 58 -2.11 -4.86 -4.00
CA VAL A 58 -0.85 -4.10 -4.21
C VAL A 58 0.27 -5.08 -4.56
N LYS A 59 1.49 -4.62 -4.55
CA LYS A 59 2.63 -5.51 -4.88
C LYS A 59 3.75 -5.31 -3.87
N VAL A 60 4.35 -6.37 -3.40
CA VAL A 60 5.45 -6.24 -2.40
C VAL A 60 6.64 -5.53 -3.06
N LEU A 61 6.64 -4.23 -3.03
CA LEU A 61 7.75 -3.46 -3.66
C LEU A 61 9.06 -3.92 -3.04
N GLU A 62 9.05 -4.27 -1.78
CA GLU A 62 10.33 -4.72 -1.13
C GLU A 62 10.14 -4.78 0.39
N VAL A 63 10.96 -5.55 1.05
CA VAL A 63 10.86 -5.65 2.53
C VAL A 63 12.24 -5.95 3.12
N ASP A 64 12.90 -6.95 2.62
CA ASP A 64 14.26 -7.29 3.13
C ASP A 64 15.08 -6.00 3.28
N ARG A 65 15.13 -5.20 2.26
CA ARG A 65 15.90 -3.94 2.35
C ARG A 65 15.20 -2.99 3.33
N GLN A 66 13.90 -3.00 3.33
CA GLN A 66 13.14 -2.12 4.26
C GLN A 66 12.11 -2.96 5.02
N GLY A 67 12.30 -3.12 6.31
CA GLY A 67 11.33 -3.94 7.10
C GLY A 67 10.02 -3.17 7.31
N ARG A 68 9.87 -2.02 6.71
CA ARG A 68 8.60 -1.26 6.89
C ARG A 68 7.61 -1.66 5.82
N ILE A 69 7.57 -2.93 5.51
CA ILE A 69 6.61 -3.44 4.47
C ILE A 69 6.46 -2.43 3.33
N ARG A 70 7.20 -2.58 2.27
CA ARG A 70 7.09 -1.63 1.14
C ARG A 70 6.01 -2.12 0.15
N LEU A 71 4.76 -1.86 0.45
CA LEU A 71 3.68 -2.31 -0.47
C LEU A 71 3.37 -1.19 -1.46
N SER A 72 3.06 -1.53 -2.68
CA SER A 72 2.75 -0.49 -3.70
C SER A 72 1.39 -0.77 -4.34
N ILE A 73 0.45 0.11 -4.16
CA ILE A 73 -0.89 -0.10 -4.76
C ILE A 73 -0.72 -0.61 -6.20
N LYS A 74 -1.48 -1.58 -6.60
CA LYS A 74 -1.35 -2.11 -7.99
C LYS A 74 -1.34 -0.95 -8.98
N GLU A 75 -1.05 -1.22 -10.22
CA GLU A 75 -1.03 -0.13 -11.24
C GLU A 75 -0.23 1.06 -10.69
N ALA A 76 0.89 0.82 -10.07
CA ALA A 76 1.69 1.94 -9.52
C ALA A 76 3.12 1.86 -10.08
N ALA A 1 5.24 -18.60 6.92
CA ALA A 1 6.61 -18.12 7.26
C ALA A 1 7.02 -17.03 6.25
N GLU A 2 6.99 -15.79 6.67
CA GLU A 2 7.39 -14.70 5.74
C GLU A 2 6.67 -14.85 4.41
N ILE A 3 6.94 -13.99 3.47
CA ILE A 3 6.27 -14.08 2.14
C ILE A 3 7.32 -14.09 1.03
N GLU A 4 6.90 -13.85 -0.18
CA GLU A 4 7.86 -13.83 -1.32
C GLU A 4 7.71 -12.52 -2.08
N VAL A 5 8.76 -11.73 -2.14
CA VAL A 5 8.67 -10.44 -2.87
C VAL A 5 8.22 -10.69 -4.31
N GLY A 6 7.66 -9.70 -4.95
CA GLY A 6 7.20 -9.88 -6.35
C GLY A 6 5.81 -10.51 -6.34
N ARG A 7 5.28 -10.80 -5.17
CA ARG A 7 3.93 -11.41 -5.10
C ARG A 7 2.86 -10.32 -5.03
N VAL A 8 1.65 -10.63 -5.44
CA VAL A 8 0.56 -9.62 -5.40
C VAL A 8 -0.20 -9.75 -4.08
N TYR A 9 -0.49 -8.65 -3.45
CA TYR A 9 -1.23 -8.72 -2.15
C TYR A 9 -2.59 -8.03 -2.28
N THR A 10 -3.28 -7.92 -1.18
CA THR A 10 -4.61 -7.25 -1.18
C THR A 10 -4.86 -6.77 0.25
N GLY A 11 -4.87 -5.48 0.47
CA GLY A 11 -5.07 -4.99 1.86
C GLY A 11 -6.22 -3.99 1.93
N LYS A 12 -6.84 -3.89 3.07
CA LYS A 12 -7.95 -2.93 3.23
C LYS A 12 -7.37 -1.60 3.70
N VAL A 13 -8.12 -0.53 3.61
CA VAL A 13 -7.56 0.76 4.07
C VAL A 13 -7.86 0.92 5.55
N THR A 14 -6.92 0.57 6.39
CA THR A 14 -7.14 0.67 7.85
C THR A 14 -6.56 1.98 8.39
N ARG A 15 -5.95 2.76 7.53
CA ARG A 15 -5.37 4.06 7.99
C ARG A 15 -4.87 4.85 6.78
N ILE A 16 -5.02 6.15 6.83
CA ILE A 16 -4.54 7.01 5.69
C ILE A 16 -3.74 8.16 6.28
N VAL A 17 -2.89 8.79 5.50
CA VAL A 17 -2.06 9.91 6.07
C VAL A 17 -2.05 11.11 5.11
N ASP A 18 -1.84 12.29 5.63
CA ASP A 18 -1.81 13.48 4.73
C ASP A 18 -0.66 13.34 3.73
N PHE A 19 0.47 12.83 4.18
CA PHE A 19 1.63 12.67 3.27
C PHE A 19 1.60 11.28 2.62
N GLY A 20 0.45 10.66 2.53
CA GLY A 20 0.40 9.31 1.92
C GLY A 20 -0.81 8.52 2.43
N ALA A 21 -0.72 7.21 2.45
CA ALA A 21 -1.86 6.40 2.93
C ALA A 21 -1.33 5.09 3.52
N PHE A 22 -1.96 4.61 4.55
CA PHE A 22 -1.53 3.34 5.18
C PHE A 22 -2.52 2.24 4.83
N VAL A 23 -2.12 1.00 4.87
CA VAL A 23 -3.07 -0.09 4.52
C VAL A 23 -2.69 -1.36 5.30
N ALA A 24 -3.61 -2.29 5.38
CA ALA A 24 -3.32 -3.55 6.12
C ALA A 24 -3.66 -4.75 5.22
N ILE A 25 -2.91 -5.82 5.31
CA ILE A 25 -3.22 -6.99 4.43
C ILE A 25 -3.91 -8.08 5.25
N GLY A 26 -4.17 -7.82 6.50
CA GLY A 26 -4.87 -8.85 7.34
C GLY A 26 -3.97 -9.29 8.50
N GLY A 27 -4.47 -10.11 9.36
CA GLY A 27 -3.65 -10.59 10.52
C GLY A 27 -2.36 -11.22 10.00
N GLY A 28 -1.32 -10.45 9.92
CA GLY A 28 -0.02 -11.00 9.43
C GLY A 28 0.91 -9.85 9.08
N LYS A 29 0.40 -8.82 8.46
CA LYS A 29 1.26 -7.65 8.11
C LYS A 29 0.39 -6.53 7.53
N GLU A 30 0.97 -5.38 7.33
CA GLU A 30 0.16 -4.26 6.79
C GLU A 30 0.86 -3.65 5.57
N GLY A 31 0.10 -3.14 4.65
CA GLY A 31 0.69 -2.51 3.43
C GLY A 31 0.72 -1.00 3.64
N LEU A 32 1.17 -0.25 2.68
CA LEU A 32 1.20 1.22 2.87
C LEU A 32 1.01 1.93 1.53
N VAL A 33 -0.06 2.66 1.39
CA VAL A 33 -0.27 3.41 0.14
C VAL A 33 0.37 4.78 0.30
N HIS A 34 1.65 4.83 0.54
CA HIS A 34 2.30 6.16 0.72
C HIS A 34 1.85 7.07 -0.42
N ILE A 35 1.91 8.35 -0.23
CA ILE A 35 1.48 9.31 -1.29
C ILE A 35 2.15 8.92 -2.61
N SER A 36 3.43 8.69 -2.59
CA SER A 36 4.16 8.32 -3.84
C SER A 36 3.96 6.82 -4.14
N GLN A 37 2.79 6.29 -3.94
CA GLN A 37 2.56 4.85 -4.21
C GLN A 37 1.11 4.65 -4.66
N ILE A 38 0.55 5.60 -5.36
CA ILE A 38 -0.86 5.46 -5.82
C ILE A 38 -0.91 5.33 -7.34
N ALA A 39 -1.15 6.40 -8.03
CA ALA A 39 -1.22 6.33 -9.52
C ALA A 39 0.09 6.84 -10.11
N ASP A 40 1.13 6.91 -9.33
CA ASP A 40 2.45 7.38 -9.84
C ASP A 40 2.51 8.90 -9.82
N LYS A 41 1.58 9.54 -10.49
CA LYS A 41 1.58 11.03 -10.50
C LYS A 41 1.44 11.55 -9.07
N ARG A 42 1.42 12.84 -8.90
CA ARG A 42 1.28 13.40 -7.52
C ARG A 42 -0.19 13.35 -7.08
N VAL A 43 -0.59 12.29 -6.42
CA VAL A 43 -2.00 12.21 -5.97
C VAL A 43 -2.28 13.41 -5.08
N GLU A 44 -2.82 14.46 -5.63
CA GLU A 44 -3.11 15.68 -4.84
C GLU A 44 -3.66 15.28 -3.46
N LYS A 45 -4.25 14.12 -3.35
CA LYS A 45 -4.80 13.70 -2.05
C LYS A 45 -4.79 12.18 -1.93
N VAL A 46 -4.11 11.66 -0.94
CA VAL A 46 -4.08 10.17 -0.76
C VAL A 46 -5.46 9.72 -0.28
N THR A 47 -6.17 10.60 0.38
CA THR A 47 -7.53 10.26 0.87
C THR A 47 -8.51 10.38 -0.30
N ASP A 48 -8.02 10.62 -1.48
CA ASP A 48 -8.92 10.73 -2.67
C ASP A 48 -8.76 9.46 -3.51
N TYR A 49 -7.61 8.86 -3.41
CA TYR A 49 -7.36 7.61 -4.18
C TYR A 49 -7.72 6.41 -3.30
N LEU A 50 -7.49 6.51 -2.02
CA LEU A 50 -7.83 5.39 -1.12
C LEU A 50 -9.02 5.76 -0.23
N GLN A 51 -9.78 4.79 0.19
CA GLN A 51 -10.95 5.09 1.06
C GLN A 51 -10.87 4.20 2.30
N MET A 52 -11.18 4.74 3.45
CA MET A 52 -11.12 3.94 4.71
C MET A 52 -12.13 2.79 4.63
N GLY A 53 -11.67 1.57 4.59
CA GLY A 53 -12.60 0.41 4.53
C GLY A 53 -12.54 -0.24 3.14
N GLN A 54 -12.12 0.48 2.15
CA GLN A 54 -12.05 -0.11 0.77
C GLN A 54 -10.84 -1.04 0.69
N GLU A 55 -10.95 -2.08 -0.11
CA GLU A 55 -9.81 -3.04 -0.24
C GLU A 55 -9.15 -2.85 -1.61
N VAL A 56 -7.86 -3.04 -1.69
CA VAL A 56 -7.17 -2.87 -3.01
C VAL A 56 -5.95 -3.79 -3.08
N PRO A 57 -5.75 -4.37 -4.25
CA PRO A 57 -4.61 -5.28 -4.50
C PRO A 57 -3.36 -4.46 -4.83
N VAL A 58 -2.19 -4.99 -4.54
CA VAL A 58 -0.94 -4.25 -4.86
C VAL A 58 0.17 -5.25 -5.20
N LYS A 59 1.38 -4.77 -5.33
CA LYS A 59 2.50 -5.71 -5.67
C LYS A 59 3.74 -5.35 -4.85
N VAL A 60 4.24 -6.27 -4.07
CA VAL A 60 5.46 -5.99 -3.26
C VAL A 60 6.54 -5.41 -4.17
N LEU A 61 6.58 -4.12 -4.29
CA LEU A 61 7.60 -3.49 -5.16
C LEU A 61 8.99 -3.73 -4.58
N GLU A 62 9.10 -3.91 -3.29
CA GLU A 62 10.44 -4.15 -2.67
C GLU A 62 10.38 -3.90 -1.16
N VAL A 63 11.23 -4.55 -0.41
CA VAL A 63 11.25 -4.34 1.05
C VAL A 63 12.67 -4.58 1.59
N ASP A 64 12.99 -5.81 1.92
CA ASP A 64 14.37 -6.12 2.43
C ASP A 64 14.83 -5.04 3.41
N ARG A 65 16.09 -5.04 3.76
CA ARG A 65 16.59 -4.00 4.71
C ARG A 65 16.46 -2.62 4.07
N GLN A 66 16.54 -2.57 2.76
CA GLN A 66 16.42 -1.26 2.06
C GLN A 66 15.04 -1.19 1.40
N GLY A 67 14.02 -0.98 2.18
CA GLY A 67 12.64 -0.89 1.60
C GLY A 67 11.62 -1.22 2.70
N ARG A 68 10.98 -0.22 3.22
CA ARG A 68 9.97 -0.47 4.29
C ARG A 68 8.60 -0.73 3.66
N ILE A 69 8.25 -1.96 3.49
CA ILE A 69 6.94 -2.30 2.88
C ILE A 69 6.69 -1.42 1.64
N ARG A 70 7.48 -1.58 0.61
CA ARG A 70 7.26 -0.76 -0.61
C ARG A 70 6.31 -1.50 -1.55
N LEU A 71 5.03 -1.38 -1.33
CA LEU A 71 4.06 -2.09 -2.20
C LEU A 71 3.69 -1.22 -3.39
N SER A 72 3.10 -1.82 -4.40
CA SER A 72 2.72 -1.04 -5.61
C SER A 72 1.20 -1.13 -5.80
N ILE A 73 0.51 -0.03 -5.64
CA ILE A 73 -0.96 -0.04 -5.81
C ILE A 73 -1.32 -0.60 -7.20
N LYS A 74 -2.30 -1.46 -7.28
CA LYS A 74 -2.68 -2.05 -8.59
C LYS A 74 -2.67 -0.97 -9.66
N GLU A 75 -3.11 0.20 -9.33
CA GLU A 75 -3.11 1.31 -10.31
C GLU A 75 -1.80 2.08 -10.21
N ALA A 76 -0.70 1.37 -10.16
CA ALA A 76 0.62 2.05 -10.05
C ALA A 76 1.61 1.42 -11.03
N ALA A 1 -1.97 -20.86 4.59
CA ALA A 1 -1.21 -20.60 3.34
C ALA A 1 -0.51 -19.25 3.43
N GLU A 2 0.79 -19.24 3.34
CA GLU A 2 1.54 -17.96 3.42
C GLU A 2 1.78 -17.41 2.01
N ILE A 3 2.73 -16.55 1.86
CA ILE A 3 3.00 -15.99 0.50
C ILE A 3 4.51 -15.76 0.34
N GLU A 4 4.90 -15.00 -0.64
CA GLU A 4 6.35 -14.73 -0.85
C GLU A 4 6.54 -13.35 -1.46
N VAL A 5 7.66 -12.73 -1.21
CA VAL A 5 7.90 -11.37 -1.77
C VAL A 5 7.88 -11.46 -3.31
N GLY A 6 7.84 -10.34 -3.97
CA GLY A 6 7.79 -10.37 -5.46
C GLY A 6 6.42 -10.88 -5.92
N ARG A 7 5.50 -11.00 -5.00
CA ARG A 7 4.14 -11.50 -5.37
C ARG A 7 3.14 -10.35 -5.27
N VAL A 8 1.91 -10.59 -5.64
CA VAL A 8 0.89 -9.50 -5.55
C VAL A 8 0.19 -9.57 -4.19
N TYR A 9 0.21 -8.50 -3.44
CA TYR A 9 -0.44 -8.52 -2.10
C TYR A 9 -1.68 -7.64 -2.11
N THR A 10 -2.78 -8.14 -1.64
CA THR A 10 -4.01 -7.29 -1.60
C THR A 10 -3.91 -6.41 -0.37
N GLY A 11 -3.54 -5.16 -0.55
CA GLY A 11 -3.40 -4.25 0.62
C GLY A 11 -4.76 -3.73 1.06
N LYS A 12 -5.08 -3.91 2.31
CA LYS A 12 -6.38 -3.40 2.84
C LYS A 12 -6.18 -1.98 3.32
N VAL A 13 -7.15 -1.13 3.23
CA VAL A 13 -6.94 0.26 3.70
C VAL A 13 -7.27 0.33 5.19
N THR A 14 -6.27 0.56 6.01
CA THR A 14 -6.52 0.62 7.47
C THR A 14 -6.05 1.97 8.03
N ARG A 15 -5.42 2.78 7.24
CA ARG A 15 -4.95 4.10 7.75
C ARG A 15 -4.59 5.03 6.57
N ILE A 16 -4.67 6.31 6.77
CA ILE A 16 -4.33 7.29 5.69
C ILE A 16 -3.59 8.47 6.32
N VAL A 17 -2.89 9.24 5.53
CA VAL A 17 -2.15 10.40 6.12
C VAL A 17 -2.26 11.62 5.19
N ASP A 18 -2.15 12.81 5.72
CA ASP A 18 -2.24 14.01 4.86
C ASP A 18 -1.14 13.94 3.79
N PHE A 19 0.04 13.54 4.18
CA PHE A 19 1.17 13.45 3.21
C PHE A 19 1.20 12.06 2.56
N GLY A 20 0.08 11.41 2.43
CA GLY A 20 0.11 10.05 1.80
C GLY A 20 -1.01 9.17 2.37
N ALA A 21 -0.77 7.88 2.44
CA ALA A 21 -1.81 6.95 2.97
C ALA A 21 -1.12 5.71 3.51
N PHE A 22 -1.68 5.09 4.51
CA PHE A 22 -1.07 3.87 5.09
C PHE A 22 -1.91 2.66 4.68
N VAL A 23 -1.37 1.48 4.79
CA VAL A 23 -2.15 0.27 4.39
C VAL A 23 -1.72 -0.92 5.26
N ALA A 24 -2.54 -1.94 5.33
CA ALA A 24 -2.18 -3.13 6.15
C ALA A 24 -2.45 -4.40 5.34
N ILE A 25 -1.55 -5.36 5.36
CA ILE A 25 -1.77 -6.62 4.60
C ILE A 25 -2.05 -7.76 5.57
N GLY A 26 -1.06 -8.56 5.89
CA GLY A 26 -1.28 -9.68 6.84
C GLY A 26 -0.16 -10.71 6.66
N GLY A 27 0.00 -11.23 5.48
CA GLY A 27 1.08 -12.25 5.25
C GLY A 27 2.37 -11.78 5.92
N GLY A 28 2.60 -10.50 5.95
CA GLY A 28 3.84 -9.99 6.60
C GLY A 28 3.46 -9.00 7.70
N LYS A 29 2.96 -7.85 7.32
CA LYS A 29 2.57 -6.85 8.35
C LYS A 29 1.67 -5.78 7.71
N GLU A 30 2.17 -4.59 7.51
CA GLU A 30 1.31 -3.54 6.91
C GLU A 30 1.99 -2.89 5.70
N GLY A 31 1.21 -2.43 4.77
CA GLY A 31 1.78 -1.77 3.56
C GLY A 31 1.63 -0.26 3.72
N LEU A 32 1.93 0.51 2.72
CA LEU A 32 1.78 1.99 2.87
C LEU A 32 1.45 2.63 1.52
N VAL A 33 0.35 3.33 1.45
CA VAL A 33 0.01 4.02 0.19
C VAL A 33 0.49 5.47 0.31
N HIS A 34 1.77 5.66 0.49
CA HIS A 34 2.28 7.05 0.63
C HIS A 34 1.69 7.90 -0.50
N ILE A 35 1.65 9.19 -0.32
CA ILE A 35 1.08 10.08 -1.37
C ILE A 35 1.65 9.69 -2.74
N SER A 36 2.94 9.59 -2.85
CA SER A 36 3.55 9.22 -4.16
C SER A 36 3.51 7.69 -4.36
N GLN A 37 2.41 7.07 -4.07
CA GLN A 37 2.34 5.59 -4.25
C GLN A 37 0.94 5.18 -4.72
N ILE A 38 0.28 5.99 -5.51
CA ILE A 38 -1.08 5.62 -5.98
C ILE A 38 -1.11 5.55 -7.51
N ALA A 39 -1.57 6.60 -8.14
CA ALA A 39 -1.66 6.61 -9.62
C ALA A 39 -0.45 7.37 -10.18
N ASP A 40 0.71 7.14 -9.63
CA ASP A 40 1.93 7.83 -10.11
C ASP A 40 2.01 9.23 -9.46
N LYS A 41 1.05 10.07 -9.74
CA LYS A 41 1.10 11.44 -9.15
C LYS A 41 -0.23 12.20 -9.35
N ARG A 42 -1.20 11.60 -10.00
CA ARG A 42 -2.50 12.32 -10.22
C ARG A 42 -3.37 12.23 -8.96
N VAL A 43 -2.80 11.95 -7.81
CA VAL A 43 -3.62 11.86 -6.58
C VAL A 43 -3.46 13.13 -5.76
N GLU A 44 -3.95 14.23 -6.26
CA GLU A 44 -3.83 15.51 -5.51
C GLU A 44 -4.22 15.26 -4.06
N LYS A 45 -5.00 14.24 -3.80
CA LYS A 45 -5.43 13.94 -2.41
C LYS A 45 -5.30 12.44 -2.15
N VAL A 46 -4.55 12.06 -1.16
CA VAL A 46 -4.40 10.59 -0.86
C VAL A 46 -5.70 10.09 -0.23
N THR A 47 -6.45 10.97 0.36
CA THR A 47 -7.74 10.55 0.97
C THR A 47 -8.77 10.31 -0.13
N ASP A 48 -8.40 10.47 -1.36
CA ASP A 48 -9.36 10.25 -2.48
C ASP A 48 -9.09 8.87 -3.12
N TYR A 49 -7.84 8.48 -3.19
CA TYR A 49 -7.53 7.16 -3.78
C TYR A 49 -7.52 6.10 -2.68
N LEU A 50 -7.20 6.50 -1.49
CA LEU A 50 -7.16 5.53 -0.35
C LEU A 50 -8.33 5.80 0.59
N GLN A 51 -8.93 4.76 1.11
CA GLN A 51 -10.08 4.95 2.04
C GLN A 51 -10.14 3.78 3.01
N MET A 52 -10.26 4.06 4.29
CA MET A 52 -10.33 2.96 5.30
C MET A 52 -11.55 2.07 5.04
N GLY A 53 -11.34 0.89 4.54
CA GLY A 53 -12.50 -0.02 4.28
C GLY A 53 -12.38 -0.63 2.88
N GLN A 54 -11.82 0.07 1.95
CA GLN A 54 -11.69 -0.48 0.57
C GLN A 54 -10.49 -1.43 0.51
N GLU A 55 -10.45 -2.26 -0.51
CA GLU A 55 -9.31 -3.21 -0.64
C GLU A 55 -8.69 -3.03 -2.03
N VAL A 56 -7.38 -3.04 -2.11
CA VAL A 56 -6.74 -2.86 -3.45
C VAL A 56 -5.53 -3.79 -3.58
N PRO A 57 -5.32 -4.28 -4.77
CA PRO A 57 -4.21 -5.20 -5.07
C PRO A 57 -2.91 -4.40 -5.25
N VAL A 58 -1.81 -4.96 -4.85
CA VAL A 58 -0.52 -4.23 -4.99
C VAL A 58 0.62 -5.22 -5.24
N LYS A 59 1.84 -4.73 -5.28
CA LYS A 59 2.99 -5.64 -5.50
C LYS A 59 3.99 -5.47 -4.35
N VAL A 60 4.49 -6.57 -3.84
CA VAL A 60 5.47 -6.48 -2.72
C VAL A 60 6.76 -5.84 -3.21
N LEU A 61 6.86 -4.54 -3.10
CA LEU A 61 8.09 -3.85 -3.57
C LEU A 61 9.29 -4.28 -2.73
N GLU A 62 9.03 -4.87 -1.59
CA GLU A 62 10.12 -5.35 -0.66
C GLU A 62 10.37 -4.29 0.41
N VAL A 63 11.33 -4.52 1.26
CA VAL A 63 11.62 -3.53 2.33
C VAL A 63 13.01 -2.92 2.12
N ASP A 64 13.11 -1.62 2.15
CA ASP A 64 14.43 -0.98 1.94
C ASP A 64 14.79 -0.14 3.18
N ARG A 65 13.81 0.38 3.86
CA ARG A 65 14.10 1.19 5.07
C ARG A 65 14.75 0.32 6.15
N GLN A 66 13.96 -0.45 6.86
CA GLN A 66 14.54 -1.33 7.91
C GLN A 66 13.63 -2.56 8.08
N GLY A 67 12.35 -2.35 8.14
CA GLY A 67 11.41 -3.50 8.30
C GLY A 67 10.00 -3.05 7.93
N ARG A 68 9.89 -2.04 7.10
CA ARG A 68 8.54 -1.56 6.69
C ARG A 68 8.19 -2.13 5.32
N ILE A 69 7.31 -3.09 5.27
CA ILE A 69 6.93 -3.70 3.96
C ILE A 69 6.64 -2.59 2.96
N ARG A 70 7.36 -2.56 1.86
CA ARG A 70 7.10 -1.51 0.84
C ARG A 70 6.13 -2.06 -0.21
N LEU A 71 4.86 -1.86 -0.02
CA LEU A 71 3.87 -2.37 -0.99
C LEU A 71 3.63 -1.31 -2.07
N SER A 72 3.31 -1.71 -3.27
CA SER A 72 3.08 -0.72 -4.35
C SER A 72 1.69 -0.90 -4.94
N ILE A 73 0.80 0.01 -4.66
CA ILE A 73 -0.59 -0.11 -5.22
C ILE A 73 -0.50 -0.41 -6.72
N LYS A 74 -1.35 -1.25 -7.22
CA LYS A 74 -1.32 -1.59 -8.67
C LYS A 74 -1.22 -0.31 -9.50
N GLU A 75 -0.62 -0.38 -10.66
CA GLU A 75 -0.49 0.84 -11.51
C GLU A 75 -0.01 2.01 -10.66
N ALA A 76 1.24 2.00 -10.28
CA ALA A 76 1.76 3.13 -9.45
C ALA A 76 3.30 3.15 -9.54
N ALA A 1 2.99 -22.88 2.85
CA ALA A 1 2.30 -21.55 2.85
C ALA A 1 3.23 -20.50 3.45
N GLU A 2 4.17 -20.01 2.69
CA GLU A 2 5.10 -18.98 3.24
C GLU A 2 5.03 -17.71 2.38
N ILE A 3 4.60 -17.84 1.16
CA ILE A 3 4.51 -16.65 0.27
C ILE A 3 5.87 -15.94 0.25
N GLU A 4 6.05 -14.97 -0.62
CA GLU A 4 7.37 -14.27 -0.66
C GLU A 4 7.17 -12.83 -1.13
N VAL A 5 8.14 -11.99 -0.91
CA VAL A 5 8.02 -10.57 -1.34
C VAL A 5 8.07 -10.50 -2.87
N GLY A 6 7.63 -9.40 -3.44
CA GLY A 6 7.64 -9.28 -4.93
C GLY A 6 6.36 -9.89 -5.50
N ARG A 7 5.43 -10.21 -4.65
CA ARG A 7 4.15 -10.81 -5.15
C ARG A 7 3.03 -9.78 -5.03
N VAL A 8 1.84 -10.12 -5.45
CA VAL A 8 0.71 -9.17 -5.36
C VAL A 8 0.01 -9.36 -4.01
N TYR A 9 -0.16 -8.31 -3.27
CA TYR A 9 -0.82 -8.44 -1.93
C TYR A 9 -2.16 -7.70 -1.93
N THR A 10 -3.18 -8.30 -1.41
CA THR A 10 -4.48 -7.58 -1.34
C THR A 10 -4.35 -6.53 -0.24
N GLY A 11 -4.11 -5.31 -0.61
CA GLY A 11 -3.92 -4.25 0.42
C GLY A 11 -5.25 -3.72 0.94
N LYS A 12 -5.45 -3.80 2.23
CA LYS A 12 -6.70 -3.28 2.83
C LYS A 12 -6.40 -1.87 3.35
N VAL A 13 -7.33 -0.97 3.23
CA VAL A 13 -7.06 0.40 3.71
C VAL A 13 -7.43 0.49 5.20
N THR A 14 -6.44 0.57 6.05
CA THR A 14 -6.72 0.63 7.51
C THR A 14 -6.22 1.97 8.07
N ARG A 15 -5.51 2.73 7.29
CA ARG A 15 -5.01 4.04 7.80
C ARG A 15 -4.62 4.95 6.63
N ILE A 16 -4.77 6.24 6.80
CA ILE A 16 -4.39 7.20 5.73
C ILE A 16 -3.66 8.38 6.37
N VAL A 17 -2.86 9.10 5.62
CA VAL A 17 -2.13 10.24 6.24
C VAL A 17 -2.18 11.47 5.33
N ASP A 18 -2.09 12.65 5.88
CA ASP A 18 -2.12 13.87 5.02
C ASP A 18 -0.97 13.81 4.01
N PHE A 19 0.19 13.39 4.43
CA PHE A 19 1.36 13.31 3.50
C PHE A 19 1.43 11.93 2.85
N GLY A 20 0.33 11.25 2.70
CA GLY A 20 0.39 9.90 2.08
C GLY A 20 -0.77 9.02 2.54
N ALA A 21 -0.60 7.73 2.50
CA ALA A 21 -1.69 6.81 2.94
C ALA A 21 -1.07 5.56 3.53
N PHE A 22 -1.68 5.01 4.54
CA PHE A 22 -1.13 3.78 5.17
C PHE A 22 -2.00 2.60 4.78
N VAL A 23 -1.45 1.41 4.78
CA VAL A 23 -2.26 0.23 4.37
C VAL A 23 -1.86 -0.99 5.23
N ALA A 24 -2.70 -1.99 5.27
CA ALA A 24 -2.36 -3.18 6.08
C ALA A 24 -2.71 -4.45 5.29
N ILE A 25 -1.99 -5.52 5.50
CA ILE A 25 -2.31 -6.78 4.75
C ILE A 25 -2.49 -7.93 5.75
N GLY A 26 -3.12 -9.00 5.35
CA GLY A 26 -3.32 -10.14 6.29
C GLY A 26 -2.03 -10.95 6.37
N GLY A 27 -1.71 -11.46 7.54
CA GLY A 27 -0.46 -12.27 7.67
C GLY A 27 0.40 -11.68 8.79
N GLY A 28 -0.06 -10.65 9.44
CA GLY A 28 0.75 -10.03 10.52
C GLY A 28 1.69 -8.98 9.92
N LYS A 29 1.29 -8.37 8.83
CA LYS A 29 2.16 -7.33 8.20
C LYS A 29 1.29 -6.20 7.66
N GLU A 30 1.86 -5.07 7.38
CA GLU A 30 1.05 -3.94 6.85
C GLU A 30 1.74 -3.28 5.66
N GLY A 31 0.98 -2.68 4.79
CA GLY A 31 1.58 -1.99 3.60
C GLY A 31 1.48 -0.49 3.81
N LEU A 32 1.87 0.29 2.84
CA LEU A 32 1.78 1.76 3.00
C LEU A 32 1.57 2.45 1.66
N VAL A 33 0.48 3.15 1.50
CA VAL A 33 0.26 3.87 0.24
C VAL A 33 0.76 5.31 0.42
N HIS A 34 2.03 5.47 0.69
CA HIS A 34 2.56 6.84 0.87
C HIS A 34 2.05 7.72 -0.27
N ILE A 35 1.98 9.00 -0.06
CA ILE A 35 1.49 9.91 -1.14
C ILE A 35 2.20 9.62 -2.46
N SER A 36 3.49 9.42 -2.42
CA SER A 36 4.24 9.14 -3.68
C SER A 36 4.11 7.67 -4.09
N GLN A 37 2.99 7.05 -3.83
CA GLN A 37 2.84 5.62 -4.22
C GLN A 37 1.38 5.29 -4.52
N ILE A 38 0.78 5.98 -5.47
CA ILE A 38 -0.65 5.70 -5.79
C ILE A 38 -0.77 5.30 -7.27
N ALA A 39 -1.13 6.24 -8.10
CA ALA A 39 -1.27 5.95 -9.56
C ALA A 39 -0.37 6.89 -10.36
N ASP A 40 -0.26 6.66 -11.63
CA ASP A 40 0.59 7.56 -12.48
C ASP A 40 0.20 9.01 -12.23
N LYS A 41 -1.06 9.32 -12.37
CA LYS A 41 -1.51 10.73 -12.15
C LYS A 41 -1.08 11.19 -10.76
N ARG A 42 -0.85 12.46 -10.59
CA ARG A 42 -0.43 12.97 -9.25
C ARG A 42 -1.58 12.79 -8.25
N VAL A 43 -1.30 12.20 -7.13
CA VAL A 43 -2.37 12.00 -6.12
C VAL A 43 -2.13 12.94 -4.93
N GLU A 44 -2.02 14.21 -5.19
CA GLU A 44 -1.78 15.17 -4.07
C GLU A 44 -2.73 14.82 -2.93
N LYS A 45 -3.84 14.22 -3.25
CA LYS A 45 -4.81 13.83 -2.19
C LYS A 45 -4.79 12.31 -2.03
N VAL A 46 -4.19 11.83 -0.98
CA VAL A 46 -4.12 10.35 -0.77
C VAL A 46 -5.48 9.84 -0.32
N THR A 47 -6.26 10.69 0.29
CA THR A 47 -7.62 10.27 0.75
C THR A 47 -8.57 10.23 -0.46
N ASP A 48 -8.05 10.43 -1.65
CA ASP A 48 -8.93 10.39 -2.84
C ASP A 48 -8.73 9.05 -3.54
N TYR A 49 -7.55 8.51 -3.46
CA TYR A 49 -7.29 7.19 -4.09
C TYR A 49 -7.53 6.09 -3.06
N LEU A 50 -7.23 6.35 -1.81
CA LEU A 50 -7.44 5.30 -0.77
C LEU A 50 -8.73 5.58 0.00
N GLN A 51 -9.29 4.55 0.59
CA GLN A 51 -10.55 4.72 1.36
C GLN A 51 -10.54 3.74 2.53
N MET A 52 -10.74 4.22 3.73
CA MET A 52 -10.74 3.31 4.91
C MET A 52 -11.84 2.25 4.76
N GLY A 53 -11.50 1.08 4.32
CA GLY A 53 -12.55 0.01 4.17
C GLY A 53 -12.44 -0.66 2.79
N GLN A 54 -11.91 0.04 1.82
CA GLN A 54 -11.78 -0.56 0.46
C GLN A 54 -10.59 -1.51 0.40
N GLU A 55 -10.67 -2.51 -0.44
CA GLU A 55 -9.53 -3.47 -0.57
C GLU A 55 -9.00 -3.38 -2.00
N VAL A 56 -7.79 -2.92 -2.18
CA VAL A 56 -7.23 -2.80 -3.55
C VAL A 56 -6.03 -3.74 -3.71
N PRO A 57 -5.83 -4.19 -4.93
CA PRO A 57 -4.73 -5.10 -5.27
C PRO A 57 -3.42 -4.32 -5.39
N VAL A 58 -2.39 -4.74 -4.70
CA VAL A 58 -1.09 -4.02 -4.77
C VAL A 58 0.04 -5.03 -4.99
N LYS A 59 1.25 -4.55 -4.94
CA LYS A 59 2.42 -5.47 -5.13
C LYS A 59 3.45 -5.20 -4.04
N VAL A 60 3.70 -6.17 -3.19
CA VAL A 60 4.69 -5.94 -2.11
C VAL A 60 5.98 -5.35 -2.70
N LEU A 61 6.08 -4.05 -2.74
CA LEU A 61 7.28 -3.40 -3.32
C LEU A 61 8.51 -3.73 -2.47
N GLU A 62 8.29 -4.11 -1.23
CA GLU A 62 9.43 -4.43 -0.30
C GLU A 62 9.87 -3.17 0.43
N VAL A 63 10.96 -3.25 1.14
CA VAL A 63 11.45 -2.05 1.89
C VAL A 63 12.90 -1.76 1.52
N ASP A 64 13.14 -0.89 0.59
CA ASP A 64 14.54 -0.57 0.20
C ASP A 64 15.39 -0.40 1.47
N ARG A 65 15.21 0.68 2.18
CA ARG A 65 15.98 0.88 3.45
C ARG A 65 15.37 0.01 4.54
N GLN A 66 15.30 0.50 5.76
CA GLN A 66 14.72 -0.31 6.86
C GLN A 66 13.56 0.45 7.51
N GLY A 67 12.34 0.10 7.18
CA GLY A 67 11.18 0.82 7.78
C GLY A 67 9.96 -0.11 7.80
N ARG A 68 9.07 0.05 6.86
CA ARG A 68 7.85 -0.82 6.83
C ARG A 68 7.64 -1.35 5.41
N ILE A 69 7.02 -2.49 5.29
CA ILE A 69 6.78 -3.08 3.93
C ILE A 69 6.15 -2.02 3.02
N ARG A 70 6.78 -1.73 1.91
CA ARG A 70 6.20 -0.72 0.98
C ARG A 70 5.31 -1.44 -0.03
N LEU A 71 4.03 -1.16 -0.02
CA LEU A 71 3.13 -1.84 -1.00
C LEU A 71 3.05 -1.03 -2.29
N SER A 72 2.79 -1.68 -3.39
CA SER A 72 2.70 -0.93 -4.69
C SER A 72 1.28 -1.03 -5.24
N ILE A 73 0.45 -0.07 -4.95
CA ILE A 73 -0.94 -0.10 -5.47
C ILE A 73 -0.92 -0.41 -6.98
N LYS A 74 -1.84 -1.19 -7.45
CA LYS A 74 -1.87 -1.53 -8.91
C LYS A 74 -1.60 -0.26 -9.73
N GLU A 75 -1.34 -0.41 -11.00
CA GLU A 75 -1.06 0.78 -11.85
C GLU A 75 0.13 1.55 -11.26
N ALA A 76 1.02 0.87 -10.60
CA ALA A 76 2.20 1.56 -10.00
C ALA A 76 3.48 0.84 -10.43
N ALA A 1 9.66 -15.91 8.33
CA ALA A 1 8.78 -14.78 8.73
C ALA A 1 8.40 -13.96 7.49
N GLU A 2 7.47 -13.05 7.64
CA GLU A 2 7.07 -12.21 6.48
C GLU A 2 6.52 -13.12 5.37
N ILE A 3 6.61 -12.70 4.15
CA ILE A 3 6.07 -13.54 3.03
C ILE A 3 7.10 -13.60 1.91
N GLU A 4 6.67 -13.97 0.72
CA GLU A 4 7.61 -14.05 -0.43
C GLU A 4 7.36 -12.85 -1.35
N VAL A 5 8.39 -12.16 -1.73
CA VAL A 5 8.20 -10.98 -2.63
C VAL A 5 8.03 -11.44 -4.07
N GLY A 6 7.56 -10.56 -4.92
CA GLY A 6 7.36 -10.94 -6.35
C GLY A 6 5.89 -11.33 -6.55
N ARG A 7 5.09 -11.28 -5.53
CA ARG A 7 3.66 -11.65 -5.67
C ARG A 7 2.78 -10.40 -5.52
N VAL A 8 1.55 -10.49 -5.93
CA VAL A 8 0.64 -9.31 -5.81
C VAL A 8 -0.07 -9.38 -4.45
N TYR A 9 -0.16 -8.29 -3.75
CA TYR A 9 -0.84 -8.33 -2.43
C TYR A 9 -2.04 -7.39 -2.42
N THR A 10 -3.18 -7.91 -2.06
CA THR A 10 -4.40 -7.07 -1.98
C THR A 10 -4.55 -6.61 -0.53
N GLY A 11 -4.69 -5.33 -0.30
CA GLY A 11 -4.81 -4.86 1.10
C GLY A 11 -6.04 -3.99 1.29
N LYS A 12 -6.60 -4.01 2.46
CA LYS A 12 -7.78 -3.16 2.76
C LYS A 12 -7.28 -1.83 3.27
N VAL A 13 -8.10 -0.82 3.28
CA VAL A 13 -7.65 0.50 3.78
C VAL A 13 -7.89 0.56 5.29
N THR A 14 -6.85 0.48 6.06
CA THR A 14 -7.03 0.51 7.53
C THR A 14 -6.33 1.73 8.13
N ARG A 15 -5.69 2.54 7.32
CA ARG A 15 -5.00 3.74 7.86
C ARG A 15 -4.59 4.68 6.71
N ILE A 16 -4.59 5.96 6.96
CA ILE A 16 -4.19 6.94 5.91
C ILE A 16 -3.35 8.05 6.55
N VAL A 17 -2.54 8.73 5.79
CA VAL A 17 -1.70 9.80 6.39
C VAL A 17 -1.73 11.05 5.51
N ASP A 18 -1.53 12.21 6.08
CA ASP A 18 -1.55 13.45 5.26
C ASP A 18 -0.45 13.37 4.19
N PHE A 19 0.69 12.83 4.56
CA PHE A 19 1.81 12.72 3.58
C PHE A 19 1.77 11.36 2.88
N GLY A 20 0.62 10.75 2.78
CA GLY A 20 0.56 9.42 2.11
C GLY A 20 -0.65 8.62 2.60
N ALA A 21 -0.57 7.32 2.56
CA ALA A 21 -1.71 6.48 3.02
C ALA A 21 -1.16 5.14 3.52
N PHE A 22 -1.76 4.58 4.52
CA PHE A 22 -1.30 3.29 5.05
C PHE A 22 -2.31 2.21 4.63
N VAL A 23 -1.93 0.97 4.64
CA VAL A 23 -2.89 -0.09 4.23
C VAL A 23 -2.57 -1.39 4.97
N ALA A 24 -3.45 -2.35 4.92
CA ALA A 24 -3.18 -3.63 5.64
C ALA A 24 -3.45 -4.80 4.68
N ILE A 25 -2.73 -5.90 4.80
CA ILE A 25 -2.99 -7.04 3.88
C ILE A 25 -3.64 -8.19 4.65
N GLY A 26 -3.60 -8.14 5.95
CA GLY A 26 -4.23 -9.24 6.76
C GLY A 26 -3.57 -10.57 6.41
N GLY A 27 -3.13 -11.30 7.39
CA GLY A 27 -2.47 -12.61 7.12
C GLY A 27 -1.09 -12.37 6.52
N GLY A 28 -0.68 -11.14 6.39
CA GLY A 28 0.66 -10.85 5.82
C GLY A 28 1.12 -9.47 6.29
N LYS A 29 0.76 -9.10 7.49
CA LYS A 29 1.18 -7.77 8.02
C LYS A 29 0.35 -6.65 7.34
N GLU A 30 0.87 -5.46 7.30
CA GLU A 30 0.09 -4.36 6.65
C GLU A 30 0.87 -3.77 5.47
N GLY A 31 0.15 -3.23 4.53
CA GLY A 31 0.79 -2.60 3.35
C GLY A 31 0.84 -1.08 3.56
N LEU A 32 1.25 -0.33 2.58
CA LEU A 32 1.29 1.15 2.77
C LEU A 32 1.08 1.88 1.44
N VAL A 33 0.05 2.68 1.37
CA VAL A 33 -0.18 3.47 0.13
C VAL A 33 0.46 4.85 0.33
N HIS A 34 1.74 4.90 0.53
CA HIS A 34 2.40 6.21 0.75
C HIS A 34 1.93 7.19 -0.33
N ILE A 35 1.99 8.45 -0.07
CA ILE A 35 1.55 9.46 -1.08
C ILE A 35 2.18 9.17 -2.44
N SER A 36 3.45 8.92 -2.48
CA SER A 36 4.12 8.64 -3.79
C SER A 36 3.89 7.19 -4.22
N GLN A 37 2.74 6.61 -3.91
CA GLN A 37 2.48 5.20 -4.33
C GLN A 37 0.99 5.01 -4.59
N ILE A 38 0.42 5.77 -5.48
CA ILE A 38 -1.04 5.62 -5.76
C ILE A 38 -1.25 5.16 -7.21
N ALA A 39 -1.58 6.07 -8.08
CA ALA A 39 -1.81 5.70 -9.50
C ALA A 39 -0.79 6.40 -10.39
N ASP A 40 0.45 6.42 -9.99
CA ASP A 40 1.49 7.10 -10.81
C ASP A 40 0.93 8.42 -11.34
N LYS A 41 0.01 9.00 -10.62
CA LYS A 41 -0.59 10.30 -11.04
C LYS A 41 -0.42 11.32 -9.92
N ARG A 42 -0.92 12.52 -10.11
CA ARG A 42 -0.78 13.55 -9.05
C ARG A 42 -1.81 13.28 -7.94
N VAL A 43 -1.54 12.33 -7.09
CA VAL A 43 -2.50 12.04 -5.98
C VAL A 43 -2.14 12.94 -4.79
N GLU A 44 -1.98 14.21 -5.04
CA GLU A 44 -1.63 15.15 -3.93
C GLU A 44 -2.51 14.83 -2.72
N LYS A 45 -3.66 14.25 -2.95
CA LYS A 45 -4.56 13.90 -1.82
C LYS A 45 -4.61 12.39 -1.66
N VAL A 46 -3.94 11.86 -0.68
CA VAL A 46 -3.97 10.37 -0.47
C VAL A 46 -5.33 9.97 0.05
N THR A 47 -6.03 10.90 0.65
CA THR A 47 -7.39 10.57 1.17
C THR A 47 -8.38 10.57 0.00
N ASP A 48 -7.91 10.75 -1.20
CA ASP A 48 -8.83 10.75 -2.37
C ASP A 48 -8.72 9.41 -3.09
N TYR A 49 -7.55 8.84 -3.08
CA TYR A 49 -7.36 7.52 -3.75
C TYR A 49 -7.54 6.41 -2.72
N LEU A 50 -7.18 6.67 -1.50
CA LEU A 50 -7.32 5.65 -0.43
C LEU A 50 -8.54 6.00 0.42
N GLN A 51 -9.32 5.02 0.78
CA GLN A 51 -10.53 5.28 1.60
C GLN A 51 -10.71 4.14 2.62
N MET A 52 -11.14 4.46 3.81
CA MET A 52 -11.33 3.42 4.85
C MET A 52 -12.34 2.37 4.38
N GLY A 53 -12.00 1.11 4.51
CA GLY A 53 -12.94 0.02 4.10
C GLY A 53 -12.71 -0.35 2.64
N GLN A 54 -12.04 0.47 1.90
CA GLN A 54 -11.79 0.15 0.46
C GLN A 54 -10.79 -1.00 0.35
N GLU A 55 -10.64 -1.55 -0.83
CA GLU A 55 -9.68 -2.67 -1.01
C GLU A 55 -8.94 -2.46 -2.33
N VAL A 56 -7.65 -2.60 -2.34
CA VAL A 56 -6.91 -2.40 -3.61
C VAL A 56 -5.77 -3.42 -3.74
N PRO A 57 -5.63 -3.97 -4.94
CA PRO A 57 -4.58 -4.94 -5.23
C PRO A 57 -3.26 -4.20 -5.50
N VAL A 58 -2.15 -4.75 -5.09
CA VAL A 58 -0.86 -4.04 -5.32
C VAL A 58 0.24 -5.06 -5.64
N LYS A 59 1.46 -4.60 -5.76
CA LYS A 59 2.59 -5.52 -6.07
C LYS A 59 3.63 -5.41 -4.97
N VAL A 60 4.14 -6.51 -4.50
CA VAL A 60 5.17 -6.47 -3.43
C VAL A 60 6.43 -5.79 -3.97
N LEU A 61 6.62 -4.53 -3.67
CA LEU A 61 7.82 -3.81 -4.18
C LEU A 61 9.05 -4.26 -3.41
N GLU A 62 8.84 -4.89 -2.28
CA GLU A 62 9.95 -5.38 -1.38
C GLU A 62 10.01 -4.47 -0.17
N VAL A 63 10.94 -4.71 0.73
CA VAL A 63 11.04 -3.86 1.95
C VAL A 63 12.31 -3.02 1.89
N ASP A 64 12.45 -2.07 2.77
CA ASP A 64 13.67 -1.21 2.76
C ASP A 64 14.77 -1.88 3.61
N ARG A 65 15.82 -1.16 3.90
CA ARG A 65 16.92 -1.75 4.72
C ARG A 65 16.43 -1.98 6.16
N GLN A 66 15.28 -1.47 6.49
CA GLN A 66 14.76 -1.67 7.88
C GLN A 66 13.66 -2.73 7.86
N GLY A 67 12.42 -2.33 7.79
CA GLY A 67 11.32 -3.33 7.78
C GLY A 67 10.00 -2.64 7.41
N ARG A 68 9.99 -1.87 6.36
CA ARG A 68 8.74 -1.17 5.96
C ARG A 68 8.18 -1.82 4.69
N ILE A 69 7.28 -2.75 4.84
CA ILE A 69 6.69 -3.42 3.65
C ILE A 69 6.39 -2.39 2.56
N ARG A 70 7.16 -2.38 1.50
CA ARG A 70 6.91 -1.39 0.42
C ARG A 70 5.96 -1.99 -0.63
N LEU A 71 4.69 -1.71 -0.50
CA LEU A 71 3.71 -2.25 -1.49
C LEU A 71 3.51 -1.22 -2.60
N SER A 72 3.13 -1.66 -3.77
CA SER A 72 2.93 -0.71 -4.88
C SER A 72 1.50 -0.80 -5.41
N ILE A 73 0.66 0.12 -5.03
CA ILE A 73 -0.76 0.09 -5.50
C ILE A 73 -0.77 -0.20 -7.02
N LYS A 74 -1.66 -1.04 -7.46
CA LYS A 74 -1.72 -1.37 -8.91
C LYS A 74 -1.70 -0.07 -9.74
N GLU A 75 -1.19 -0.13 -10.93
CA GLU A 75 -1.16 1.10 -11.78
C GLU A 75 -0.41 2.21 -11.06
N ALA A 76 0.66 1.88 -10.39
CA ALA A 76 1.44 2.92 -9.66
C ALA A 76 2.77 3.16 -10.38
N ALA A 1 -1.51 -20.62 0.63
CA ALA A 1 -1.66 -20.25 2.07
C ALA A 1 -0.95 -18.91 2.33
N GLU A 2 0.30 -18.95 2.69
CA GLU A 2 1.03 -17.69 2.95
C GLU A 2 1.51 -17.08 1.63
N ILE A 3 2.41 -16.13 1.69
CA ILE A 3 2.90 -15.50 0.44
C ILE A 3 4.37 -15.15 0.60
N GLU A 4 4.96 -14.57 -0.41
CA GLU A 4 6.40 -14.19 -0.32
C GLU A 4 6.64 -12.91 -1.11
N VAL A 5 7.87 -12.50 -1.25
CA VAL A 5 8.16 -11.26 -2.01
C VAL A 5 8.05 -11.54 -3.50
N GLY A 6 7.92 -10.52 -4.31
CA GLY A 6 7.79 -10.75 -5.77
C GLY A 6 6.36 -11.19 -6.09
N ARG A 7 5.54 -11.33 -5.09
CA ARG A 7 4.13 -11.77 -5.32
C ARG A 7 3.19 -10.58 -5.17
N VAL A 8 1.98 -10.71 -5.64
CA VAL A 8 1.00 -9.59 -5.51
C VAL A 8 0.24 -9.75 -4.20
N TYR A 9 0.14 -8.70 -3.42
CA TYR A 9 -0.59 -8.80 -2.12
C TYR A 9 -1.92 -8.07 -2.22
N THR A 10 -2.67 -8.10 -1.15
CA THR A 10 -3.97 -7.38 -1.13
C THR A 10 -3.91 -6.36 0.01
N GLY A 11 -3.67 -5.12 -0.31
CA GLY A 11 -3.55 -4.10 0.76
C GLY A 11 -4.92 -3.52 1.13
N LYS A 12 -5.33 -3.74 2.34
CA LYS A 12 -6.64 -3.18 2.80
C LYS A 12 -6.36 -1.80 3.35
N VAL A 13 -7.31 -0.90 3.29
CA VAL A 13 -7.04 0.46 3.81
C VAL A 13 -7.35 0.50 5.30
N THR A 14 -6.34 0.63 6.12
CA THR A 14 -6.55 0.65 7.58
C THR A 14 -6.03 1.97 8.16
N ARG A 15 -5.60 2.87 7.33
CA ARG A 15 -5.09 4.18 7.85
C ARG A 15 -4.73 5.12 6.69
N ILE A 16 -4.80 6.40 6.91
CA ILE A 16 -4.45 7.38 5.83
C ILE A 16 -3.72 8.57 6.48
N VAL A 17 -2.98 9.32 5.72
CA VAL A 17 -2.24 10.47 6.33
C VAL A 17 -2.35 11.70 5.41
N ASP A 18 -2.26 12.88 5.97
CA ASP A 18 -2.34 14.10 5.11
C ASP A 18 -1.22 14.06 4.07
N PHE A 19 -0.06 13.63 4.47
CA PHE A 19 1.09 13.56 3.52
C PHE A 19 1.14 12.19 2.84
N GLY A 20 0.02 11.51 2.70
CA GLY A 20 0.07 10.17 2.06
C GLY A 20 -1.07 9.29 2.57
N ALA A 21 -0.84 8.00 2.64
CA ALA A 21 -1.89 7.07 3.12
C ALA A 21 -1.21 5.82 3.66
N PHE A 22 -1.79 5.19 4.64
CA PHE A 22 -1.20 3.95 5.20
C PHE A 22 -2.05 2.75 4.78
N VAL A 23 -1.51 1.57 4.84
CA VAL A 23 -2.30 0.38 4.43
C VAL A 23 -1.85 -0.84 5.24
N ALA A 24 -2.64 -1.88 5.28
CA ALA A 24 -2.25 -3.08 6.07
C ALA A 24 -2.49 -4.35 5.23
N ILE A 25 -1.67 -5.35 5.38
CA ILE A 25 -1.84 -6.60 4.59
C ILE A 25 -2.03 -7.78 5.55
N GLY A 26 -2.71 -8.81 5.11
CA GLY A 26 -2.92 -10.00 5.99
C GLY A 26 -3.18 -9.55 7.43
N GLY A 27 -2.16 -9.50 8.23
CA GLY A 27 -2.34 -9.06 9.65
C GLY A 27 -0.98 -8.91 10.33
N GLY A 28 -0.03 -9.73 9.97
CA GLY A 28 1.31 -9.63 10.61
C GLY A 28 2.16 -8.57 9.90
N LYS A 29 1.70 -8.06 8.80
CA LYS A 29 2.49 -7.02 8.07
C LYS A 29 1.56 -5.92 7.55
N GLU A 30 2.08 -4.75 7.32
CA GLU A 30 1.20 -3.64 6.82
C GLU A 30 1.86 -2.95 5.63
N GLY A 31 1.07 -2.40 4.76
CA GLY A 31 1.62 -1.68 3.56
C GLY A 31 1.48 -0.18 3.79
N LEU A 32 1.82 0.63 2.83
CA LEU A 32 1.69 2.09 3.02
C LEU A 32 1.41 2.79 1.69
N VAL A 33 0.30 3.47 1.60
CA VAL A 33 -0.01 4.22 0.35
C VAL A 33 0.49 5.65 0.52
N HIS A 34 1.75 5.82 0.73
CA HIS A 34 2.28 7.21 0.90
C HIS A 34 1.71 8.08 -0.21
N ILE A 35 1.67 9.37 -0.02
CA ILE A 35 1.11 10.27 -1.07
C ILE A 35 1.70 9.92 -2.44
N SER A 36 3.00 9.86 -2.55
CA SER A 36 3.62 9.53 -3.86
C SER A 36 3.62 8.01 -4.09
N GLN A 37 2.57 7.33 -3.71
CA GLN A 37 2.53 5.86 -3.90
C GLN A 37 1.10 5.42 -4.25
N ILE A 38 0.47 6.05 -5.20
CA ILE A 38 -0.92 5.65 -5.54
C ILE A 38 -1.02 5.19 -7.01
N ALA A 39 -1.48 6.05 -7.87
CA ALA A 39 -1.62 5.66 -9.30
C ALA A 39 -0.61 6.43 -10.17
N ASP A 40 -0.94 6.66 -11.41
CA ASP A 40 -0.02 7.39 -12.32
C ASP A 40 0.21 8.81 -11.78
N LYS A 41 -0.81 9.63 -11.76
CA LYS A 41 -0.62 11.02 -11.25
C LYS A 41 -0.15 10.96 -9.80
N ARG A 42 0.19 12.09 -9.24
CA ARG A 42 0.67 12.11 -7.82
C ARG A 42 -0.52 12.01 -6.86
N VAL A 43 -1.71 11.98 -7.37
CA VAL A 43 -2.90 11.89 -6.47
C VAL A 43 -2.83 13.06 -5.48
N GLU A 44 -3.14 14.24 -5.92
CA GLU A 44 -3.10 15.42 -5.01
C GLU A 44 -3.79 15.08 -3.69
N LYS A 45 -4.65 14.10 -3.68
CA LYS A 45 -5.34 13.73 -2.42
C LYS A 45 -5.20 12.23 -2.16
N VAL A 46 -4.57 11.86 -1.08
CA VAL A 46 -4.41 10.40 -0.77
C VAL A 46 -5.72 9.87 -0.21
N THR A 47 -6.51 10.73 0.38
CA THR A 47 -7.82 10.28 0.93
C THR A 47 -8.82 10.10 -0.21
N ASP A 48 -8.38 10.28 -1.44
CA ASP A 48 -9.30 10.12 -2.59
C ASP A 48 -9.03 8.76 -3.23
N TYR A 49 -7.85 8.25 -3.04
CA TYR A 49 -7.49 6.93 -3.62
C TYR A 49 -7.61 5.87 -2.52
N LEU A 50 -7.45 6.26 -1.28
CA LEU A 50 -7.57 5.27 -0.17
C LEU A 50 -8.82 5.56 0.63
N GLN A 51 -9.49 4.53 1.09
CA GLN A 51 -10.73 4.73 1.89
C GLN A 51 -10.76 3.68 3.01
N MET A 52 -11.05 4.08 4.21
CA MET A 52 -11.09 3.09 5.34
C MET A 52 -12.04 1.95 5.00
N GLY A 53 -11.52 0.85 4.52
CA GLY A 53 -12.40 -0.31 4.18
C GLY A 53 -12.12 -0.80 2.76
N GLN A 54 -11.82 0.09 1.86
CA GLN A 54 -11.55 -0.34 0.46
C GLN A 54 -10.40 -1.33 0.44
N GLU A 55 -10.25 -2.06 -0.64
CA GLU A 55 -9.15 -3.06 -0.72
C GLU A 55 -8.52 -2.99 -2.12
N VAL A 56 -7.23 -2.80 -2.19
CA VAL A 56 -6.58 -2.73 -3.52
C VAL A 56 -5.36 -3.66 -3.55
N PRO A 57 -5.20 -4.33 -4.67
CA PRO A 57 -4.09 -5.28 -4.87
C PRO A 57 -2.79 -4.52 -5.18
N VAL A 58 -1.71 -4.89 -4.55
CA VAL A 58 -0.43 -4.18 -4.81
C VAL A 58 0.67 -5.20 -5.16
N LYS A 59 1.85 -4.74 -5.43
CA LYS A 59 2.96 -5.66 -5.77
C LYS A 59 4.05 -5.52 -4.71
N VAL A 60 4.40 -6.60 -4.06
CA VAL A 60 5.46 -6.52 -3.00
C VAL A 60 6.71 -5.88 -3.60
N LEU A 61 6.86 -4.59 -3.43
CA LEU A 61 8.06 -3.89 -3.96
C LEU A 61 9.30 -4.37 -3.20
N GLU A 62 9.09 -5.00 -2.08
CA GLU A 62 10.21 -5.51 -1.22
C GLU A 62 10.53 -4.49 -0.13
N VAL A 63 11.60 -4.70 0.59
CA VAL A 63 11.96 -3.76 1.69
C VAL A 63 13.44 -3.40 1.61
N ASP A 64 13.88 -2.51 2.45
CA ASP A 64 15.32 -2.12 2.43
C ASP A 64 16.02 -2.69 3.65
N ARG A 65 17.19 -2.20 3.98
CA ARG A 65 17.92 -2.73 5.16
C ARG A 65 17.35 -2.11 6.44
N GLN A 66 16.26 -1.38 6.34
CA GLN A 66 15.67 -0.76 7.54
C GLN A 66 14.48 -1.61 8.02
N GLY A 67 13.63 -2.00 7.12
CA GLY A 67 12.45 -2.84 7.52
C GLY A 67 11.16 -2.12 7.13
N ARG A 68 11.22 -1.23 6.18
CA ARG A 68 10.00 -0.49 5.75
C ARG A 68 9.31 -1.25 4.63
N ILE A 69 8.28 -2.00 4.94
CA ILE A 69 7.58 -2.77 3.88
C ILE A 69 7.32 -1.86 2.68
N ARG A 70 7.81 -2.21 1.53
CA ARG A 70 7.59 -1.36 0.33
C ARG A 70 6.60 -2.05 -0.61
N LEU A 71 5.38 -1.59 -0.64
CA LEU A 71 4.37 -2.21 -1.54
C LEU A 71 4.12 -1.28 -2.73
N SER A 72 3.69 -1.81 -3.83
CA SER A 72 3.45 -0.93 -5.02
C SER A 72 1.99 -1.03 -5.47
N ILE A 73 1.17 -0.10 -5.06
CA ILE A 73 -0.26 -0.13 -5.46
C ILE A 73 -0.36 -0.49 -6.96
N LYS A 74 -1.07 -1.54 -7.29
CA LYS A 74 -1.20 -1.93 -8.71
C LYS A 74 -1.99 -0.88 -9.49
N GLU A 75 -1.98 -0.94 -10.79
CA GLU A 75 -2.75 0.05 -11.60
C GLU A 75 -4.24 -0.10 -11.31
N ALA A 76 -4.63 -1.19 -10.71
CA ALA A 76 -6.07 -1.40 -10.42
C ALA A 76 -6.92 -1.01 -11.62
N ALA A 1 5.04 -19.81 6.66
CA ALA A 1 6.20 -19.11 6.04
C ALA A 1 6.10 -19.21 4.52
N GLU A 2 4.93 -19.03 3.97
CA GLU A 2 4.77 -19.12 2.50
C GLU A 2 4.65 -17.70 1.91
N ILE A 3 4.32 -17.60 0.65
CA ILE A 3 4.21 -16.25 0.05
C ILE A 3 5.62 -15.70 -0.19
N GLU A 4 5.86 -15.14 -1.34
CA GLU A 4 7.23 -14.58 -1.62
C GLU A 4 7.12 -13.11 -2.01
N VAL A 5 8.19 -12.38 -1.84
CA VAL A 5 8.17 -10.93 -2.20
C VAL A 5 7.94 -10.79 -3.71
N GLY A 6 7.65 -9.61 -4.16
CA GLY A 6 7.41 -9.42 -5.62
C GLY A 6 6.03 -9.98 -5.97
N ARG A 7 5.31 -10.46 -4.99
CA ARG A 7 3.96 -11.02 -5.25
C ARG A 7 2.92 -9.90 -5.18
N VAL A 8 1.66 -10.22 -5.32
CA VAL A 8 0.61 -9.17 -5.23
C VAL A 8 -0.06 -9.24 -3.86
N TYR A 9 0.01 -8.19 -3.09
CA TYR A 9 -0.62 -8.23 -1.74
C TYR A 9 -1.92 -7.41 -1.76
N THR A 10 -2.98 -7.97 -1.28
CA THR A 10 -4.25 -7.20 -1.24
C THR A 10 -4.14 -6.18 -0.12
N GLY A 11 -3.81 -4.97 -0.43
CA GLY A 11 -3.64 -3.93 0.62
C GLY A 11 -5.01 -3.42 1.08
N LYS A 12 -5.32 -3.58 2.34
CA LYS A 12 -6.61 -3.08 2.86
C LYS A 12 -6.40 -1.67 3.38
N VAL A 13 -7.40 -0.85 3.34
CA VAL A 13 -7.23 0.54 3.84
C VAL A 13 -7.55 0.58 5.32
N THR A 14 -6.56 0.69 6.15
CA THR A 14 -6.82 0.73 7.63
C THR A 14 -6.28 2.04 8.21
N ARG A 15 -5.77 2.91 7.38
CA ARG A 15 -5.24 4.21 7.90
C ARG A 15 -4.83 5.11 6.73
N ILE A 16 -4.86 6.41 6.93
CA ILE A 16 -4.49 7.35 5.84
C ILE A 16 -3.68 8.51 6.45
N VAL A 17 -2.93 9.22 5.66
CA VAL A 17 -2.13 10.35 6.24
C VAL A 17 -2.15 11.56 5.29
N ASP A 18 -1.95 12.74 5.82
CA ASP A 18 -1.95 13.95 4.94
C ASP A 18 -0.86 13.81 3.86
N PHE A 19 0.31 13.38 4.24
CA PHE A 19 1.41 13.23 3.23
C PHE A 19 1.40 11.83 2.62
N GLY A 20 0.28 11.16 2.61
CA GLY A 20 0.25 9.79 2.03
C GLY A 20 -0.93 8.99 2.56
N ALA A 21 -0.79 7.69 2.59
CA ALA A 21 -1.89 6.83 3.10
C ALA A 21 -1.29 5.56 3.70
N PHE A 22 -1.91 5.02 4.72
CA PHE A 22 -1.37 3.78 5.34
C PHE A 22 -2.28 2.61 4.96
N VAL A 23 -1.78 1.40 5.03
CA VAL A 23 -2.62 0.23 4.64
C VAL A 23 -2.19 -1.01 5.44
N ALA A 24 -3.07 -1.96 5.63
CA ALA A 24 -2.70 -3.18 6.39
C ALA A 24 -2.92 -4.42 5.50
N ILE A 25 -2.01 -5.36 5.53
CA ILE A 25 -2.17 -6.59 4.69
C ILE A 25 -2.35 -7.81 5.60
N GLY A 26 -2.36 -8.98 5.04
CA GLY A 26 -2.52 -10.20 5.86
C GLY A 26 -1.14 -10.73 6.27
N GLY A 27 -1.10 -11.79 7.04
CA GLY A 27 0.22 -12.33 7.47
C GLY A 27 0.67 -11.64 8.75
N GLY A 28 0.08 -10.51 9.06
CA GLY A 28 0.47 -9.79 10.31
C GLY A 28 1.33 -8.58 9.94
N LYS A 29 1.38 -8.22 8.69
CA LYS A 29 2.19 -7.05 8.27
C LYS A 29 1.26 -5.97 7.72
N GLU A 30 1.71 -4.73 7.68
CA GLU A 30 0.83 -3.65 7.16
C GLU A 30 1.49 -3.00 5.94
N GLY A 31 0.70 -2.67 4.96
CA GLY A 31 1.23 -2.02 3.73
C GLY A 31 1.15 -0.50 3.92
N LEU A 32 1.53 0.26 2.94
CA LEU A 32 1.46 1.74 3.08
C LEU A 32 1.21 2.41 1.74
N VAL A 33 0.14 3.12 1.62
CA VAL A 33 -0.14 3.84 0.36
C VAL A 33 0.44 5.26 0.49
N HIS A 34 1.72 5.38 0.70
CA HIS A 34 2.31 6.74 0.86
C HIS A 34 1.82 7.61 -0.30
N ILE A 35 1.81 8.90 -0.11
CA ILE A 35 1.34 9.82 -1.18
C ILE A 35 1.98 9.47 -2.53
N SER A 36 3.28 9.30 -2.56
CA SER A 36 3.96 8.96 -3.85
C SER A 36 3.83 7.46 -4.15
N GLN A 37 2.70 6.88 -3.91
CA GLN A 37 2.55 5.41 -4.19
C GLN A 37 1.09 5.10 -4.54
N ILE A 38 0.51 5.80 -5.47
CA ILE A 38 -0.92 5.51 -5.82
C ILE A 38 -1.03 5.20 -7.31
N ALA A 39 -1.41 6.17 -8.09
CA ALA A 39 -1.56 5.95 -9.56
C ALA A 39 -0.36 6.56 -10.28
N ASP A 40 0.83 6.11 -9.95
CA ASP A 40 2.05 6.67 -10.60
C ASP A 40 2.46 7.94 -9.85
N LYS A 41 1.52 8.78 -9.51
CA LYS A 41 1.86 10.03 -8.79
C LYS A 41 0.70 11.04 -8.89
N ARG A 42 -0.17 10.86 -9.85
CA ARG A 42 -1.30 11.83 -10.01
C ARG A 42 -2.35 11.60 -8.91
N VAL A 43 -2.13 12.12 -7.74
CA VAL A 43 -3.13 11.96 -6.64
C VAL A 43 -3.24 13.27 -5.86
N GLU A 44 -4.00 14.21 -6.35
CA GLU A 44 -4.14 15.51 -5.65
C GLU A 44 -4.27 15.27 -4.14
N LYS A 45 -4.83 14.16 -3.74
CA LYS A 45 -4.98 13.88 -2.29
C LYS A 45 -4.92 12.38 -2.03
N VAL A 46 -4.30 11.97 -0.96
CA VAL A 46 -4.22 10.51 -0.65
C VAL A 46 -5.59 10.04 -0.16
N THR A 47 -6.36 10.94 0.39
CA THR A 47 -7.71 10.54 0.88
C THR A 47 -8.67 10.46 -0.31
N ASP A 48 -8.17 10.66 -1.51
CA ASP A 48 -9.05 10.58 -2.71
C ASP A 48 -8.82 9.24 -3.39
N TYR A 49 -7.64 8.70 -3.27
CA TYR A 49 -7.34 7.39 -3.89
C TYR A 49 -7.47 6.28 -2.86
N LEU A 50 -7.25 6.62 -1.61
CA LEU A 50 -7.35 5.61 -0.52
C LEU A 50 -8.67 5.82 0.25
N GLN A 51 -9.31 4.75 0.62
CA GLN A 51 -10.59 4.89 1.38
C GLN A 51 -10.61 3.89 2.55
N MET A 52 -10.97 4.36 3.72
CA MET A 52 -11.01 3.44 4.90
C MET A 52 -12.09 2.38 4.68
N GLY A 53 -11.70 1.15 4.51
CA GLY A 53 -12.71 0.06 4.30
C GLY A 53 -12.57 -0.49 2.89
N GLN A 54 -12.02 0.26 1.98
CA GLN A 54 -11.86 -0.23 0.59
C GLN A 54 -10.65 -1.16 0.51
N GLU A 55 -10.52 -1.88 -0.57
CA GLU A 55 -9.36 -2.81 -0.71
C GLU A 55 -8.72 -2.62 -2.09
N VAL A 56 -7.44 -2.79 -2.20
CA VAL A 56 -6.78 -2.62 -3.54
C VAL A 56 -5.64 -3.63 -3.68
N PRO A 57 -5.50 -4.16 -4.88
CA PRO A 57 -4.44 -5.13 -5.18
C PRO A 57 -3.11 -4.42 -5.41
N VAL A 58 -2.09 -4.82 -4.70
CA VAL A 58 -0.76 -4.16 -4.87
C VAL A 58 0.33 -5.23 -5.03
N LYS A 59 1.56 -4.83 -5.01
CA LYS A 59 2.68 -5.82 -5.15
C LYS A 59 3.75 -5.54 -4.11
N VAL A 60 4.12 -6.52 -3.34
CA VAL A 60 5.16 -6.31 -2.30
C VAL A 60 6.40 -5.70 -2.97
N LEU A 61 6.48 -4.40 -3.03
CA LEU A 61 7.64 -3.75 -3.66
C LEU A 61 8.93 -4.17 -2.95
N GLU A 62 8.79 -4.66 -1.74
CA GLU A 62 9.98 -5.11 -0.93
C GLU A 62 10.44 -3.99 0.00
N VAL A 63 11.63 -4.08 0.51
CA VAL A 63 12.14 -3.03 1.43
C VAL A 63 13.64 -2.81 1.16
N ASP A 64 14.10 -1.60 1.33
CA ASP A 64 15.55 -1.32 1.09
C ASP A 64 16.13 -0.61 2.32
N ARG A 65 17.14 0.20 2.12
CA ARG A 65 17.74 0.91 3.28
C ARG A 65 16.64 1.61 4.06
N GLN A 66 15.89 2.47 3.41
CA GLN A 66 14.78 3.17 4.11
C GLN A 66 13.46 2.81 3.43
N GLY A 67 12.51 2.32 4.18
CA GLY A 67 11.20 1.94 3.59
C GLY A 67 10.67 0.69 4.27
N ARG A 68 9.69 0.83 5.11
CA ARG A 68 9.12 -0.35 5.83
C ARG A 68 8.01 -0.96 4.99
N ILE A 69 8.14 -2.20 4.61
CA ILE A 69 7.10 -2.86 3.79
C ILE A 69 6.65 -1.89 2.69
N ARG A 70 7.34 -1.84 1.59
CA ARG A 70 6.92 -0.91 0.51
C ARG A 70 5.96 -1.65 -0.43
N LEU A 71 4.71 -1.27 -0.44
CA LEU A 71 3.74 -1.95 -1.32
C LEU A 71 3.51 -1.10 -2.58
N SER A 72 3.20 -1.73 -3.67
CA SER A 72 2.97 -0.98 -4.93
C SER A 72 1.51 -1.13 -5.36
N ILE A 73 0.72 -0.10 -5.21
CA ILE A 73 -0.71 -0.19 -5.61
C ILE A 73 -0.80 -0.36 -7.12
N LYS A 74 -1.63 -1.26 -7.58
CA LYS A 74 -1.77 -1.46 -9.05
C LYS A 74 -2.67 -0.36 -9.63
N GLU A 75 -3.39 -0.65 -10.67
CA GLU A 75 -4.29 0.38 -11.28
C GLU A 75 -5.38 0.75 -10.27
N ALA A 76 -5.96 -0.22 -9.62
CA ALA A 76 -7.04 0.09 -8.64
C ALA A 76 -8.04 1.07 -9.25
N ALA A 1 2.62 -16.98 6.84
CA ALA A 1 2.47 -16.66 5.39
C ALA A 1 3.69 -15.85 4.93
N GLU A 2 4.05 -14.84 5.68
CA GLU A 2 5.22 -14.00 5.29
C GLU A 2 4.92 -13.31 3.96
N ILE A 3 5.87 -12.60 3.42
CA ILE A 3 5.62 -11.89 2.15
C ILE A 3 6.78 -12.10 1.19
N GLU A 4 6.51 -12.59 0.02
CA GLU A 4 7.58 -12.82 -0.98
C GLU A 4 7.59 -11.65 -1.97
N VAL A 5 8.75 -11.26 -2.44
CA VAL A 5 8.81 -10.12 -3.40
C VAL A 5 8.36 -10.59 -4.78
N GLY A 6 7.94 -9.68 -5.61
CA GLY A 6 7.48 -10.08 -6.97
C GLY A 6 6.08 -10.68 -6.87
N ARG A 7 5.52 -10.72 -5.69
CA ARG A 7 4.16 -11.31 -5.52
C ARG A 7 3.12 -10.19 -5.50
N VAL A 8 1.87 -10.53 -5.38
CA VAL A 8 0.80 -9.48 -5.35
C VAL A 8 0.06 -9.56 -4.01
N TYR A 9 -0.33 -8.44 -3.46
CA TYR A 9 -1.05 -8.47 -2.15
C TYR A 9 -2.26 -7.54 -2.16
N THR A 10 -3.39 -8.03 -1.77
CA THR A 10 -4.60 -7.17 -1.72
C THR A 10 -4.77 -6.70 -0.28
N GLY A 11 -4.59 -5.44 -0.03
CA GLY A 11 -4.71 -4.95 1.37
C GLY A 11 -5.91 -4.03 1.52
N LYS A 12 -6.47 -3.99 2.70
CA LYS A 12 -7.64 -3.10 2.94
C LYS A 12 -7.11 -1.75 3.39
N VAL A 13 -7.91 -0.72 3.32
CA VAL A 13 -7.43 0.61 3.76
C VAL A 13 -7.70 0.74 5.25
N THR A 14 -6.71 0.49 6.06
CA THR A 14 -6.92 0.57 7.54
C THR A 14 -6.31 1.85 8.09
N ARG A 15 -5.64 2.62 7.27
CA ARG A 15 -5.02 3.88 7.79
C ARG A 15 -4.65 4.82 6.63
N ILE A 16 -4.60 6.10 6.90
CA ILE A 16 -4.23 7.09 5.85
C ILE A 16 -3.41 8.19 6.51
N VAL A 17 -2.59 8.88 5.78
CA VAL A 17 -1.76 9.94 6.43
C VAL A 17 -1.76 11.22 5.55
N ASP A 18 -1.54 12.35 6.14
CA ASP A 18 -1.52 13.60 5.34
C ASP A 18 -0.42 13.52 4.28
N PHE A 19 0.72 12.97 4.65
CA PHE A 19 1.85 12.86 3.67
C PHE A 19 1.76 11.52 2.93
N GLY A 20 0.61 10.92 2.85
CA GLY A 20 0.51 9.61 2.14
C GLY A 20 -0.70 8.80 2.63
N ALA A 21 -0.59 7.50 2.60
CA ALA A 21 -1.72 6.64 3.05
C ALA A 21 -1.17 5.31 3.54
N PHE A 22 -1.79 4.71 4.52
CA PHE A 22 -1.32 3.41 5.05
C PHE A 22 -2.31 2.31 4.66
N VAL A 23 -1.87 1.08 4.58
CA VAL A 23 -2.80 -0.02 4.21
C VAL A 23 -2.43 -1.28 4.99
N ALA A 24 -3.27 -2.28 4.98
CA ALA A 24 -2.96 -3.53 5.74
C ALA A 24 -3.32 -4.77 4.93
N ILE A 25 -2.62 -5.86 5.15
CA ILE A 25 -2.91 -7.12 4.42
C ILE A 25 -3.24 -8.22 5.42
N GLY A 26 -4.46 -8.66 5.47
CA GLY A 26 -4.82 -9.74 6.44
C GLY A 26 -5.02 -9.14 7.83
N GLY A 27 -3.95 -8.99 8.58
CA GLY A 27 -4.09 -8.41 9.94
C GLY A 27 -2.72 -8.33 10.62
N GLY A 28 -1.89 -9.32 10.42
CA GLY A 28 -0.54 -9.31 11.06
C GLY A 28 0.41 -8.43 10.24
N LYS A 29 0.40 -8.58 8.95
CA LYS A 29 1.29 -7.75 8.09
C LYS A 29 0.49 -6.60 7.50
N GLU A 30 1.13 -5.48 7.23
CA GLU A 30 0.36 -4.34 6.66
C GLU A 30 1.08 -3.74 5.45
N GLY A 31 0.34 -3.10 4.59
CA GLY A 31 0.95 -2.47 3.38
C GLY A 31 0.95 -0.95 3.59
N LEU A 32 1.35 -0.20 2.61
CA LEU A 32 1.35 1.28 2.79
C LEU A 32 1.11 2.00 1.47
N VAL A 33 0.10 2.83 1.41
CA VAL A 33 -0.15 3.61 0.18
C VAL A 33 0.41 5.02 0.38
N HIS A 34 1.71 5.13 0.54
CA HIS A 34 2.30 6.47 0.76
C HIS A 34 1.75 7.43 -0.31
N ILE A 35 1.86 8.70 -0.09
CA ILE A 35 1.34 9.69 -1.09
C ILE A 35 1.91 9.39 -2.48
N SER A 36 3.20 9.28 -2.60
CA SER A 36 3.81 9.01 -3.94
C SER A 36 3.72 7.51 -4.28
N GLN A 37 2.70 6.82 -3.84
CA GLN A 37 2.59 5.37 -4.16
C GLN A 37 1.15 5.02 -4.52
N ILE A 38 0.53 5.78 -5.39
CA ILE A 38 -0.88 5.47 -5.76
C ILE A 38 -0.97 5.18 -7.27
N ALA A 39 -1.38 6.15 -8.03
CA ALA A 39 -1.51 5.96 -9.49
C ALA A 39 -0.27 6.51 -10.19
N ASP A 40 -0.43 7.14 -11.33
CA ASP A 40 0.76 7.70 -12.02
C ASP A 40 1.65 8.41 -11.01
N LYS A 41 1.10 9.38 -10.31
CA LYS A 41 1.91 10.11 -9.30
C LYS A 41 1.09 11.27 -8.76
N ARG A 42 0.22 11.82 -9.56
CA ARG A 42 -0.62 12.96 -9.09
C ARG A 42 -1.23 12.65 -7.72
N VAL A 43 -2.44 12.16 -7.69
CA VAL A 43 -3.10 11.86 -6.38
C VAL A 43 -2.79 12.99 -5.40
N GLU A 44 -2.99 14.22 -5.81
CA GLU A 44 -2.71 15.38 -4.92
C GLU A 44 -3.20 15.06 -3.50
N LYS A 45 -4.23 14.26 -3.39
CA LYS A 45 -4.75 13.92 -2.04
C LYS A 45 -4.72 12.39 -1.87
N VAL A 46 -4.17 11.91 -0.79
CA VAL A 46 -4.12 10.42 -0.59
C VAL A 46 -5.49 9.95 -0.11
N THR A 47 -6.26 10.82 0.48
CA THR A 47 -7.61 10.42 0.97
C THR A 47 -8.57 10.34 -0.23
N ASP A 48 -8.07 10.54 -1.43
CA ASP A 48 -8.96 10.47 -2.63
C ASP A 48 -8.78 9.10 -3.27
N TYR A 49 -7.58 8.59 -3.28
CA TYR A 49 -7.34 7.26 -3.89
C TYR A 49 -7.52 6.18 -2.81
N LEU A 50 -7.20 6.51 -1.60
CA LEU A 50 -7.34 5.51 -0.49
C LEU A 50 -8.64 5.79 0.26
N GLN A 51 -9.33 4.76 0.64
CA GLN A 51 -10.61 4.95 1.38
C GLN A 51 -10.68 3.97 2.55
N MET A 52 -10.62 4.46 3.76
CA MET A 52 -10.67 3.56 4.94
C MET A 52 -11.89 2.62 4.83
N GLY A 53 -11.70 1.44 4.31
CA GLY A 53 -12.85 0.48 4.21
C GLY A 53 -12.74 -0.32 2.91
N GLN A 54 -12.34 0.30 1.83
CA GLN A 54 -12.24 -0.44 0.54
C GLN A 54 -10.98 -1.31 0.54
N GLU A 55 -10.85 -2.18 -0.43
CA GLU A 55 -9.65 -3.05 -0.50
C GLU A 55 -8.95 -2.85 -1.85
N VAL A 56 -7.69 -2.52 -1.84
CA VAL A 56 -6.97 -2.31 -3.13
C VAL A 56 -5.84 -3.33 -3.27
N PRO A 57 -5.64 -3.80 -4.49
CA PRO A 57 -4.60 -4.78 -4.81
C PRO A 57 -3.25 -4.08 -4.94
N VAL A 58 -2.17 -4.78 -4.70
CA VAL A 58 -0.83 -4.15 -4.82
C VAL A 58 0.21 -5.21 -5.22
N LYS A 59 1.47 -4.85 -5.18
CA LYS A 59 2.52 -5.83 -5.55
C LYS A 59 3.72 -5.68 -4.61
N VAL A 60 4.11 -6.75 -3.97
CA VAL A 60 5.28 -6.68 -3.04
C VAL A 60 6.46 -6.06 -3.79
N LEU A 61 6.60 -4.76 -3.74
CA LEU A 61 7.71 -4.10 -4.44
C LEU A 61 9.04 -4.55 -3.83
N GLU A 62 9.04 -4.85 -2.55
CA GLU A 62 10.30 -5.29 -1.89
C GLU A 62 10.21 -5.08 -0.38
N VAL A 63 11.33 -5.19 0.29
CA VAL A 63 11.36 -4.99 1.77
C VAL A 63 12.69 -4.34 2.16
N ASP A 64 12.66 -3.36 3.02
CA ASP A 64 13.93 -2.70 3.43
C ASP A 64 14.58 -3.47 4.57
N ARG A 65 15.65 -2.96 5.12
CA ARG A 65 16.33 -3.66 6.24
C ARG A 65 15.51 -3.54 7.52
N GLN A 66 14.50 -2.70 7.51
CA GLN A 66 13.67 -2.53 8.74
C GLN A 66 12.51 -3.53 8.72
N GLY A 67 12.58 -4.50 7.84
CA GLY A 67 11.48 -5.51 7.77
C GLY A 67 10.16 -4.82 7.44
N ARG A 68 10.22 -3.74 6.71
CA ARG A 68 8.96 -3.03 6.34
C ARG A 68 8.44 -3.60 5.02
N ILE A 69 7.15 -3.77 4.92
CA ILE A 69 6.58 -4.33 3.66
C ILE A 69 6.42 -3.22 2.61
N ARG A 70 7.25 -3.22 1.60
CA ARG A 70 7.14 -2.17 0.55
C ARG A 70 6.19 -2.67 -0.54
N LEU A 71 4.92 -2.36 -0.42
CA LEU A 71 3.94 -2.82 -1.43
C LEU A 71 3.81 -1.78 -2.55
N SER A 72 3.30 -2.18 -3.68
CA SER A 72 3.14 -1.22 -4.81
C SER A 72 1.69 -1.19 -5.28
N ILE A 73 1.04 -0.06 -5.15
CA ILE A 73 -0.39 0.03 -5.60
C ILE A 73 -0.50 -0.61 -7.00
N LYS A 74 -1.50 -1.43 -7.21
CA LYS A 74 -1.66 -2.09 -8.54
C LYS A 74 -2.16 -1.08 -9.57
N GLU A 75 -2.86 -0.09 -9.12
CA GLU A 75 -3.38 0.94 -10.08
C GLU A 75 -2.27 1.95 -10.39
N ALA A 76 -1.07 1.69 -9.94
CA ALA A 76 0.06 2.62 -10.21
C ALA A 76 0.55 2.43 -11.64
N ALA A 1 1.53 -20.67 3.11
CA ALA A 1 2.37 -21.15 4.24
C ALA A 1 3.48 -20.13 4.51
N GLU A 2 4.39 -19.99 3.58
CA GLU A 2 5.51 -19.02 3.78
C GLU A 2 5.41 -17.90 2.77
N ILE A 3 4.59 -16.93 3.06
CA ILE A 3 4.43 -15.78 2.14
C ILE A 3 5.81 -15.36 1.60
N GLU A 4 5.90 -14.95 0.37
CA GLU A 4 7.23 -14.56 -0.18
C GLU A 4 7.11 -13.24 -0.96
N VAL A 5 8.22 -12.65 -1.31
CA VAL A 5 8.19 -11.36 -2.07
C VAL A 5 7.86 -11.66 -3.53
N GLY A 6 7.55 -10.64 -4.30
CA GLY A 6 7.21 -10.87 -5.73
C GLY A 6 5.77 -11.33 -5.83
N ARG A 7 5.06 -11.33 -4.73
CA ARG A 7 3.63 -11.78 -4.73
C ARG A 7 2.71 -10.55 -4.71
N VAL A 8 1.50 -10.69 -5.18
CA VAL A 8 0.56 -9.53 -5.17
C VAL A 8 -0.19 -9.53 -3.84
N TYR A 9 -0.06 -8.47 -3.08
CA TYR A 9 -0.76 -8.42 -1.76
C TYR A 9 -1.95 -7.47 -1.84
N THR A 10 -3.11 -7.92 -1.41
CA THR A 10 -4.29 -7.04 -1.44
C THR A 10 -4.19 -6.05 -0.27
N GLY A 11 -3.82 -4.84 -0.55
CA GLY A 11 -3.68 -3.84 0.54
C GLY A 11 -5.04 -3.26 0.93
N LYS A 12 -5.47 -3.50 2.13
CA LYS A 12 -6.78 -2.95 2.58
C LYS A 12 -6.52 -1.58 3.17
N VAL A 13 -7.47 -0.69 3.09
CA VAL A 13 -7.24 0.67 3.64
C VAL A 13 -7.62 0.68 5.11
N THR A 14 -6.64 0.72 5.97
CA THR A 14 -6.92 0.71 7.42
C THR A 14 -6.49 2.05 8.03
N ARG A 15 -5.56 2.72 7.41
CA ARG A 15 -5.10 4.04 7.95
C ARG A 15 -4.77 4.99 6.79
N ILE A 16 -4.90 6.27 7.02
CA ILE A 16 -4.58 7.27 5.95
C ILE A 16 -3.87 8.45 6.60
N VAL A 17 -3.06 9.17 5.86
CA VAL A 17 -2.34 10.32 6.49
C VAL A 17 -2.41 11.56 5.59
N ASP A 18 -2.31 12.72 6.17
CA ASP A 18 -2.37 13.96 5.34
C ASP A 18 -1.24 13.93 4.30
N PHE A 19 -0.05 13.53 4.70
CA PHE A 19 1.09 13.48 3.74
C PHE A 19 1.15 12.12 3.06
N GLY A 20 0.05 11.42 2.93
CA GLY A 20 0.11 10.07 2.29
C GLY A 20 -1.04 9.19 2.76
N ALA A 21 -0.85 7.90 2.74
CA ALA A 21 -1.92 6.97 3.18
C ALA A 21 -1.28 5.71 3.75
N PHE A 22 -1.87 5.15 4.77
CA PHE A 22 -1.31 3.91 5.37
C PHE A 22 -2.17 2.74 4.93
N VAL A 23 -1.67 1.53 5.01
CA VAL A 23 -2.48 0.37 4.56
C VAL A 23 -2.09 -0.89 5.35
N ALA A 24 -2.96 -1.87 5.37
CA ALA A 24 -2.65 -3.13 6.11
C ALA A 24 -3.11 -4.33 5.27
N ILE A 25 -2.36 -5.41 5.29
CA ILE A 25 -2.78 -6.60 4.48
C ILE A 25 -3.46 -7.61 5.40
N GLY A 26 -2.99 -7.72 6.61
CA GLY A 26 -3.60 -8.68 7.57
C GLY A 26 -2.79 -9.98 7.56
N GLY A 27 -2.91 -10.78 8.58
CA GLY A 27 -2.15 -12.05 8.62
C GLY A 27 -0.81 -11.81 9.29
N GLY A 28 -0.42 -10.58 9.46
CA GLY A 28 0.89 -10.28 10.11
C GLY A 28 1.72 -9.37 9.19
N LYS A 29 1.14 -8.34 8.66
CA LYS A 29 1.92 -7.42 7.77
C LYS A 29 1.02 -6.27 7.29
N GLU A 30 1.61 -5.13 7.05
CA GLU A 30 0.80 -3.98 6.59
C GLU A 30 1.51 -3.26 5.43
N GLY A 31 0.76 -2.55 4.63
CA GLY A 31 1.37 -1.82 3.49
C GLY A 31 1.25 -0.33 3.76
N LEU A 32 1.78 0.49 2.89
CA LEU A 32 1.66 1.96 3.12
C LEU A 32 1.42 2.67 1.79
N VAL A 33 0.32 3.35 1.66
CA VAL A 33 0.06 4.09 0.41
C VAL A 33 0.55 5.53 0.60
N HIS A 34 1.81 5.71 0.83
CA HIS A 34 2.32 7.08 1.04
C HIS A 34 1.78 7.98 -0.09
N ILE A 35 1.70 9.26 0.14
CA ILE A 35 1.16 10.20 -0.88
C ILE A 35 1.78 9.90 -2.26
N SER A 36 3.07 9.86 -2.36
CA SER A 36 3.71 9.60 -3.69
C SER A 36 3.72 8.09 -3.98
N GLN A 37 2.67 7.38 -3.68
CA GLN A 37 2.66 5.91 -3.96
C GLN A 37 1.23 5.43 -4.25
N ILE A 38 0.61 5.93 -5.28
CA ILE A 38 -0.78 5.46 -5.58
C ILE A 38 -0.87 5.06 -7.06
N ALA A 39 -1.31 5.95 -7.89
CA ALA A 39 -1.45 5.64 -9.33
C ALA A 39 -0.63 6.62 -10.16
N ASP A 40 -0.91 6.74 -11.43
CA ASP A 40 -0.16 7.69 -12.29
C ASP A 40 -0.33 9.11 -11.75
N LYS A 41 -1.54 9.60 -11.71
CA LYS A 41 -1.76 10.98 -11.20
C LYS A 41 -1.00 11.15 -9.88
N ARG A 42 -0.63 12.36 -9.55
CA ARG A 42 0.12 12.60 -8.29
C ARG A 42 -0.79 12.33 -7.09
N VAL A 43 -2.05 12.05 -7.32
CA VAL A 43 -2.98 11.79 -6.18
C VAL A 43 -2.81 12.89 -5.13
N GLU A 44 -2.89 14.13 -5.55
CA GLU A 44 -2.73 15.26 -4.60
C GLU A 44 -3.45 14.93 -3.29
N LYS A 45 -4.53 14.19 -3.38
CA LYS A 45 -5.29 13.84 -2.14
C LYS A 45 -5.15 12.34 -1.87
N VAL A 46 -4.59 11.98 -0.76
CA VAL A 46 -4.44 10.53 -0.45
C VAL A 46 -5.80 9.98 -0.03
N THR A 47 -6.64 10.83 0.50
CA THR A 47 -8.00 10.37 0.91
C THR A 47 -8.89 10.26 -0.32
N ASP A 48 -8.33 10.47 -1.50
CA ASP A 48 -9.15 10.35 -2.74
C ASP A 48 -8.92 8.97 -3.34
N TYR A 49 -7.71 8.48 -3.26
CA TYR A 49 -7.42 7.14 -3.82
C TYR A 49 -7.64 6.09 -2.73
N LEU A 50 -7.36 6.43 -1.50
CA LEU A 50 -7.56 5.45 -0.40
C LEU A 50 -8.73 5.88 0.49
N GLN A 51 -9.43 4.92 1.03
CA GLN A 51 -10.58 5.24 1.92
C GLN A 51 -10.74 4.12 2.95
N MET A 52 -11.17 4.45 4.14
CA MET A 52 -11.32 3.40 5.18
C MET A 52 -12.43 2.41 4.76
N GLY A 53 -12.08 1.40 4.02
CA GLY A 53 -13.11 0.41 3.59
C GLY A 53 -12.77 -0.10 2.18
N GLN A 54 -11.99 0.64 1.45
CA GLN A 54 -11.63 0.21 0.06
C GLN A 54 -10.50 -0.82 0.13
N GLU A 55 -10.22 -1.46 -0.97
CA GLU A 55 -9.13 -2.47 -1.01
C GLU A 55 -8.42 -2.42 -2.36
N VAL A 56 -7.16 -2.08 -2.37
CA VAL A 56 -6.42 -2.00 -3.67
C VAL A 56 -5.34 -3.07 -3.69
N PRO A 57 -5.14 -3.66 -4.85
CA PRO A 57 -4.14 -4.72 -5.05
C PRO A 57 -2.74 -4.10 -5.19
N VAL A 58 -1.75 -4.74 -4.64
CA VAL A 58 -0.37 -4.19 -4.74
C VAL A 58 0.61 -5.33 -5.02
N LYS A 59 1.85 -5.01 -5.24
CA LYS A 59 2.85 -6.07 -5.51
C LYS A 59 4.03 -5.92 -4.54
N VAL A 60 4.19 -6.85 -3.64
CA VAL A 60 5.31 -6.76 -2.67
C VAL A 60 6.61 -6.59 -3.43
N LEU A 61 6.99 -5.37 -3.69
CA LEU A 61 8.23 -5.12 -4.44
C LEU A 61 9.45 -5.54 -3.60
N GLU A 62 9.32 -5.52 -2.30
CA GLU A 62 10.47 -5.94 -1.43
C GLU A 62 10.27 -5.41 -0.01
N VAL A 63 10.75 -6.12 0.97
CA VAL A 63 10.62 -5.65 2.38
C VAL A 63 11.81 -6.17 3.20
N ASP A 64 11.60 -7.15 4.05
CA ASP A 64 12.73 -7.70 4.87
C ASP A 64 13.60 -6.56 5.41
N ARG A 65 14.75 -6.89 5.96
CA ARG A 65 15.65 -5.85 6.51
C ARG A 65 15.89 -4.76 5.46
N GLN A 66 16.24 -5.16 4.27
CA GLN A 66 16.49 -4.16 3.19
C GLN A 66 15.18 -3.92 2.43
N GLY A 67 14.21 -3.32 3.07
CA GLY A 67 12.91 -3.06 2.38
C GLY A 67 11.85 -2.71 3.42
N ARG A 68 11.54 -1.46 3.56
CA ARG A 68 10.52 -1.05 4.56
C ARG A 68 9.12 -1.06 3.91
N ILE A 69 8.50 -2.20 3.87
CA ILE A 69 7.14 -2.28 3.25
C ILE A 69 7.16 -1.65 1.86
N ARG A 70 7.87 -2.23 0.93
CA ARG A 70 7.89 -1.66 -0.44
C ARG A 70 6.76 -2.29 -1.25
N LEU A 71 5.57 -1.83 -1.07
CA LEU A 71 4.42 -2.42 -1.83
C LEU A 71 4.25 -1.65 -3.14
N SER A 72 3.85 -2.33 -4.17
CA SER A 72 3.70 -1.66 -5.49
C SER A 72 2.20 -1.50 -5.83
N ILE A 73 1.65 -0.34 -5.60
CA ILE A 73 0.21 -0.12 -5.91
C ILE A 73 -0.07 -0.55 -7.36
N LYS A 74 -1.17 -1.23 -7.59
CA LYS A 74 -1.50 -1.68 -8.98
C LYS A 74 -1.09 -0.62 -10.00
N GLU A 75 -0.68 -1.03 -11.17
CA GLU A 75 -0.26 -0.05 -12.20
C GLU A 75 0.84 0.85 -11.63
N ALA A 76 1.60 0.34 -10.70
CA ALA A 76 2.69 1.16 -10.09
C ALA A 76 3.81 1.35 -11.12
N ALA A 1 4.63 -19.57 9.50
CA ALA A 1 4.89 -19.62 8.03
C ALA A 1 5.36 -18.24 7.56
N GLU A 2 5.08 -17.91 6.33
CA GLU A 2 5.52 -16.58 5.81
C GLU A 2 5.11 -16.44 4.34
N ILE A 3 5.62 -15.44 3.67
CA ILE A 3 5.26 -15.25 2.24
C ILE A 3 6.55 -15.11 1.42
N GLU A 4 6.42 -14.61 0.22
CA GLU A 4 7.62 -14.43 -0.65
C GLU A 4 7.44 -13.16 -1.46
N VAL A 5 8.53 -12.52 -1.84
CA VAL A 5 8.40 -11.27 -2.64
C VAL A 5 8.15 -11.61 -4.11
N GLY A 6 7.70 -10.66 -4.87
CA GLY A 6 7.43 -10.92 -6.31
C GLY A 6 5.95 -11.26 -6.50
N ARG A 7 5.17 -11.19 -5.46
CA ARG A 7 3.72 -11.51 -5.59
C ARG A 7 2.89 -10.24 -5.41
N VAL A 8 1.61 -10.33 -5.66
CA VAL A 8 0.72 -9.14 -5.50
C VAL A 8 0.05 -9.23 -4.12
N TYR A 9 -0.11 -8.13 -3.45
CA TYR A 9 -0.75 -8.19 -2.11
C TYR A 9 -2.00 -7.31 -2.07
N THR A 10 -3.10 -7.88 -1.66
CA THR A 10 -4.36 -7.09 -1.57
C THR A 10 -4.51 -6.62 -0.13
N GLY A 11 -4.35 -5.35 0.11
CA GLY A 11 -4.47 -4.85 1.52
C GLY A 11 -5.72 -4.00 1.68
N LYS A 12 -6.28 -3.99 2.85
CA LYS A 12 -7.50 -3.17 3.10
C LYS A 12 -7.05 -1.79 3.56
N VAL A 13 -7.90 -0.82 3.52
CA VAL A 13 -7.49 0.54 3.97
C VAL A 13 -7.77 0.66 5.45
N THR A 14 -6.75 0.58 6.27
CA THR A 14 -6.96 0.67 7.72
C THR A 14 -6.45 2.02 8.23
N ARG A 15 -5.73 2.75 7.42
CA ARG A 15 -5.21 4.07 7.88
C ARG A 15 -4.86 4.96 6.69
N ILE A 16 -4.90 6.25 6.86
CA ILE A 16 -4.55 7.19 5.75
C ILE A 16 -3.73 8.35 6.34
N VAL A 17 -2.96 9.02 5.54
CA VAL A 17 -2.15 10.15 6.10
C VAL A 17 -2.18 11.35 5.15
N ASP A 18 -2.00 12.54 5.66
CA ASP A 18 -2.01 13.74 4.77
C ASP A 18 -0.89 13.60 3.74
N PHE A 19 0.26 13.13 4.15
CA PHE A 19 1.41 12.98 3.21
C PHE A 19 1.37 11.60 2.55
N GLY A 20 0.23 10.96 2.49
CA GLY A 20 0.19 9.60 1.86
C GLY A 20 -1.00 8.80 2.38
N ALA A 21 -0.89 7.49 2.37
CA ALA A 21 -2.00 6.63 2.85
C ALA A 21 -1.42 5.34 3.43
N PHE A 22 -2.02 4.82 4.45
CA PHE A 22 -1.51 3.57 5.07
C PHE A 22 -2.44 2.41 4.71
N VAL A 23 -1.92 1.23 4.53
CA VAL A 23 -2.77 0.07 4.18
C VAL A 23 -2.38 -1.14 5.04
N ALA A 24 -3.18 -2.19 5.07
CA ALA A 24 -2.84 -3.36 5.91
C ALA A 24 -3.09 -4.67 5.14
N ILE A 25 -2.17 -5.61 5.21
CA ILE A 25 -2.37 -6.91 4.50
C ILE A 25 -2.52 -8.02 5.54
N GLY A 26 -3.73 -8.35 5.91
CA GLY A 26 -3.93 -9.42 6.93
C GLY A 26 -3.08 -10.65 6.55
N GLY A 27 -2.20 -11.06 7.42
CA GLY A 27 -1.35 -12.24 7.12
C GLY A 27 0.03 -11.78 6.66
N GLY A 28 0.83 -11.27 7.56
CA GLY A 28 2.20 -10.81 7.17
C GLY A 28 2.50 -9.47 7.83
N LYS A 29 1.68 -8.48 7.60
CA LYS A 29 1.93 -7.15 8.22
C LYS A 29 1.01 -6.11 7.57
N GLU A 30 1.38 -4.86 7.59
CA GLU A 30 0.51 -3.83 6.98
C GLU A 30 1.18 -3.27 5.72
N GLY A 31 0.38 -2.85 4.77
CA GLY A 31 0.95 -2.27 3.52
C GLY A 31 0.92 -0.74 3.65
N LEU A 32 1.29 -0.02 2.63
CA LEU A 32 1.26 1.46 2.75
C LEU A 32 1.01 2.13 1.41
N VAL A 33 -0.04 2.89 1.30
CA VAL A 33 -0.30 3.62 0.04
C VAL A 33 0.29 5.02 0.19
N HIS A 34 1.58 5.12 0.37
CA HIS A 34 2.19 6.46 0.52
C HIS A 34 1.69 7.37 -0.60
N ILE A 35 1.65 8.65 -0.37
CA ILE A 35 1.18 9.60 -1.41
C ILE A 35 1.84 9.28 -2.75
N SER A 36 3.13 9.12 -2.76
CA SER A 36 3.84 8.81 -4.04
C SER A 36 3.74 7.32 -4.36
N GLN A 37 2.61 6.71 -4.13
CA GLN A 37 2.47 5.25 -4.42
C GLN A 37 1.04 4.95 -4.84
N ILE A 38 0.39 5.88 -5.49
CA ILE A 38 -1.02 5.64 -5.92
C ILE A 38 -1.09 5.54 -7.44
N ALA A 39 -1.46 6.61 -8.10
CA ALA A 39 -1.56 6.57 -9.59
C ALA A 39 -0.36 7.30 -10.19
N ASP A 40 -0.28 7.35 -11.49
CA ASP A 40 0.86 8.07 -12.15
C ASP A 40 1.13 9.38 -11.40
N LYS A 41 0.13 10.21 -11.27
CA LYS A 41 0.35 11.50 -10.56
C LYS A 41 0.64 11.21 -9.08
N ARG A 42 1.06 12.21 -8.35
CA ARG A 42 1.37 11.99 -6.90
C ARG A 42 0.07 11.99 -6.08
N VAL A 43 -1.04 12.23 -6.72
CA VAL A 43 -2.33 12.23 -5.97
C VAL A 43 -2.32 13.36 -4.94
N GLU A 44 -2.62 14.55 -5.36
CA GLU A 44 -2.65 15.70 -4.41
C GLU A 44 -3.47 15.32 -3.18
N LYS A 45 -4.34 14.37 -3.31
CA LYS A 45 -5.18 13.96 -2.14
C LYS A 45 -5.12 12.44 -1.96
N VAL A 46 -4.53 11.98 -0.89
CA VAL A 46 -4.46 10.50 -0.66
C VAL A 46 -5.82 10.00 -0.18
N THR A 47 -6.58 10.86 0.44
CA THR A 47 -7.92 10.46 0.94
C THR A 47 -8.89 10.39 -0.25
N ASP A 48 -8.41 10.60 -1.45
CA ASP A 48 -9.30 10.55 -2.64
C ASP A 48 -9.05 9.23 -3.37
N TYR A 49 -7.84 8.74 -3.28
CA TYR A 49 -7.52 7.46 -3.95
C TYR A 49 -7.76 6.30 -2.97
N LEU A 50 -7.57 6.54 -1.70
CA LEU A 50 -7.81 5.46 -0.71
C LEU A 50 -9.07 5.77 0.09
N GLN A 51 -9.70 4.76 0.62
CA GLN A 51 -10.93 4.99 1.43
C GLN A 51 -10.92 4.03 2.62
N MET A 52 -11.29 4.49 3.78
CA MET A 52 -11.29 3.60 4.97
C MET A 52 -12.28 2.44 4.77
N GLY A 53 -11.79 1.24 4.65
CA GLY A 53 -12.70 0.07 4.45
C GLY A 53 -12.58 -0.44 3.02
N GLN A 54 -12.13 0.38 2.11
CA GLN A 54 -12.00 -0.07 0.69
C GLN A 54 -10.88 -1.10 0.58
N GLU A 55 -10.85 -1.83 -0.50
CA GLU A 55 -9.78 -2.85 -0.69
C GLU A 55 -8.91 -2.45 -1.89
N VAL A 56 -7.62 -2.65 -1.81
CA VAL A 56 -6.75 -2.26 -2.95
C VAL A 56 -5.61 -3.26 -3.12
N PRO A 57 -5.42 -3.72 -4.34
CA PRO A 57 -4.36 -4.69 -4.67
C PRO A 57 -3.02 -3.95 -4.83
N VAL A 58 -1.93 -4.62 -4.61
CA VAL A 58 -0.61 -3.95 -4.75
C VAL A 58 0.45 -4.97 -5.17
N LYS A 59 1.69 -4.59 -5.14
CA LYS A 59 2.78 -5.52 -5.52
C LYS A 59 3.93 -5.41 -4.51
N VAL A 60 4.50 -6.51 -4.12
CA VAL A 60 5.62 -6.45 -3.14
C VAL A 60 6.87 -5.93 -3.85
N LEU A 61 6.98 -4.63 -3.94
CA LEU A 61 8.16 -4.04 -4.62
C LEU A 61 9.44 -4.48 -3.91
N GLU A 62 9.36 -4.75 -2.64
CA GLU A 62 10.58 -5.19 -1.90
C GLU A 62 10.38 -5.05 -0.39
N VAL A 63 10.82 -6.02 0.37
CA VAL A 63 10.67 -5.94 1.85
C VAL A 63 11.83 -6.71 2.52
N ASP A 64 11.58 -7.87 3.07
CA ASP A 64 12.66 -8.66 3.72
C ASP A 64 13.57 -7.73 4.53
N ARG A 65 14.76 -8.19 4.85
CA ARG A 65 15.71 -7.36 5.63
C ARG A 65 15.75 -5.94 5.07
N GLN A 66 16.23 -5.78 3.86
CA GLN A 66 16.28 -4.42 3.26
C GLN A 66 14.97 -4.15 2.52
N GLY A 67 14.00 -3.61 3.19
CA GLY A 67 12.70 -3.33 2.53
C GLY A 67 11.65 -3.09 3.61
N ARG A 68 11.29 -1.86 3.84
CA ARG A 68 10.28 -1.55 4.88
C ARG A 68 8.88 -1.60 4.25
N ILE A 69 8.42 -2.78 3.94
CA ILE A 69 7.07 -2.92 3.33
C ILE A 69 6.98 -2.02 2.09
N ARG A 70 7.70 -2.34 1.05
CA ARG A 70 7.63 -1.52 -0.18
C ARG A 70 6.52 -2.05 -1.08
N LEU A 71 5.30 -1.74 -0.77
CA LEU A 71 4.16 -2.24 -1.60
C LEU A 71 3.89 -1.25 -2.73
N SER A 72 3.31 -1.71 -3.80
CA SER A 72 3.03 -0.80 -4.95
C SER A 72 1.57 -0.96 -5.38
N ILE A 73 0.80 0.10 -5.28
CA ILE A 73 -0.62 0.01 -5.70
C ILE A 73 -0.70 -0.46 -7.15
N LYS A 74 -1.55 -1.42 -7.42
CA LYS A 74 -1.67 -1.94 -8.82
C LYS A 74 -1.66 -0.80 -9.82
N GLU A 75 -2.20 0.31 -9.43
CA GLU A 75 -2.23 1.48 -10.35
C GLU A 75 -0.96 2.30 -10.14
N ALA A 76 0.15 1.64 -9.99
CA ALA A 76 1.44 2.38 -9.78
C ALA A 76 2.39 2.07 -10.93
N ALA A 1 -1.37 -20.59 0.81
CA ALA A 1 0.10 -20.83 0.92
C ALA A 1 0.70 -19.84 1.91
N GLU A 2 1.88 -20.12 2.41
CA GLU A 2 2.52 -19.19 3.38
C GLU A 2 2.69 -17.82 2.74
N ILE A 3 2.62 -17.76 1.45
CA ILE A 3 2.77 -16.46 0.75
C ILE A 3 4.15 -15.87 1.09
N GLU A 4 4.72 -15.10 0.21
CA GLU A 4 6.05 -14.50 0.49
C GLU A 4 6.18 -13.16 -0.25
N VAL A 5 7.35 -12.60 -0.27
CA VAL A 5 7.53 -11.30 -0.99
C VAL A 5 7.72 -11.57 -2.49
N GLY A 6 7.53 -10.57 -3.31
CA GLY A 6 7.70 -10.76 -4.77
C GLY A 6 6.37 -11.19 -5.41
N ARG A 7 5.29 -11.06 -4.70
CA ARG A 7 3.97 -11.47 -5.28
C ARG A 7 3.01 -10.29 -5.21
N VAL A 8 1.77 -10.51 -5.59
CA VAL A 8 0.77 -9.41 -5.53
C VAL A 8 0.12 -9.45 -4.15
N TYR A 9 -0.04 -8.32 -3.53
CA TYR A 9 -0.66 -8.31 -2.17
C TYR A 9 -1.90 -7.42 -2.16
N THR A 10 -2.95 -7.87 -1.53
CA THR A 10 -4.17 -7.04 -1.44
C THR A 10 -4.07 -6.20 -0.17
N GLY A 11 -3.75 -4.96 -0.30
CA GLY A 11 -3.58 -4.10 0.90
C GLY A 11 -4.94 -3.64 1.43
N LYS A 12 -5.19 -3.84 2.69
CA LYS A 12 -6.48 -3.38 3.26
C LYS A 12 -6.29 -1.95 3.75
N VAL A 13 -7.29 -1.13 3.70
CA VAL A 13 -7.08 0.26 4.14
C VAL A 13 -7.30 0.33 5.65
N THR A 14 -6.24 0.41 6.39
CA THR A 14 -6.35 0.46 7.88
C THR A 14 -5.94 1.84 8.38
N ARG A 15 -5.40 2.68 7.53
CA ARG A 15 -4.99 4.04 8.00
C ARG A 15 -4.70 4.94 6.79
N ILE A 16 -4.77 6.24 6.98
CA ILE A 16 -4.48 7.18 5.87
C ILE A 16 -3.77 8.40 6.46
N VAL A 17 -2.98 9.10 5.69
CA VAL A 17 -2.27 10.28 6.26
C VAL A 17 -2.40 11.48 5.29
N ASP A 18 -2.29 12.68 5.79
CA ASP A 18 -2.39 13.87 4.90
C ASP A 18 -1.31 13.80 3.83
N PHE A 19 -0.11 13.41 4.21
CA PHE A 19 1.01 13.32 3.23
C PHE A 19 1.07 11.92 2.62
N GLY A 20 -0.02 11.20 2.58
CA GLY A 20 0.03 9.84 2.00
C GLY A 20 -1.11 8.96 2.52
N ALA A 21 -0.91 7.68 2.56
CA ALA A 21 -1.97 6.76 3.06
C ALA A 21 -1.32 5.50 3.64
N PHE A 22 -1.87 4.95 4.67
CA PHE A 22 -1.29 3.73 5.28
C PHE A 22 -2.14 2.53 4.91
N VAL A 23 -1.55 1.36 4.86
CA VAL A 23 -2.32 0.14 4.50
C VAL A 23 -1.78 -1.06 5.29
N ALA A 24 -2.53 -2.14 5.37
CA ALA A 24 -2.05 -3.32 6.14
C ALA A 24 -2.30 -4.61 5.33
N ILE A 25 -1.32 -5.46 5.21
CA ILE A 25 -1.51 -6.73 4.45
C ILE A 25 -1.37 -7.91 5.41
N GLY A 26 -2.43 -8.28 6.07
CA GLY A 26 -2.35 -9.43 7.02
C GLY A 26 -1.55 -10.56 6.40
N GLY A 27 -0.91 -11.37 7.21
CA GLY A 27 -0.10 -12.49 6.66
C GLY A 27 1.25 -11.97 6.17
N GLY A 28 1.93 -11.21 7.00
CA GLY A 28 3.26 -10.68 6.57
C GLY A 28 3.54 -9.38 7.32
N LYS A 29 2.90 -8.29 6.95
CA LYS A 29 3.14 -7.00 7.64
C LYS A 29 2.13 -5.96 7.15
N GLU A 30 2.41 -4.70 7.34
CA GLU A 30 1.45 -3.68 6.88
C GLU A 30 1.98 -2.99 5.62
N GLY A 31 1.11 -2.57 4.75
CA GLY A 31 1.56 -1.89 3.51
C GLY A 31 1.43 -0.38 3.71
N LEU A 32 1.77 0.40 2.74
CA LEU A 32 1.64 1.87 2.92
C LEU A 32 1.36 2.56 1.59
N VAL A 33 0.23 3.19 1.45
CA VAL A 33 -0.07 3.91 0.20
C VAL A 33 0.43 5.35 0.38
N HIS A 34 1.70 5.53 0.60
CA HIS A 34 2.22 6.90 0.79
C HIS A 34 1.72 7.78 -0.37
N ILE A 35 1.66 9.05 -0.17
CA ILE A 35 1.18 9.97 -1.25
C ILE A 35 1.91 9.65 -2.56
N SER A 36 3.21 9.51 -2.50
CA SER A 36 3.98 9.22 -3.74
C SER A 36 3.93 7.72 -4.06
N GLN A 37 2.80 7.08 -3.88
CA GLN A 37 2.72 5.62 -4.19
C GLN A 37 1.31 5.26 -4.63
N ILE A 38 0.69 6.06 -5.46
CA ILE A 38 -0.69 5.74 -5.92
C ILE A 38 -0.70 5.60 -7.44
N ALA A 39 -1.12 6.63 -8.12
CA ALA A 39 -1.16 6.56 -9.61
C ALA A 39 -0.12 7.51 -10.21
N ASP A 40 0.36 7.22 -11.39
CA ASP A 40 1.37 8.11 -12.01
C ASP A 40 0.95 9.56 -11.83
N LYS A 41 -0.30 9.86 -12.07
CA LYS A 41 -0.79 11.25 -11.91
C LYS A 41 -0.76 11.63 -10.43
N ARG A 42 -0.05 12.67 -10.08
CA ARG A 42 0.02 13.09 -8.66
C ARG A 42 -1.36 12.97 -8.01
N VAL A 43 -1.45 12.27 -6.92
CA VAL A 43 -2.77 12.13 -6.24
C VAL A 43 -2.94 13.30 -5.26
N GLU A 44 -3.42 14.41 -5.75
CA GLU A 44 -3.62 15.59 -4.88
C GLU A 44 -4.26 15.18 -3.55
N LYS A 45 -4.91 14.05 -3.51
CA LYS A 45 -5.56 13.62 -2.24
C LYS A 45 -5.36 12.12 -2.02
N VAL A 46 -4.68 11.75 -0.97
CA VAL A 46 -4.46 10.28 -0.70
C VAL A 46 -5.79 9.68 -0.23
N THR A 47 -6.62 10.47 0.37
CA THR A 47 -7.93 9.94 0.85
C THR A 47 -8.86 9.77 -0.36
N ASP A 48 -8.39 10.07 -1.54
CA ASP A 48 -9.26 9.93 -2.75
C ASP A 48 -8.95 8.59 -3.43
N TYR A 49 -7.71 8.18 -3.40
CA TYR A 49 -7.33 6.89 -4.03
C TYR A 49 -7.42 5.80 -2.97
N LEU A 50 -7.23 6.16 -1.73
CA LEU A 50 -7.32 5.17 -0.62
C LEU A 50 -8.64 5.35 0.11
N GLN A 51 -9.28 4.27 0.49
CA GLN A 51 -10.58 4.40 1.20
C GLN A 51 -10.57 3.50 2.44
N MET A 52 -10.83 4.07 3.59
CA MET A 52 -10.85 3.27 4.83
C MET A 52 -11.88 2.14 4.71
N GLY A 53 -11.49 0.94 5.02
CA GLY A 53 -12.45 -0.20 4.94
C GLY A 53 -12.33 -0.89 3.57
N GLN A 54 -12.00 -0.15 2.54
CA GLN A 54 -11.88 -0.75 1.19
C GLN A 54 -10.55 -1.50 1.07
N GLU A 55 -10.24 -1.97 -0.10
CA GLU A 55 -8.96 -2.71 -0.30
C GLU A 55 -8.41 -2.37 -1.69
N VAL A 56 -7.12 -2.53 -1.87
CA VAL A 56 -6.52 -2.21 -3.19
C VAL A 56 -5.47 -3.26 -3.55
N PRO A 57 -5.43 -3.62 -4.80
CA PRO A 57 -4.47 -4.61 -5.31
C PRO A 57 -3.10 -3.97 -5.52
N VAL A 58 -2.06 -4.56 -5.00
CA VAL A 58 -0.72 -3.96 -5.17
C VAL A 58 0.34 -5.06 -5.38
N LYS A 59 1.59 -4.69 -5.33
CA LYS A 59 2.67 -5.69 -5.52
C LYS A 59 3.74 -5.45 -4.46
N VAL A 60 4.10 -6.47 -3.72
CA VAL A 60 5.14 -6.28 -2.67
C VAL A 60 6.37 -5.63 -3.28
N LEU A 61 6.50 -4.34 -3.16
CA LEU A 61 7.67 -3.66 -3.74
C LEU A 61 8.92 -4.09 -2.98
N GLU A 62 8.73 -4.66 -1.81
CA GLU A 62 9.88 -5.15 -0.97
C GLU A 62 10.31 -4.05 -0.01
N VAL A 63 11.44 -4.23 0.63
CA VAL A 63 11.93 -3.22 1.60
C VAL A 63 13.43 -3.02 1.42
N ASP A 64 13.95 -1.92 1.87
CA ASP A 64 15.41 -1.66 1.72
C ASP A 64 16.14 -2.21 2.95
N ARG A 65 17.35 -1.76 3.19
CA ARG A 65 18.12 -2.24 4.37
C ARG A 65 17.69 -1.49 5.62
N GLN A 66 16.41 -1.24 5.79
CA GLN A 66 15.95 -0.50 7.01
C GLN A 66 14.82 -1.28 7.68
N GLY A 67 13.82 -1.66 6.93
CA GLY A 67 12.68 -2.42 7.53
C GLY A 67 11.36 -1.71 7.21
N ARG A 68 11.30 -0.97 6.13
CA ARG A 68 10.04 -0.27 5.78
C ARG A 68 9.32 -1.05 4.67
N ILE A 69 8.12 -1.50 4.92
CA ILE A 69 7.37 -2.27 3.90
C ILE A 69 7.04 -1.37 2.71
N ARG A 70 7.52 -1.70 1.55
CA ARG A 70 7.22 -0.86 0.35
C ARG A 70 6.19 -1.57 -0.53
N LEU A 71 5.03 -1.01 -0.68
CA LEU A 71 3.98 -1.65 -1.51
C LEU A 71 3.83 -0.89 -2.83
N SER A 72 3.51 -1.57 -3.88
CA SER A 72 3.35 -0.88 -5.20
C SER A 72 1.88 -0.92 -5.62
N ILE A 73 1.20 0.19 -5.54
CA ILE A 73 -0.24 0.22 -5.94
C ILE A 73 -0.38 -0.37 -7.35
N LYS A 74 -1.46 -1.08 -7.59
CA LYS A 74 -1.67 -1.68 -8.95
C LYS A 74 -1.49 -0.62 -10.03
N GLU A 75 -1.71 -0.99 -11.26
CA GLU A 75 -1.57 0.00 -12.37
C GLU A 75 -2.22 1.32 -11.96
N ALA A 76 -3.36 1.27 -11.33
CA ALA A 76 -4.04 2.52 -10.92
C ALA A 76 -3.10 3.33 -10.02
N ALA A 1 6.00 -18.18 7.73
CA ALA A 1 6.11 -17.80 6.30
C ALA A 1 4.73 -17.85 5.65
N GLU A 2 4.66 -17.67 4.35
CA GLU A 2 3.35 -17.70 3.66
C GLU A 2 3.50 -17.11 2.27
N ILE A 3 4.31 -16.11 2.15
CA ILE A 3 4.50 -15.48 0.83
C ILE A 3 5.85 -14.77 0.80
N GLU A 4 6.42 -14.60 -0.37
CA GLU A 4 7.73 -13.92 -0.46
C GLU A 4 7.61 -12.70 -1.36
N VAL A 5 8.63 -11.87 -1.41
CA VAL A 5 8.57 -10.66 -2.27
C VAL A 5 8.45 -11.09 -3.74
N GLY A 6 8.05 -10.18 -4.59
CA GLY A 6 7.90 -10.53 -6.03
C GLY A 6 6.49 -11.06 -6.27
N ARG A 7 5.65 -11.04 -5.27
CA ARG A 7 4.26 -11.55 -5.44
C ARG A 7 3.27 -10.39 -5.32
N VAL A 8 2.01 -10.66 -5.52
CA VAL A 8 0.98 -9.59 -5.41
C VAL A 8 0.21 -9.74 -4.10
N TYR A 9 0.09 -8.69 -3.33
CA TYR A 9 -0.65 -8.80 -2.04
C TYR A 9 -2.01 -8.12 -2.17
N THR A 10 -2.72 -8.04 -1.07
CA THR A 10 -4.05 -7.38 -1.07
C THR A 10 -4.24 -6.74 0.30
N GLY A 11 -4.23 -5.44 0.38
CA GLY A 11 -4.36 -4.80 1.71
C GLY A 11 -5.58 -3.88 1.75
N LYS A 12 -6.24 -3.85 2.87
CA LYS A 12 -7.43 -2.97 3.02
C LYS A 12 -6.95 -1.62 3.56
N VAL A 13 -7.76 -0.62 3.50
CA VAL A 13 -7.32 0.70 4.03
C VAL A 13 -7.67 0.76 5.51
N THR A 14 -6.70 0.58 6.35
CA THR A 14 -6.98 0.62 7.81
C THR A 14 -6.54 1.97 8.38
N ARG A 15 -5.88 2.78 7.60
CA ARG A 15 -5.42 4.11 8.09
C ARG A 15 -4.96 4.99 6.92
N ILE A 16 -5.15 6.27 7.01
CA ILE A 16 -4.71 7.19 5.91
C ILE A 16 -3.92 8.34 6.54
N VAL A 17 -3.17 9.08 5.78
CA VAL A 17 -2.39 10.20 6.39
C VAL A 17 -2.43 11.43 5.48
N ASP A 18 -2.27 12.60 6.04
CA ASP A 18 -2.29 13.85 5.21
C ASP A 18 -1.18 13.78 4.15
N PHE A 19 0.00 13.34 4.52
CA PHE A 19 1.12 13.26 3.54
C PHE A 19 1.16 11.88 2.89
N GLY A 20 0.05 11.18 2.82
CA GLY A 20 0.09 9.83 2.20
C GLY A 20 -1.08 8.97 2.68
N ALA A 21 -0.94 7.67 2.64
CA ALA A 21 -2.03 6.77 3.10
C ALA A 21 -1.41 5.49 3.66
N PHE A 22 -2.02 4.93 4.65
CA PHE A 22 -1.50 3.67 5.24
C PHE A 22 -2.39 2.51 4.82
N VAL A 23 -1.89 1.30 4.85
CA VAL A 23 -2.73 0.14 4.44
C VAL A 23 -2.33 -1.10 5.25
N ALA A 24 -3.13 -2.13 5.21
CA ALA A 24 -2.80 -3.36 5.97
C ALA A 24 -3.11 -4.59 5.11
N ILE A 25 -2.32 -5.64 5.21
CA ILE A 25 -2.63 -6.86 4.40
C ILE A 25 -3.24 -7.92 5.30
N GLY A 26 -3.02 -7.79 6.59
CA GLY A 26 -3.60 -8.79 7.55
C GLY A 26 -3.09 -10.19 7.22
N GLY A 27 -2.83 -10.97 8.22
CA GLY A 27 -2.33 -12.36 7.99
C GLY A 27 -0.82 -12.33 7.74
N GLY A 28 -0.16 -11.26 8.05
CA GLY A 28 1.31 -11.20 7.83
C GLY A 28 1.86 -9.84 8.26
N LYS A 29 1.29 -8.77 7.76
CA LYS A 29 1.80 -7.42 8.15
C LYS A 29 0.88 -6.34 7.57
N GLU A 30 1.36 -5.12 7.50
CA GLU A 30 0.52 -4.03 6.94
C GLU A 30 1.23 -3.36 5.76
N GLY A 31 0.47 -2.80 4.87
CA GLY A 31 1.08 -2.12 3.69
C GLY A 31 1.01 -0.61 3.90
N LEU A 32 1.41 0.17 2.93
CA LEU A 32 1.34 1.64 3.11
C LEU A 32 1.14 2.33 1.77
N VAL A 33 0.08 3.06 1.62
CA VAL A 33 -0.14 3.79 0.35
C VAL A 33 0.35 5.23 0.55
N HIS A 34 1.61 5.42 0.80
CA HIS A 34 2.11 6.80 1.00
C HIS A 34 1.59 7.68 -0.14
N ILE A 35 1.60 8.97 0.02
CA ILE A 35 1.09 9.88 -1.05
C ILE A 35 1.81 9.60 -2.37
N SER A 36 3.11 9.47 -2.34
CA SER A 36 3.86 9.22 -3.61
C SER A 36 3.78 7.74 -4.00
N GLN A 37 2.78 7.03 -3.55
CA GLN A 37 2.66 5.59 -3.92
C GLN A 37 1.19 5.26 -4.23
N ILE A 38 0.64 5.85 -5.26
CA ILE A 38 -0.78 5.56 -5.59
C ILE A 38 -0.90 5.20 -7.07
N ALA A 39 -1.19 6.15 -7.90
CA ALA A 39 -1.33 5.87 -9.36
C ALA A 39 -0.24 6.60 -10.14
N ASP A 40 -0.37 6.65 -11.44
CA ASP A 40 0.66 7.35 -12.27
C ASP A 40 0.64 8.83 -11.96
N LYS A 41 -0.49 9.47 -12.14
CA LYS A 41 -0.59 10.93 -11.86
C LYS A 41 -0.40 11.16 -10.36
N ARG A 42 0.52 12.00 -9.99
CA ARG A 42 0.75 12.27 -8.55
C ARG A 42 -0.61 12.44 -7.86
N VAL A 43 -0.80 11.81 -6.73
CA VAL A 43 -2.09 11.93 -6.02
C VAL A 43 -1.96 12.99 -4.93
N GLU A 44 -2.10 14.24 -5.28
CA GLU A 44 -1.99 15.33 -4.27
C GLU A 44 -2.96 15.04 -3.12
N LYS A 45 -3.93 14.21 -3.37
CA LYS A 45 -4.92 13.89 -2.30
C LYS A 45 -4.93 12.38 -2.02
N VAL A 46 -4.40 11.99 -0.90
CA VAL A 46 -4.37 10.53 -0.57
C VAL A 46 -5.77 10.09 -0.13
N THR A 47 -6.55 11.00 0.36
CA THR A 47 -7.93 10.62 0.81
C THR A 47 -8.84 10.49 -0.41
N ASP A 48 -8.30 10.59 -1.60
CA ASP A 48 -9.13 10.46 -2.82
C ASP A 48 -8.89 9.08 -3.44
N TYR A 49 -7.67 8.63 -3.40
CA TYR A 49 -7.36 7.29 -3.97
C TYR A 49 -7.53 6.24 -2.88
N LEU A 50 -7.16 6.56 -1.67
CA LEU A 50 -7.30 5.58 -0.57
C LEU A 50 -8.59 5.86 0.19
N GLN A 51 -9.32 4.84 0.51
CA GLN A 51 -10.60 5.02 1.24
C GLN A 51 -10.64 4.09 2.45
N MET A 52 -11.00 4.60 3.59
CA MET A 52 -11.05 3.75 4.82
C MET A 52 -11.99 2.56 4.57
N GLY A 53 -11.46 1.37 4.54
CA GLY A 53 -12.33 0.18 4.31
C GLY A 53 -12.11 -0.34 2.89
N GLN A 54 -11.86 0.54 1.95
CA GLN A 54 -11.65 0.10 0.54
C GLN A 54 -10.54 -0.96 0.48
N GLU A 55 -10.69 -1.93 -0.38
CA GLU A 55 -9.64 -2.98 -0.50
C GLU A 55 -8.83 -2.72 -1.78
N VAL A 56 -7.53 -2.70 -1.68
CA VAL A 56 -6.70 -2.44 -2.89
C VAL A 56 -5.56 -3.47 -2.99
N PRO A 57 -5.37 -4.01 -4.17
CA PRO A 57 -4.32 -4.99 -4.43
C PRO A 57 -2.99 -4.28 -4.67
N VAL A 58 -1.91 -4.86 -4.21
CA VAL A 58 -0.58 -4.20 -4.42
C VAL A 58 0.43 -5.26 -4.88
N LYS A 59 1.66 -4.87 -5.07
CA LYS A 59 2.69 -5.85 -5.51
C LYS A 59 3.93 -5.70 -4.63
N VAL A 60 4.21 -6.68 -3.81
CA VAL A 60 5.41 -6.59 -2.92
C VAL A 60 6.62 -6.21 -3.76
N LEU A 61 6.88 -4.94 -3.90
CA LEU A 61 8.04 -4.49 -4.71
C LEU A 61 9.32 -4.57 -3.87
N GLU A 62 9.19 -4.56 -2.58
CA GLU A 62 10.42 -4.63 -1.73
C GLU A 62 10.02 -4.59 -0.24
N VAL A 63 10.24 -5.66 0.47
CA VAL A 63 9.87 -5.67 1.91
C VAL A 63 10.87 -6.54 2.69
N ASP A 64 10.97 -7.80 2.35
CA ASP A 64 11.92 -8.69 3.06
C ASP A 64 13.35 -8.13 2.95
N ARG A 65 13.56 -7.22 2.04
CA ARG A 65 14.92 -6.64 1.88
C ARG A 65 15.31 -5.88 3.15
N GLN A 66 14.65 -4.80 3.43
CA GLN A 66 14.97 -4.03 4.67
C GLN A 66 13.72 -3.90 5.52
N GLY A 67 12.59 -3.69 4.91
CA GLY A 67 11.33 -3.56 5.70
C GLY A 67 10.77 -2.15 5.55
N ARG A 68 10.99 -1.52 4.41
CA ARG A 68 10.47 -0.15 4.22
C ARG A 68 9.12 -0.22 3.49
N ILE A 69 8.36 -1.24 3.79
CA ILE A 69 7.02 -1.42 3.14
C ILE A 69 7.02 -0.87 1.72
N ARG A 70 7.60 -1.60 0.79
CA ARG A 70 7.62 -1.11 -0.62
C ARG A 70 6.54 -1.86 -1.40
N LEU A 71 5.29 -1.54 -1.17
CA LEU A 71 4.20 -2.23 -1.90
C LEU A 71 3.88 -1.46 -3.18
N SER A 72 3.50 -2.17 -4.22
CA SER A 72 3.18 -1.49 -5.49
C SER A 72 1.66 -1.35 -5.64
N ILE A 73 1.15 -0.15 -5.56
CA ILE A 73 -0.32 0.05 -5.68
C ILE A 73 -0.79 -0.38 -7.07
N LYS A 74 -1.78 -1.23 -7.13
CA LYS A 74 -2.29 -1.68 -8.46
C LYS A 74 -2.85 -0.48 -9.22
N GLU A 75 -3.68 -0.72 -10.21
CA GLU A 75 -4.25 0.40 -11.00
C GLU A 75 -3.18 1.45 -11.26
N ALA A 76 -1.96 1.03 -11.40
CA ALA A 76 -0.85 1.99 -11.65
C ALA A 76 0.04 1.48 -12.78
#